data_9DMS
#
_entry.id   9DMS
#
_cell.length_a   1.00
_cell.length_b   1.00
_cell.length_c   1.00
_cell.angle_alpha   90.00
_cell.angle_beta   90.00
_cell.angle_gamma   90.00
#
_symmetry.space_group_name_H-M   'P 1'
#
loop_
_entity.id
_entity.type
_entity.pdbx_description
1 polymer 'Acetylcholine receptor subunit alpha'
2 polymer 'Acetylcholine receptor subunit beta'
3 polymer 'Acetylcholine receptor subunit delta'
4 polymer 'Acetylcholine receptor subunit epsilon'
5 polymer 'Fab6 heavy chain'
6 polymer 'Fab6 light chain'
7 branched alpha-D-mannopyranose-(1-3)-[alpha-D-mannopyranose-(1-6)]beta-D-mannopyranose-(1-4)-2-acetamido-2-deoxy-beta-D-glucopyranose-(1-4)-2-acetamido-2-deoxy-beta-D-glucopyranose
8 branched alpha-D-mannopyranose-(1-3)-[beta-D-mannopyranose-(1-6)]beta-D-mannopyranose-(1-4)-2-acetamido-2-deoxy-beta-D-glucopyranose-(1-4)-2-acetamido-2-deoxy-beta-D-glucopyranose
9 non-polymer CHOLESTEROL
10 non-polymer '(2S)-3-(hexadecanoyloxy)-2-[(9Z)-octadec-9-enoyloxy]propyl 2-(trimethylammonio)ethyl phosphate'
11 non-polymer 2-acetamido-2-deoxy-beta-D-glucopyranose
12 water water
#
loop_
_entity_poly.entity_id
_entity_poly.type
_entity_poly.pdbx_seq_one_letter_code
_entity_poly.pdbx_strand_id
1 'polypeptide(L)'
;MEPWPLLLLFSLCSAGLVLGSEHETRLVAKLFKDYSSVVRPVEDHRQVVEVTVGLQLIQLINVDEVNQIVTTNVRLKQQW
VDYNLKWNPDDYGGVKKIHIPSEKIWRPDLVLYNNADGDFAIVKFTKVLLQYTGHITWTPPAIFKSYCEIIVTHFPFDEQ
NCSMKLGTWTYDGSVVAINPESDQPDLSNFMESGEWVIKESRGWKHSVTYSCCPDTPYLDITYHFVMQRLPLYFIVNVII
PCLLFSFLTGLVFYLPTDSGEKMTLSISVLLSLTVFLLVIVELIPSTSSAVPLIGKYMLFTMVFVIASIIITVIVINTHH
RSPSTHVMPNWVRKVFIDTIPNIMFFSTMKRPSREKQDKKIFTEDIDISDISGKPGPPPMGFHSPLIKHPEVKSAIEGIK
YIAETMKSDQESNNAAAEWKYVAMVMDHILLGVFMLVCIIGTLAVFAGRLIELNQQG
;
A,C
2 'polypeptide(L)'
;MTPGALLMLLGALGAPLAPGVRGSEAEGRLREKLFSGYDSSVRPAREVGDRVRVSVGLILAQLISLNEKDEEMSTKVYLD
LEWTDYRLSWDPAEHDGIDSLRITAESVWLPDVVLLNNNDGNFDVALDISVVVSSDGSVRWQPPGIYRSSCSIQVTYFPF
DWQNCTMVFSSYSYDSSEVSLQTGLGPDGQGHQEIHIHEGTFIENGQWEIIHKPSRLIQPPGDPRGGREGQRQEVIFYLI
IRRKPLFYLVNVIAPCILITLLAIFVFYLPPDAGEKMGLSIFALLTLTVFLLLLADKVPETSLSVPIIIKYLMFTMVLVT
FSVILSVVVLNLHHRSPHTHQMPLWVRQIFIHKLPLYLRLKRPKPERDLMPEPPHCSSPGSGWGRGTDEYFIRKPPSDFL
FPKPNRFQPELSAPDLRRFIDGPNRAVALLPELREVVSSISYIARQLQEQEDHDALKEDWQFVAMVVDRLFLWTFIIFTS
VGTLVIFLDATYHLPPPDPFPSR
;
E
3 'polypeptide(L)'
;MEGPVLTLGLLAALAVCGSWGLNEEERLIRHLFQEKGYNKELRPVAHKEESVDVALALTLSNLISLKEVEETLTTNVWIE
HGWTDNRLKWNAEEFGNISVLRLPPDMVWLPEIVLENNNDGSFQISYSCNVLVYHYGFVYWLPPAIFRSSCPISVTYFPF
DWQNCSLKFSSLKYTAKEITLSLKQDAKENRTYPVEWIIIDPEGFTENGEWEIVHRPARVNVDPRAPLDSPSRQDITFYL
IIRRKPLFYIINILVPCVLISFMVNLVFYLPADSGEKTSVAISVLLAQSVFLLLISKRLPATSMAIPLIGKFLLFGMVLV
TMVVVICVIVLNIHFRTPSTHVLSEGVKKLFLETLPELLHMSRPAEDGPSPGALVRRSSSLGYISKAEEYFLLKSRSDLM
FEKQSERHGLARRLTTARRPPASSEQAQQELFNELKPAVDGANFIVNHMRDQNNYNEEKDSWNRVARTVDRLCLFVVTPV
MVVGTAWIFLQGVYNQPPPQPFPGDPYSYNVQDKRFI
;
D
4 'polypeptide(L)'
;MARAPLGVLLLLGLLGRGVGKNEELRLYHHLFNNYDPGSRPVREPEDTVTISLKVTLTNLISLNEKEETLTTSVWIGIDW
QDYRLNYSKDDFGGIETLRVPSELVWLPEIVLENNIDGQFGVAYDANVLVYEGGSVTWLPPAIYRSVCAVEVTYFPFDWQ
NCSLIFRSQTYNAEEVEFTFAVDNDGKTINKIDIDTEAYTENGEWAIDFCPGVIRRHHGGATDGPGETDVIYSLIIRRKP
LFYVINIIVPCVLISGLVLLAYFLPAQAGGQKCTVSINVLLAQTVFLFLIAQKIPETSLSVPLLGRFLIFVMVVATLIVM
NCVIVLNVSQRTPTTHAMSPRLRHVLLELLPRLLGSPPPPEAPRAASPPRRASSVGLLLRAEELILKKPRSELVFEGQRH
RQGTWTAAFCQSLGAAAPEVRCCVDAVNFVAESTRDQEATGEEVSDWVRMGNALDNICFWAALVLFSVGSSLIFLGAYFN
RVPDLPYAPCIQP
;
B
5 'polypeptide(L)'
;MDSKGSSQKGSRLLLLLVVSNLLLCQGVVSAEVQLLESGGGLVQPGGSLRLSCAASGFTFSDYAMNWVRQAPGRGLEWVS
SFSNSGGTTYYTDSVKGRFTISRDYSRNTLYLQMNNLRAEDTAVYYCAKALTRFYGGNIYNFDFWGQGTLVTVSSASTKG
PSVFPLAPSSKSTSGGTAALGCLVKDYFPEPVTVSWNSGALTSGVHTFPAVLQSSGLYSLSSVVTVPSSSLGTQTYICNV
NHKPSNTKVDKKVEPKSCGSDYKDHDGDYKDHDIDYKDDDDKHHHHHHHH
;
F
6 'polypeptide(L)'
;MGWSCIILFLVATATGVHSSYELTQPPSVSVAPGQTARITCGGNNIGSKSVHWYQQKPGQAPVLVVYDNSDRPSGIPERL
SGSNSGNTATLTISGVEAGDEADYYCQVWDSNSDVVFGGGTKLTVLRTVAAPSVFIFPPSDEQLKSGTASVVCLLNNFYP
REAKVQWKVDNALQSGNSQESVTEQDSKDSTYSLSSTLTLSKADYEKHKVYACEVTHQGLSSPVTKSFNRGEC
;
G
#
# COMPACT_ATOMS: atom_id res chain seq x y z
N SER A 21 21.54 7.90 -38.28
CA SER A 21 20.87 9.11 -37.73
C SER A 21 20.07 9.84 -38.80
N GLU A 22 20.76 10.56 -39.68
CA GLU A 22 20.08 11.21 -40.80
C GLU A 22 19.38 10.18 -41.68
N HIS A 23 20.08 9.09 -42.03
CA HIS A 23 19.44 8.02 -42.78
C HIS A 23 18.32 7.39 -41.99
N GLU A 24 18.55 7.12 -40.70
CA GLU A 24 17.51 6.52 -39.88
C GLU A 24 16.37 7.49 -39.60
N THR A 25 16.68 8.79 -39.49
CA THR A 25 15.62 9.78 -39.32
C THR A 25 14.70 9.79 -40.54
N ARG A 26 15.30 9.79 -41.73
CA ARG A 26 14.52 9.74 -42.96
C ARG A 26 13.71 8.45 -43.04
N LEU A 27 14.33 7.33 -42.70
CA LEU A 27 13.65 6.04 -42.76
C LEU A 27 12.45 6.01 -41.82
N VAL A 28 12.63 6.46 -40.59
CA VAL A 28 11.55 6.41 -39.61
C VAL A 28 10.43 7.37 -40.02
N ALA A 29 10.79 8.52 -40.59
CA ALA A 29 9.76 9.44 -41.08
C ALA A 29 8.95 8.80 -42.19
N LYS A 30 9.61 8.13 -43.14
CA LYS A 30 8.89 7.57 -44.29
C LYS A 30 8.12 6.30 -43.94
N LEU A 31 8.58 5.53 -42.95
CA LEU A 31 7.93 4.26 -42.64
C LEU A 31 6.52 4.47 -42.10
N PHE A 32 6.31 5.51 -41.31
CA PHE A 32 5.06 5.72 -40.60
C PHE A 32 4.14 6.74 -41.28
N LYS A 33 4.36 7.03 -42.56
CA LYS A 33 3.56 8.03 -43.26
C LYS A 33 2.09 7.60 -43.32
N ASP A 34 1.81 6.52 -44.04
CA ASP A 34 0.47 5.97 -44.17
C ASP A 34 0.27 4.73 -43.31
N TYR A 35 1.06 4.59 -42.25
CA TYR A 35 0.98 3.41 -41.41
C TYR A 35 -0.25 3.47 -40.51
N SER A 36 -0.87 2.31 -40.32
CA SER A 36 -1.99 2.15 -39.41
C SER A 36 -1.66 1.05 -38.42
N SER A 37 -1.72 1.38 -37.13
CA SER A 37 -1.56 0.39 -36.07
C SER A 37 -2.87 -0.28 -35.70
N VAL A 38 -3.98 0.08 -36.34
CA VAL A 38 -5.27 -0.52 -36.03
C VAL A 38 -5.40 -1.89 -36.68
N VAL A 39 -5.23 -1.94 -38.00
CA VAL A 39 -5.45 -3.19 -38.73
C VAL A 39 -4.27 -4.12 -38.53
N ARG A 40 -4.52 -5.41 -38.77
CA ARG A 40 -3.45 -6.39 -38.64
C ARG A 40 -2.40 -6.15 -39.72
N PRO A 41 -1.12 -6.45 -39.44
CA PRO A 41 -0.08 -6.09 -40.42
C PRO A 41 0.17 -7.21 -41.44
N VAL A 42 -0.77 -7.37 -42.36
CA VAL A 42 -0.72 -8.41 -43.39
C VAL A 42 -1.02 -7.77 -44.74
N GLU A 43 -0.45 -8.37 -45.78
CA GLU A 43 -0.77 -7.96 -47.15
C GLU A 43 -2.24 -8.22 -47.47
N ASP A 44 -2.73 -9.40 -47.10
CA ASP A 44 -4.10 -9.82 -47.36
C ASP A 44 -4.77 -10.17 -46.05
N HIS A 45 -6.04 -9.76 -45.90
CA HIS A 45 -6.77 -10.01 -44.66
C HIS A 45 -7.00 -11.50 -44.41
N ARG A 46 -6.96 -12.33 -45.46
CA ARG A 46 -7.14 -13.76 -45.28
C ARG A 46 -5.91 -14.45 -44.71
N GLN A 47 -4.78 -13.75 -44.61
CA GLN A 47 -3.60 -14.31 -43.98
C GLN A 47 -3.71 -14.24 -42.46
N VAL A 48 -2.82 -14.98 -41.79
CA VAL A 48 -2.77 -15.06 -40.33
C VAL A 48 -1.43 -14.47 -39.89
N VAL A 49 -1.49 -13.62 -38.86
CA VAL A 49 -0.27 -13.07 -38.26
C VAL A 49 0.35 -14.15 -37.39
N GLU A 50 1.51 -14.65 -37.80
CA GLU A 50 2.22 -15.68 -37.05
C GLU A 50 3.08 -14.98 -36.01
N VAL A 51 2.80 -15.25 -34.74
CA VAL A 51 3.51 -14.67 -33.61
C VAL A 51 4.21 -15.80 -32.87
N THR A 52 5.51 -15.65 -32.67
CA THR A 52 6.28 -16.54 -31.80
C THR A 52 6.36 -15.92 -30.43
N VAL A 53 5.96 -16.68 -29.41
CA VAL A 53 5.90 -16.20 -28.03
C VAL A 53 6.83 -17.05 -27.19
N GLY A 54 7.74 -16.40 -26.48
CA GLY A 54 8.65 -17.06 -25.56
C GLY A 54 8.72 -16.34 -24.23
N LEU A 55 8.49 -17.09 -23.14
CA LEU A 55 8.52 -16.53 -21.81
C LEU A 55 9.90 -16.76 -21.19
N GLN A 56 10.49 -15.70 -20.65
CA GLN A 56 11.72 -15.77 -19.87
C GLN A 56 11.36 -15.43 -18.42
N LEU A 57 11.69 -16.33 -17.51
CA LEU A 57 11.43 -16.14 -16.08
C LEU A 57 12.70 -15.61 -15.43
N ILE A 58 12.65 -14.36 -14.99
CA ILE A 58 13.80 -13.75 -14.33
C ILE A 58 13.82 -14.05 -12.84
N GLN A 59 12.66 -14.08 -12.19
CA GLN A 59 12.61 -14.26 -10.72
C GLN A 59 11.26 -14.78 -10.24
N LEU A 60 11.25 -15.68 -9.27
CA LEU A 60 10.00 -16.14 -8.62
C LEU A 60 9.85 -15.20 -7.41
N ILE A 61 9.11 -14.12 -7.54
CA ILE A 61 9.02 -13.07 -6.49
C ILE A 61 8.33 -13.62 -5.25
N ASN A 62 7.18 -14.27 -5.35
CA ASN A 62 6.44 -14.71 -4.15
C ASN A 62 5.40 -15.77 -4.48
N VAL A 63 5.12 -16.66 -3.53
CA VAL A 63 4.02 -17.66 -3.67
C VAL A 63 3.09 -17.37 -2.50
N ASP A 64 2.00 -16.62 -2.73
CA ASP A 64 1.00 -16.29 -1.68
C ASP A 64 0.02 -17.45 -1.59
N GLU A 65 0.12 -18.29 -0.56
CA GLU A 65 -0.72 -19.48 -0.42
C GLU A 65 -2.15 -19.11 -0.06
N VAL A 66 -2.32 -18.09 0.78
CA VAL A 66 -3.66 -17.75 1.28
C VAL A 66 -4.54 -17.27 0.13
N ASN A 67 -4.06 -16.31 -0.65
CA ASN A 67 -4.80 -15.78 -1.78
C ASN A 67 -4.55 -16.54 -3.08
N GLN A 68 -3.68 -17.55 -3.05
CA GLN A 68 -3.42 -18.41 -4.21
C GLN A 68 -2.91 -17.59 -5.40
N ILE A 69 -1.91 -16.75 -5.17
CA ILE A 69 -1.34 -15.89 -6.25
C ILE A 69 0.18 -16.11 -6.28
N VAL A 70 0.74 -16.36 -7.47
CA VAL A 70 2.20 -16.49 -7.63
C VAL A 70 2.69 -15.25 -8.38
N THR A 71 3.55 -14.47 -7.75
CA THR A 71 4.12 -13.23 -8.37
C THR A 71 5.46 -13.62 -8.99
N THR A 72 5.69 -13.25 -10.24
CA THR A 72 6.94 -13.59 -10.98
C THR A 72 7.39 -12.39 -11.79
N ASN A 73 8.69 -12.24 -12.01
CA ASN A 73 9.24 -11.17 -12.88
C ASN A 73 9.52 -11.87 -14.21
N VAL A 74 8.97 -11.42 -15.33
CA VAL A 74 9.09 -12.09 -16.62
C VAL A 74 9.46 -11.11 -17.72
N ARG A 75 10.04 -11.65 -18.78
CA ARG A 75 10.19 -10.98 -20.07
C ARG A 75 9.38 -11.78 -21.09
N LEU A 76 8.49 -11.11 -21.81
CA LEU A 76 7.57 -11.78 -22.73
C LEU A 76 8.00 -11.50 -24.17
N LYS A 77 8.96 -12.29 -24.65
CA LYS A 77 9.50 -12.07 -25.99
C LYS A 77 8.44 -12.44 -27.03
N GLN A 78 8.13 -11.50 -27.91
CA GLN A 78 7.14 -11.67 -28.95
C GLN A 78 7.78 -11.30 -30.29
N GLN A 79 7.68 -12.20 -31.25
CA GLN A 79 8.30 -12.01 -32.56
C GLN A 79 7.22 -12.16 -33.63
N TRP A 80 7.19 -11.22 -34.57
CA TRP A 80 6.31 -11.37 -35.73
C TRP A 80 6.89 -10.55 -36.87
N VAL A 81 6.12 -10.44 -37.96
CA VAL A 81 6.55 -9.72 -39.15
C VAL A 81 5.48 -8.70 -39.50
N ASP A 82 5.87 -7.43 -39.56
CA ASP A 82 5.01 -6.37 -40.06
C ASP A 82 5.28 -6.20 -41.55
N TYR A 83 4.25 -6.46 -42.36
CA TYR A 83 4.45 -6.45 -43.82
C TYR A 83 4.84 -5.06 -44.31
N ASN A 84 4.27 -4.02 -43.73
CA ASN A 84 4.47 -2.66 -44.22
C ASN A 84 5.70 -1.97 -43.66
N LEU A 85 6.37 -2.54 -42.66
CA LEU A 85 7.59 -1.97 -42.10
C LEU A 85 8.83 -2.64 -42.68
N LYS A 86 9.00 -2.49 -43.99
CA LYS A 86 10.15 -3.02 -44.70
C LYS A 86 10.84 -1.90 -45.48
N TRP A 87 12.15 -2.06 -45.66
CA TRP A 87 12.93 -1.12 -46.45
C TRP A 87 14.14 -1.84 -47.01
N ASN A 88 14.73 -1.25 -48.05
CA ASN A 88 15.98 -1.73 -48.61
C ASN A 88 17.14 -0.99 -47.93
N PRO A 89 18.07 -1.69 -47.26
CA PRO A 89 19.17 -0.95 -46.59
C PRO A 89 20.01 -0.11 -47.53
N ASP A 90 20.18 -0.53 -48.79
CA ASP A 90 21.01 0.23 -49.72
C ASP A 90 20.50 1.63 -49.93
N ASP A 91 19.19 1.83 -49.83
CA ASP A 91 18.61 3.16 -49.98
C ASP A 91 18.75 4.04 -48.75
N TYR A 92 19.28 3.51 -47.64
CA TYR A 92 19.32 4.23 -46.37
C TYR A 92 20.68 4.05 -45.71
N GLY A 93 21.75 4.09 -46.51
CA GLY A 93 23.10 4.05 -45.97
C GLY A 93 23.47 2.74 -45.31
N GLY A 94 22.80 1.65 -45.65
CA GLY A 94 23.10 0.36 -45.07
C GLY A 94 22.46 0.08 -43.73
N VAL A 95 21.52 0.91 -43.28
CA VAL A 95 20.81 0.65 -42.03
C VAL A 95 20.00 -0.64 -42.19
N LYS A 96 20.30 -1.63 -41.35
CA LYS A 96 19.66 -2.94 -41.41
C LYS A 96 18.72 -3.23 -40.25
N LYS A 97 18.85 -2.51 -39.14
CA LYS A 97 17.96 -2.68 -38.00
C LYS A 97 17.86 -1.37 -37.26
N ILE A 98 16.72 -1.15 -36.62
CA ILE A 98 16.44 0.07 -35.87
C ILE A 98 15.64 -0.30 -34.62
N HIS A 99 15.54 0.66 -33.71
CA HIS A 99 14.71 0.55 -32.52
C HIS A 99 13.67 1.65 -32.57
N ILE A 100 12.40 1.27 -32.42
CA ILE A 100 11.30 2.25 -32.50
C ILE A 100 10.36 2.06 -31.31
N PRO A 101 9.63 3.10 -30.89
CA PRO A 101 8.68 2.91 -29.78
C PRO A 101 7.60 1.91 -30.14
N SER A 102 7.25 1.06 -29.16
CA SER A 102 6.27 0.02 -29.40
C SER A 102 4.85 0.58 -29.48
N GLU A 103 4.60 1.76 -28.91
CA GLU A 103 3.25 2.33 -28.96
C GLU A 103 2.84 2.75 -30.36
N LYS A 104 3.79 2.92 -31.28
CA LYS A 104 3.47 3.43 -32.61
C LYS A 104 2.96 2.35 -33.56
N ILE A 105 3.17 1.07 -33.26
CA ILE A 105 2.91 -0.02 -34.19
C ILE A 105 1.81 -0.92 -33.65
N TRP A 106 1.22 -1.69 -34.56
CA TRP A 106 0.35 -2.78 -34.17
C TRP A 106 1.14 -3.81 -33.37
N ARG A 107 0.52 -4.36 -32.34
CA ARG A 107 1.10 -5.40 -31.52
C ARG A 107 0.04 -6.46 -31.24
N PRO A 108 0.45 -7.69 -30.93
CA PRO A 108 -0.53 -8.64 -30.39
C PRO A 108 -0.94 -8.22 -28.98
N ASP A 109 -2.19 -8.49 -28.64
CA ASP A 109 -2.75 -8.10 -27.35
C ASP A 109 -2.73 -9.31 -26.40
N LEU A 110 -1.51 -9.77 -26.11
CA LEU A 110 -1.35 -10.89 -25.20
C LEU A 110 -1.82 -10.50 -23.81
N VAL A 111 -2.61 -11.38 -23.19
CA VAL A 111 -3.15 -11.17 -21.87
C VAL A 111 -2.90 -12.44 -21.06
N LEU A 112 -2.55 -12.25 -19.79
CA LEU A 112 -2.49 -13.32 -18.80
C LEU A 112 -3.92 -13.62 -18.36
N TYR A 113 -4.46 -14.74 -18.85
CA TYR A 113 -5.87 -15.03 -18.64
C TYR A 113 -6.19 -15.25 -17.16
N ASN A 114 -5.28 -15.90 -16.43
CA ASN A 114 -5.48 -16.20 -15.02
C ASN A 114 -4.81 -15.16 -14.12
N ASN A 115 -4.76 -13.91 -14.57
CA ASN A 115 -4.29 -12.81 -13.72
C ASN A 115 -5.16 -12.70 -12.48
N ALA A 116 -4.53 -12.52 -11.32
CA ALA A 116 -5.27 -12.49 -10.05
C ALA A 116 -5.60 -11.06 -9.65
N ASP A 117 -4.57 -10.25 -9.36
CA ASP A 117 -4.79 -8.83 -9.03
C ASP A 117 -3.69 -7.94 -9.60
N GLY A 118 -2.99 -8.39 -10.64
CA GLY A 118 -1.98 -7.58 -11.30
C GLY A 118 -2.52 -6.96 -12.57
N ASP A 119 -1.64 -6.72 -13.54
CA ASP A 119 -2.02 -6.21 -14.84
C ASP A 119 -2.37 -7.36 -15.77
N PHE A 120 -3.40 -7.16 -16.59
CA PHE A 120 -3.81 -8.20 -17.52
C PHE A 120 -2.89 -8.27 -18.73
N ALA A 121 -2.45 -7.12 -19.23
CA ALA A 121 -1.64 -7.02 -20.44
C ALA A 121 -0.31 -6.36 -20.12
N ILE A 122 0.54 -6.27 -21.14
CA ILE A 122 1.79 -5.55 -20.99
C ILE A 122 1.51 -4.07 -20.81
N VAL A 123 2.11 -3.48 -19.77
CA VAL A 123 2.00 -2.06 -19.50
C VAL A 123 3.32 -1.32 -19.69
N LYS A 124 4.46 -2.01 -19.71
CA LYS A 124 5.76 -1.40 -19.93
C LYS A 124 6.07 -1.49 -21.43
N PHE A 125 5.90 -0.38 -22.13
CA PHE A 125 6.00 -0.36 -23.59
C PHE A 125 7.43 0.01 -23.98
N THR A 126 8.31 -0.99 -23.90
CA THR A 126 9.69 -0.86 -24.30
C THR A 126 9.81 -0.85 -25.82
N LYS A 127 10.97 -0.42 -26.31
CA LYS A 127 11.19 -0.30 -27.74
C LYS A 127 11.20 -1.67 -28.42
N VAL A 128 10.75 -1.69 -29.67
CA VAL A 128 10.82 -2.88 -30.52
C VAL A 128 12.03 -2.77 -31.42
N LEU A 129 12.70 -3.89 -31.62
CA LEU A 129 13.77 -4.01 -32.61
C LEU A 129 13.16 -4.43 -33.94
N LEU A 130 13.29 -3.57 -34.95
CA LEU A 130 12.74 -3.79 -36.28
C LEU A 130 13.87 -3.99 -37.27
N GLN A 131 13.83 -5.11 -38.00
CA GLN A 131 14.78 -5.38 -39.07
C GLN A 131 14.21 -4.89 -40.40
N TYR A 132 15.09 -4.75 -41.39
CA TYR A 132 14.69 -4.30 -42.71
C TYR A 132 13.73 -5.27 -43.38
N THR A 133 13.77 -6.55 -43.02
CA THR A 133 12.84 -7.54 -43.56
C THR A 133 11.43 -7.42 -43.00
N GLY A 134 11.21 -6.55 -42.01
CA GLY A 134 9.95 -6.45 -41.32
C GLY A 134 9.85 -7.26 -40.04
N HIS A 135 10.88 -8.02 -39.70
CA HIS A 135 10.85 -8.80 -38.48
C HIS A 135 10.91 -7.89 -37.26
N ILE A 136 9.94 -8.04 -36.37
CA ILE A 136 9.86 -7.31 -35.12
C ILE A 136 10.10 -8.29 -33.99
N THR A 137 11.01 -7.92 -33.08
CA THR A 137 11.18 -8.56 -31.79
C THR A 137 10.88 -7.54 -30.70
N TRP A 138 9.94 -7.87 -29.82
CA TRP A 138 9.54 -6.99 -28.72
C TRP A 138 9.60 -7.80 -27.45
N THR A 139 10.41 -7.36 -26.48
CA THR A 139 10.72 -8.14 -25.27
C THR A 139 10.41 -7.28 -24.04
N PRO A 140 9.14 -6.98 -23.80
CA PRO A 140 8.79 -6.15 -22.65
C PRO A 140 8.93 -6.93 -21.35
N PRO A 141 9.14 -6.24 -20.23
CA PRO A 141 9.07 -6.90 -18.93
C PRO A 141 7.65 -6.86 -18.36
N ALA A 142 7.44 -7.65 -17.33
CA ALA A 142 6.14 -7.67 -16.67
C ALA A 142 6.28 -8.32 -15.30
N ILE A 143 5.38 -7.92 -14.41
CA ILE A 143 5.16 -8.58 -13.13
C ILE A 143 3.86 -9.37 -13.27
N PHE A 144 3.97 -10.67 -13.44
CA PHE A 144 2.81 -11.55 -13.54
C PHE A 144 2.36 -11.92 -12.14
N LYS A 145 1.11 -11.63 -11.81
CA LYS A 145 0.49 -12.09 -10.54
C LYS A 145 -0.56 -13.08 -11.04
N SER A 146 -0.30 -14.37 -10.99
CA SER A 146 -1.20 -15.41 -11.59
C SER A 146 -1.91 -16.21 -10.51
N TYR A 147 -3.20 -16.51 -10.71
CA TYR A 147 -4.01 -17.30 -9.76
C TYR A 147 -3.62 -18.78 -9.93
N CYS A 148 -3.16 -19.43 -8.86
CA CYS A 148 -2.70 -20.84 -8.91
C CYS A 148 -3.37 -21.64 -7.79
N GLU A 149 -3.98 -22.78 -8.10
CA GLU A 149 -4.55 -23.65 -7.04
C GLU A 149 -3.37 -24.10 -6.16
N ILE A 150 -3.38 -23.73 -4.88
CA ILE A 150 -2.28 -24.05 -3.93
C ILE A 150 -2.73 -25.22 -3.05
N ILE A 151 -2.05 -26.37 -3.13
CA ILE A 151 -2.37 -27.55 -2.30
C ILE A 151 -1.43 -27.52 -1.10
N VAL A 152 -1.96 -27.23 0.10
CA VAL A 152 -1.16 -27.09 1.30
C VAL A 152 -1.16 -28.37 2.14
N THR A 153 -1.52 -29.51 1.55
CA THR A 153 -1.62 -30.75 2.32
C THR A 153 -0.28 -31.15 2.91
N HIS A 154 0.79 -31.02 2.14
CA HIS A 154 2.12 -31.46 2.55
C HIS A 154 3.02 -30.31 3.00
N PHE A 155 2.44 -29.14 3.29
CA PHE A 155 3.23 -27.99 3.74
C PHE A 155 3.94 -28.35 5.05
N PRO A 156 5.25 -28.07 5.20
CA PRO A 156 6.17 -27.32 4.34
C PRO A 156 6.87 -28.16 3.26
N PHE A 157 6.52 -29.43 3.08
CA PHE A 157 7.11 -30.30 2.07
C PHE A 157 6.22 -30.37 0.84
N ASP A 158 5.54 -29.28 0.54
CA ASP A 158 4.55 -29.26 -0.54
C ASP A 158 5.21 -28.91 -1.87
N GLU A 159 4.71 -29.55 -2.94
CA GLU A 159 5.15 -29.23 -4.32
C GLU A 159 3.95 -28.53 -4.98
N GLN A 160 4.18 -27.46 -5.74
CA GLN A 160 3.10 -26.72 -6.43
C GLN A 160 3.24 -26.92 -7.93
N ASN A 161 2.27 -26.46 -8.73
CA ASN A 161 2.31 -26.53 -10.21
C ASN A 161 1.57 -25.30 -10.69
N CYS A 162 2.20 -24.13 -10.70
CA CYS A 162 1.53 -22.85 -11.04
C CYS A 162 1.73 -22.51 -12.51
N SER A 163 0.64 -22.29 -13.24
CA SER A 163 0.67 -22.04 -14.69
C SER A 163 0.44 -20.56 -15.00
N MET A 164 0.74 -20.14 -16.22
CA MET A 164 0.52 -18.75 -16.70
C MET A 164 -0.11 -18.92 -18.08
N LYS A 165 -1.43 -18.78 -18.18
CA LYS A 165 -2.14 -18.90 -19.48
C LYS A 165 -1.98 -17.57 -20.20
N LEU A 166 -1.43 -17.56 -21.41
CA LEU A 166 -1.26 -16.36 -22.22
C LEU A 166 -2.03 -16.52 -23.52
N GLY A 167 -2.73 -15.46 -23.93
CA GLY A 167 -3.44 -15.54 -25.19
C GLY A 167 -3.82 -14.17 -25.71
N THR A 168 -4.01 -14.10 -27.02
CA THR A 168 -4.51 -12.87 -27.65
C THR A 168 -5.95 -12.67 -27.22
N TRP A 169 -6.21 -11.57 -26.51
CA TRP A 169 -7.50 -11.38 -25.87
C TRP A 169 -8.62 -11.23 -26.90
N THR A 170 -8.40 -10.42 -27.94
CA THR A 170 -9.44 -10.06 -28.89
C THR A 170 -9.28 -10.72 -30.26
N TYR A 171 -8.15 -11.39 -30.53
CA TYR A 171 -7.90 -12.03 -31.82
C TYR A 171 -7.99 -13.54 -31.66
N ASP A 172 -8.75 -14.18 -32.56
CA ASP A 172 -8.87 -15.62 -32.59
C ASP A 172 -7.78 -16.22 -33.49
N GLY A 173 -7.71 -17.55 -33.49
CA GLY A 173 -6.66 -18.25 -34.21
C GLY A 173 -6.73 -18.09 -35.71
N SER A 174 -7.88 -17.69 -36.25
CA SER A 174 -8.01 -17.53 -37.69
C SER A 174 -7.39 -16.23 -38.20
N VAL A 175 -7.04 -15.28 -37.32
CA VAL A 175 -6.47 -14.00 -37.72
C VAL A 175 -5.10 -13.77 -37.09
N VAL A 176 -4.87 -14.34 -35.90
CA VAL A 176 -3.56 -14.27 -35.23
C VAL A 176 -3.26 -15.63 -34.64
N ALA A 177 -2.14 -16.22 -35.04
CA ALA A 177 -1.69 -17.50 -34.53
C ALA A 177 -0.47 -17.29 -33.65
N ILE A 178 -0.51 -17.80 -32.42
CA ILE A 178 0.61 -17.73 -31.49
C ILE A 178 1.23 -19.12 -31.40
N ASN A 179 2.56 -19.18 -31.42
CA ASN A 179 3.31 -20.43 -31.34
C ASN A 179 4.40 -20.30 -30.29
N PRO A 180 4.69 -21.35 -29.51
CA PRO A 180 5.78 -21.23 -28.53
C PRO A 180 7.13 -21.09 -29.21
N GLU A 181 8.01 -20.29 -28.61
CA GLU A 181 9.37 -20.17 -29.12
C GLU A 181 10.16 -21.44 -28.83
N SER A 182 9.92 -22.06 -27.67
CA SER A 182 10.63 -23.26 -27.26
C SER A 182 9.68 -24.12 -26.43
N ASP A 183 10.03 -25.40 -26.30
CA ASP A 183 9.23 -26.31 -25.49
C ASP A 183 9.21 -25.93 -24.01
N GLN A 184 10.24 -25.22 -23.53
CA GLN A 184 10.39 -24.88 -22.13
C GLN A 184 10.50 -23.37 -21.97
N PRO A 185 10.14 -22.82 -20.81
CA PRO A 185 10.45 -21.41 -20.56
C PRO A 185 11.97 -21.19 -20.47
N ASP A 186 12.39 -19.98 -20.82
CA ASP A 186 13.80 -19.62 -20.76
C ASP A 186 14.17 -19.28 -19.33
N LEU A 187 14.98 -20.14 -18.71
CA LEU A 187 15.48 -19.93 -17.35
C LEU A 187 16.96 -19.58 -17.32
N SER A 188 17.50 -19.06 -18.44
CA SER A 188 18.92 -18.77 -18.51
C SER A 188 19.33 -17.68 -17.52
N ASN A 189 18.49 -16.66 -17.35
CA ASN A 189 18.75 -15.54 -16.45
C ASN A 189 17.84 -15.58 -15.22
N PHE A 190 17.49 -16.77 -14.76
CA PHE A 190 16.64 -16.91 -13.59
C PHE A 190 17.45 -16.75 -12.31
N MET A 191 16.96 -15.93 -11.40
CA MET A 191 17.60 -15.76 -10.10
C MET A 191 17.17 -16.87 -9.16
N GLU A 192 18.15 -17.50 -8.51
CA GLU A 192 17.86 -18.59 -7.59
C GLU A 192 17.04 -18.08 -6.41
N SER A 193 15.96 -18.80 -6.11
CA SER A 193 15.08 -18.46 -5.00
C SER A 193 15.58 -19.11 -3.72
N GLY A 194 15.39 -18.42 -2.60
CA GLY A 194 15.73 -18.92 -1.29
C GLY A 194 14.60 -19.67 -0.59
N GLU A 195 13.48 -19.91 -1.27
CA GLU A 195 12.36 -20.64 -0.68
C GLU A 195 11.77 -21.70 -1.61
N TRP A 196 12.02 -21.63 -2.92
CA TRP A 196 11.47 -22.58 -3.88
C TRP A 196 12.57 -23.07 -4.82
N VAL A 197 12.40 -24.29 -5.31
CA VAL A 197 13.24 -24.87 -6.35
C VAL A 197 12.34 -25.30 -7.48
N ILE A 198 12.65 -24.87 -8.70
CA ILE A 198 11.84 -25.20 -9.88
C ILE A 198 12.30 -26.57 -10.36
N LYS A 199 11.50 -27.60 -10.09
CA LYS A 199 11.83 -28.94 -10.55
C LYS A 199 11.59 -29.11 -12.04
N GLU A 200 10.47 -28.59 -12.54
CA GLU A 200 10.12 -28.79 -13.95
C GLU A 200 9.46 -27.53 -14.49
N SER A 201 9.60 -27.31 -15.79
CA SER A 201 8.93 -26.20 -16.45
C SER A 201 8.66 -26.58 -17.89
N ARG A 202 7.53 -26.11 -18.42
CA ARG A 202 7.18 -26.48 -19.79
C ARG A 202 6.03 -25.61 -20.28
N GLY A 203 6.04 -25.33 -21.58
CA GLY A 203 4.98 -24.58 -22.24
C GLY A 203 4.23 -25.47 -23.22
N TRP A 204 2.91 -25.34 -23.23
CA TRP A 204 2.03 -26.13 -24.09
C TRP A 204 1.07 -25.21 -24.82
N LYS A 205 0.94 -25.39 -26.13
CA LYS A 205 -0.05 -24.67 -26.92
C LYS A 205 -1.34 -25.47 -26.99
N HIS A 206 -2.47 -24.78 -26.82
CA HIS A 206 -3.81 -25.41 -26.84
C HIS A 206 -4.78 -24.62 -27.72
N SER A 207 -5.53 -25.30 -28.58
CA SER A 207 -6.52 -24.71 -29.46
C SER A 207 -7.89 -25.28 -29.10
N VAL A 208 -8.85 -24.39 -28.83
CA VAL A 208 -10.18 -24.76 -28.38
C VAL A 208 -11.20 -24.18 -29.35
N THR A 209 -12.13 -25.01 -29.81
CA THR A 209 -13.23 -24.59 -30.65
C THR A 209 -14.53 -24.79 -29.88
N TYR A 210 -15.30 -23.72 -29.72
CA TYR A 210 -16.59 -23.78 -29.06
C TYR A 210 -17.70 -24.03 -30.10
N SER A 211 -18.80 -24.59 -29.62
CA SER A 211 -19.89 -24.98 -30.52
C SER A 211 -20.49 -23.77 -31.23
N CYS A 212 -20.67 -22.67 -30.50
CA CYS A 212 -21.23 -21.47 -31.11
C CYS A 212 -20.30 -20.81 -32.11
N CYS A 213 -19.00 -21.12 -32.07
CA CYS A 213 -17.98 -20.47 -32.90
C CYS A 213 -17.13 -21.55 -33.56
N PRO A 214 -17.68 -22.27 -34.55
CA PRO A 214 -16.92 -23.38 -35.16
C PRO A 214 -15.83 -22.94 -36.13
N ASP A 215 -15.71 -21.65 -36.45
CA ASP A 215 -14.75 -21.17 -37.43
C ASP A 215 -13.74 -20.19 -36.85
N THR A 216 -13.76 -19.93 -35.55
CA THR A 216 -12.81 -19.04 -34.88
C THR A 216 -12.21 -19.79 -33.71
N PRO A 217 -11.23 -20.68 -33.95
CA PRO A 217 -10.57 -21.36 -32.83
C PRO A 217 -9.82 -20.36 -31.96
N TYR A 218 -9.80 -20.63 -30.66
CA TYR A 218 -9.14 -19.78 -29.68
C TYR A 218 -7.88 -20.48 -29.20
N LEU A 219 -6.75 -19.81 -29.37
CA LEU A 219 -5.44 -20.37 -29.05
C LEU A 219 -4.93 -19.80 -27.73
N ASP A 220 -4.13 -20.60 -27.04
CA ASP A 220 -3.45 -20.13 -25.85
C ASP A 220 -2.14 -20.90 -25.71
N ILE A 221 -1.20 -20.29 -24.99
CA ILE A 221 0.03 -20.95 -24.58
C ILE A 221 0.08 -20.90 -23.06
N THR A 222 0.17 -22.06 -22.41
CA THR A 222 0.16 -22.15 -20.94
C THR A 222 1.53 -22.64 -20.46
N TYR A 223 2.32 -21.78 -19.82
CA TYR A 223 3.62 -22.15 -19.22
C TYR A 223 3.35 -22.62 -17.80
N HIS A 224 3.77 -23.84 -17.43
CA HIS A 224 3.57 -24.39 -16.06
C HIS A 224 4.94 -24.53 -15.40
N PHE A 225 5.03 -24.29 -14.10
CA PHE A 225 6.29 -24.40 -13.33
C PHE A 225 6.01 -25.29 -12.12
N VAL A 226 6.59 -26.47 -12.08
CA VAL A 226 6.46 -27.39 -10.90
C VAL A 226 7.53 -26.91 -9.92
N MET A 227 7.16 -26.57 -8.69
CA MET A 227 8.10 -25.98 -7.70
C MET A 227 8.05 -26.77 -6.39
N GLN A 228 9.20 -27.06 -5.79
CA GLN A 228 9.29 -27.80 -4.51
C GLN A 228 9.77 -26.82 -3.44
N ARG A 229 9.01 -26.62 -2.37
CA ARG A 229 9.39 -25.71 -1.30
C ARG A 229 10.66 -26.20 -0.62
N LEU A 230 11.50 -25.26 -0.18
CA LEU A 230 12.64 -25.57 0.66
C LEU A 230 12.17 -25.49 2.12
N PRO A 231 12.09 -26.60 2.85
CA PRO A 231 11.41 -26.57 4.15
C PRO A 231 12.28 -26.25 5.37
N LEU A 232 13.54 -25.84 5.19
CA LEU A 232 14.43 -25.70 6.34
C LEU A 232 13.95 -24.63 7.30
N TYR A 233 13.46 -23.50 6.77
CA TYR A 233 13.00 -22.41 7.64
C TYR A 233 11.84 -22.87 8.53
N PHE A 234 10.88 -23.57 7.94
CA PHE A 234 9.73 -24.02 8.72
C PHE A 234 10.11 -25.18 9.65
N ILE A 235 11.07 -26.01 9.25
CA ILE A 235 11.53 -27.07 10.14
C ILE A 235 12.16 -26.47 11.39
N VAL A 236 13.08 -25.51 11.21
CA VAL A 236 13.81 -24.97 12.34
C VAL A 236 12.89 -24.11 13.22
N ASN A 237 12.10 -23.24 12.59
CA ASN A 237 11.38 -22.23 13.36
C ASN A 237 10.10 -22.77 14.00
N VAL A 238 9.44 -23.74 13.38
CA VAL A 238 8.14 -24.23 13.83
C VAL A 238 8.25 -25.63 14.41
N ILE A 239 8.83 -26.57 13.66
CA ILE A 239 8.73 -27.98 14.01
C ILE A 239 9.56 -28.29 15.26
N ILE A 240 10.76 -27.74 15.36
CA ILE A 240 11.67 -28.09 16.47
C ILE A 240 11.10 -27.63 17.80
N PRO A 241 10.61 -26.39 17.95
CA PRO A 241 9.94 -26.03 19.22
C PRO A 241 8.75 -26.93 19.56
N CYS A 242 7.96 -27.30 18.55
CA CYS A 242 6.83 -28.19 18.80
C CYS A 242 7.32 -29.56 19.31
N LEU A 243 8.39 -30.06 18.72
CA LEU A 243 8.95 -31.34 19.18
C LEU A 243 9.46 -31.21 20.61
N LEU A 244 10.10 -30.09 20.94
CA LEU A 244 10.57 -29.88 22.30
C LEU A 244 9.41 -29.86 23.30
N PHE A 245 8.35 -29.14 22.96
CA PHE A 245 7.18 -29.11 23.85
C PHE A 245 6.55 -30.48 23.97
N SER A 246 6.47 -31.23 22.87
CA SER A 246 5.87 -32.55 22.91
C SER A 246 6.70 -33.50 23.77
N PHE A 247 8.02 -33.36 23.72
CA PHE A 247 8.87 -34.20 24.56
C PHE A 247 8.71 -33.82 26.03
N LEU A 248 8.64 -32.52 26.32
CA LEU A 248 8.42 -32.07 27.69
C LEU A 248 7.05 -32.49 28.22
N THR A 249 6.09 -32.73 27.33
CA THR A 249 4.75 -33.13 27.77
C THR A 249 4.78 -34.39 28.60
N GLY A 250 5.52 -35.40 28.15
CA GLY A 250 5.54 -36.68 28.85
C GLY A 250 6.40 -36.72 30.09
N LEU A 251 7.23 -35.69 30.32
CA LEU A 251 8.10 -35.69 31.50
C LEU A 251 7.33 -35.52 32.80
N VAL A 252 6.09 -35.04 32.75
CA VAL A 252 5.33 -34.85 33.99
C VAL A 252 5.10 -36.17 34.71
N PHE A 253 4.96 -37.26 33.96
CA PHE A 253 4.69 -38.56 34.57
C PHE A 253 5.90 -39.15 35.27
N TYR A 254 7.10 -38.61 35.06
CA TYR A 254 8.26 -38.92 35.87
C TYR A 254 8.41 -37.99 37.07
N LEU A 255 7.61 -36.92 37.15
CA LEU A 255 7.67 -35.97 38.26
C LEU A 255 6.78 -36.48 39.40
N PRO A 256 7.32 -36.72 40.60
CA PRO A 256 6.45 -37.25 41.68
C PRO A 256 5.38 -36.26 42.10
N THR A 257 4.27 -36.81 42.61
CA THR A 257 3.18 -35.98 43.11
C THR A 257 3.63 -35.16 44.32
N ASP A 258 4.47 -35.75 45.18
CA ASP A 258 4.91 -35.06 46.39
C ASP A 258 5.74 -33.81 46.10
N SER A 259 6.24 -33.65 44.88
CA SER A 259 6.94 -32.41 44.53
C SER A 259 5.99 -31.21 44.56
N GLY A 260 4.71 -31.43 44.26
CA GLY A 260 3.78 -30.33 44.19
C GLY A 260 3.95 -29.45 42.98
N GLU A 261 4.54 -29.96 41.91
CA GLU A 261 4.88 -29.18 40.73
C GLU A 261 4.36 -29.77 39.43
N LYS A 262 3.54 -30.84 39.49
CA LYS A 262 3.05 -31.48 38.27
C LYS A 262 2.22 -30.51 37.44
N MET A 263 1.25 -29.84 38.07
CA MET A 263 0.41 -28.90 37.35
C MET A 263 1.22 -27.69 36.88
N THR A 264 2.20 -27.25 37.67
CA THR A 264 3.08 -26.18 37.22
C THR A 264 3.73 -26.54 35.89
N LEU A 265 4.37 -27.71 35.83
CA LEU A 265 5.06 -28.13 34.61
C LEU A 265 4.10 -28.26 33.44
N SER A 266 2.99 -29.00 33.65
CA SER A 266 2.09 -29.29 32.53
C SER A 266 1.40 -28.03 32.03
N ILE A 267 0.82 -27.24 32.94
CA ILE A 267 0.12 -26.03 32.54
C ILE A 267 1.08 -25.03 31.92
N SER A 268 2.34 -24.97 32.39
CA SER A 268 3.27 -24.03 31.80
C SER A 268 3.76 -24.49 30.43
N VAL A 269 3.87 -25.80 30.22
CA VAL A 269 4.13 -26.31 28.87
C VAL A 269 2.98 -25.91 27.94
N LEU A 270 1.74 -26.03 28.43
CA LEU A 270 0.60 -25.58 27.64
C LEU A 270 0.67 -24.09 27.37
N LEU A 271 1.08 -23.29 28.36
CA LEU A 271 1.19 -21.84 28.17
C LEU A 271 2.24 -21.51 27.12
N SER A 272 3.38 -22.20 27.17
CA SER A 272 4.42 -21.99 26.17
C SER A 272 3.92 -22.36 24.78
N LEU A 273 3.18 -23.47 24.67
CA LEU A 273 2.63 -23.84 23.38
C LEU A 273 1.61 -22.82 22.88
N THR A 274 0.79 -22.29 23.79
CA THR A 274 -0.20 -21.27 23.41
C THR A 274 0.49 -20.00 22.94
N VAL A 275 1.56 -19.58 23.61
CA VAL A 275 2.30 -18.42 23.16
C VAL A 275 2.96 -18.71 21.81
N PHE A 276 3.41 -19.95 21.61
CA PHE A 276 4.03 -20.31 20.34
C PHE A 276 3.01 -20.38 19.21
N LEU A 277 1.73 -20.56 19.54
CA LEU A 277 0.71 -20.49 18.49
C LEU A 277 0.69 -19.12 17.82
N LEU A 278 1.04 -18.07 18.55
CA LEU A 278 1.21 -16.76 17.92
C LEU A 278 2.32 -16.81 16.87
N VAL A 279 3.44 -17.46 17.18
CA VAL A 279 4.52 -17.61 16.21
C VAL A 279 4.02 -18.39 15.00
N ILE A 280 3.29 -19.47 15.25
CA ILE A 280 2.83 -20.33 14.15
C ILE A 280 1.89 -19.57 13.22
N VAL A 281 0.92 -18.85 13.77
CA VAL A 281 -0.01 -18.11 12.91
C VAL A 281 0.70 -16.94 12.23
N GLU A 282 1.75 -16.40 12.86
CA GLU A 282 2.53 -15.36 12.19
C GLU A 282 3.28 -15.92 10.99
N LEU A 283 3.81 -17.14 11.10
CA LEU A 283 4.71 -17.68 10.07
C LEU A 283 3.96 -18.43 8.98
N ILE A 284 3.19 -19.45 9.32
CA ILE A 284 2.59 -20.31 8.29
C ILE A 284 1.42 -19.58 7.65
N PRO A 285 1.07 -19.85 6.40
CA PRO A 285 -0.11 -19.22 5.80
C PRO A 285 -1.40 -19.78 6.36
N SER A 286 -2.42 -18.93 6.38
CA SER A 286 -3.73 -19.23 6.97
C SER A 286 -4.75 -19.40 5.84
N THR A 287 -5.09 -20.65 5.54
CA THR A 287 -6.09 -20.96 4.55
C THR A 287 -6.87 -22.19 4.98
N SER A 288 -8.09 -22.33 4.45
CA SER A 288 -9.01 -23.39 4.83
C SER A 288 -9.24 -24.40 3.71
N SER A 289 -8.40 -24.41 2.68
CA SER A 289 -8.54 -25.41 1.63
C SER A 289 -8.25 -26.81 2.15
N ALA A 290 -7.32 -26.93 3.08
CA ALA A 290 -6.98 -28.21 3.69
C ALA A 290 -6.12 -27.93 4.91
N VAL A 291 -5.99 -28.94 5.77
CA VAL A 291 -5.18 -28.85 6.97
C VAL A 291 -3.72 -29.07 6.58
N PRO A 292 -2.80 -28.13 6.85
CA PRO A 292 -1.39 -28.40 6.58
C PRO A 292 -0.81 -29.46 7.51
N LEU A 293 0.32 -30.02 7.08
CA LEU A 293 1.04 -30.98 7.91
C LEU A 293 1.52 -30.32 9.19
N ILE A 294 1.98 -29.07 9.11
CA ILE A 294 2.29 -28.31 10.32
C ILE A 294 1.05 -28.18 11.19
N GLY A 295 -0.11 -27.91 10.57
CA GLY A 295 -1.32 -27.80 11.35
C GLY A 295 -1.68 -29.09 12.04
N LYS A 296 -1.54 -30.22 11.34
CA LYS A 296 -1.81 -31.52 11.95
C LYS A 296 -0.87 -31.78 13.12
N TYR A 297 0.42 -31.50 12.94
CA TYR A 297 1.37 -31.72 14.03
C TYR A 297 1.09 -30.80 15.21
N MET A 298 0.72 -29.53 14.93
CA MET A 298 0.42 -28.59 16.00
C MET A 298 -0.79 -29.05 16.79
N LEU A 299 -1.85 -29.48 16.10
CA LEU A 299 -3.04 -29.94 16.79
C LEU A 299 -2.76 -31.22 17.56
N PHE A 300 -1.93 -32.10 17.00
CA PHE A 300 -1.53 -33.29 17.74
C PHE A 300 -0.79 -32.92 19.02
N THR A 301 0.14 -31.97 18.96
CA THR A 301 0.86 -31.56 20.15
C THR A 301 -0.09 -30.93 21.18
N MET A 302 -1.04 -30.13 20.71
CA MET A 302 -1.99 -29.49 21.62
C MET A 302 -2.84 -30.55 22.33
N VAL A 303 -3.37 -31.51 21.58
CA VAL A 303 -4.18 -32.57 22.17
C VAL A 303 -3.34 -33.43 23.10
N PHE A 304 -2.07 -33.62 22.74
CA PHE A 304 -1.14 -34.37 23.58
C PHE A 304 -0.97 -33.70 24.94
N VAL A 305 -0.78 -32.38 24.93
CA VAL A 305 -0.61 -31.63 26.18
C VAL A 305 -1.90 -31.66 27.00
N ILE A 306 -3.05 -31.48 26.34
CA ILE A 306 -4.32 -31.48 27.07
C ILE A 306 -4.58 -32.84 27.70
N ALA A 307 -4.32 -33.92 26.95
CA ALA A 307 -4.50 -35.26 27.49
C ALA A 307 -3.54 -35.52 28.65
N SER A 308 -2.30 -35.03 28.53
CA SER A 308 -1.36 -35.19 29.63
C SER A 308 -1.86 -34.47 30.88
N ILE A 309 -2.43 -33.28 30.71
CA ILE A 309 -2.96 -32.53 31.86
C ILE A 309 -4.11 -33.30 32.50
N ILE A 310 -5.03 -33.82 31.68
CA ILE A 310 -6.18 -34.54 32.22
C ILE A 310 -5.73 -35.78 32.99
N ILE A 311 -4.83 -36.56 32.39
CA ILE A 311 -4.39 -37.79 33.02
C ILE A 311 -3.55 -37.48 34.26
N THR A 312 -2.79 -36.38 34.24
CA THR A 312 -2.05 -35.97 35.42
C THR A 312 -3.00 -35.59 36.56
N VAL A 313 -4.12 -34.94 36.24
CA VAL A 313 -5.11 -34.65 37.26
C VAL A 313 -5.66 -35.94 37.85
N ILE A 314 -5.92 -36.93 36.99
CA ILE A 314 -6.39 -38.23 37.49
C ILE A 314 -5.35 -38.87 38.41
N VAL A 315 -4.07 -38.81 38.01
CA VAL A 315 -3.00 -39.42 38.81
C VAL A 315 -2.88 -38.72 40.16
N ILE A 316 -2.94 -37.38 40.16
CA ILE A 316 -2.85 -36.64 41.40
C ILE A 316 -4.03 -36.95 42.31
N ASN A 317 -5.22 -37.04 41.74
CA ASN A 317 -6.39 -37.41 42.53
C ASN A 317 -6.23 -38.80 43.13
N THR A 318 -5.68 -39.74 42.36
CA THR A 318 -5.41 -41.07 42.88
C THR A 318 -4.41 -41.04 44.03
N HIS A 319 -3.37 -40.21 43.89
CA HIS A 319 -2.31 -40.16 44.90
C HIS A 319 -2.85 -39.66 46.23
N HIS A 320 -3.75 -38.68 46.20
CA HIS A 320 -4.21 -37.99 47.40
C HIS A 320 -5.49 -38.59 47.99
N ARG A 321 -5.96 -39.73 47.48
CA ARG A 321 -7.19 -40.31 47.99
C ARG A 321 -7.03 -40.69 49.46
N SER A 322 -7.89 -40.13 50.30
CA SER A 322 -7.79 -40.38 51.73
C SER A 322 -8.16 -41.82 52.05
N PRO A 323 -7.63 -42.41 53.12
CA PRO A 323 -8.00 -43.80 53.42
C PRO A 323 -9.37 -43.93 54.08
N SER A 324 -9.85 -42.87 54.73
CA SER A 324 -11.13 -42.97 55.44
C SER A 324 -12.30 -42.84 54.47
N THR A 325 -12.37 -41.71 53.76
CA THR A 325 -13.50 -41.48 52.86
C THR A 325 -13.50 -42.47 51.71
N HIS A 326 -12.35 -42.68 51.09
CA HIS A 326 -12.22 -43.60 49.96
C HIS A 326 -11.69 -44.94 50.44
N VAL A 327 -12.23 -46.01 49.84
CA VAL A 327 -11.81 -47.38 50.12
C VAL A 327 -11.38 -48.00 48.81
N MET A 328 -10.19 -48.62 48.79
CA MET A 328 -9.59 -49.13 47.53
C MET A 328 -10.35 -50.37 47.04
N PRO A 329 -11.00 -50.34 45.85
CA PRO A 329 -11.66 -51.53 45.30
C PRO A 329 -10.65 -52.65 45.05
N ASN A 330 -11.17 -53.88 45.07
CA ASN A 330 -10.31 -55.05 44.87
C ASN A 330 -9.70 -55.07 43.47
N TRP A 331 -10.44 -54.60 42.46
CA TRP A 331 -9.93 -54.65 41.09
C TRP A 331 -8.72 -53.75 40.92
N VAL A 332 -8.71 -52.58 41.57
CA VAL A 332 -7.55 -51.70 41.49
C VAL A 332 -6.33 -52.38 42.11
N ARG A 333 -6.51 -53.02 43.27
CA ARG A 333 -5.41 -53.74 43.91
C ARG A 333 -4.90 -54.87 43.01
N LYS A 334 -5.81 -55.61 42.39
CA LYS A 334 -5.41 -56.75 41.58
C LYS A 334 -4.71 -56.31 40.30
N VAL A 335 -5.10 -55.15 39.75
CA VAL A 335 -4.55 -54.71 38.47
C VAL A 335 -3.21 -54.02 38.69
N PHE A 336 -3.12 -53.13 39.66
CA PHE A 336 -2.00 -52.21 39.80
C PHE A 336 -0.98 -52.64 40.85
N ILE A 337 -1.41 -53.28 41.93
CA ILE A 337 -0.46 -53.70 42.97
C ILE A 337 0.06 -55.12 42.71
N ASP A 338 -0.73 -55.99 42.09
CA ASP A 338 -0.40 -57.40 41.96
C ASP A 338 0.14 -57.80 40.59
N THR A 339 -0.51 -57.40 39.51
CA THR A 339 -0.22 -57.93 38.18
C THR A 339 0.79 -57.08 37.41
N ILE A 340 0.51 -55.78 37.27
CA ILE A 340 1.37 -54.93 36.44
C ILE A 340 2.80 -54.87 36.96
N PRO A 341 3.07 -54.72 38.27
CA PRO A 341 4.46 -54.65 38.72
C PRO A 341 5.31 -55.88 38.41
N ASN A 342 4.70 -57.04 38.15
CA ASN A 342 5.50 -58.19 37.72
C ASN A 342 6.19 -57.90 36.39
N ILE A 343 5.59 -57.05 35.54
CA ILE A 343 6.22 -56.64 34.29
C ILE A 343 7.33 -55.62 34.51
N MET A 344 7.19 -54.77 35.54
CA MET A 344 8.15 -53.67 35.85
C MET A 344 9.12 -54.13 36.95
N PHE A 345 9.72 -53.20 37.71
CA PHE A 345 10.70 -53.51 38.78
C PHE A 345 10.58 -52.52 39.95
N PHE A 346 9.57 -52.66 40.81
CA PHE A 346 9.38 -51.80 42.02
C PHE A 346 8.95 -52.69 43.18
N SER A 347 9.05 -52.24 44.44
CA SER A 347 8.70 -53.06 45.64
C SER A 347 7.22 -52.87 45.98
N THR A 348 6.41 -53.92 45.89
CA THR A 348 4.93 -53.86 46.11
C THR A 348 4.61 -53.46 47.56
N MET A 349 3.56 -52.67 47.77
CA MET A 349 3.11 -52.24 49.12
C MET A 349 1.58 -52.29 49.15
N LYS A 388 -2.24 -47.21 93.92
CA LYS A 388 -3.36 -47.45 93.01
C LYS A 388 -4.24 -46.20 92.92
N HIS A 389 -3.61 -45.04 92.94
CA HIS A 389 -4.37 -43.80 92.91
C HIS A 389 -4.99 -43.58 91.54
N PRO A 390 -6.04 -42.74 91.44
CA PRO A 390 -6.63 -42.49 90.11
C PRO A 390 -5.66 -41.86 89.12
N GLU A 391 -4.74 -41.02 89.59
CA GLU A 391 -3.84 -40.33 88.67
C GLU A 391 -2.89 -41.29 87.98
N VAL A 392 -2.39 -42.29 88.70
CA VAL A 392 -1.49 -43.27 88.09
C VAL A 392 -2.23 -44.07 87.01
N LYS A 393 -3.47 -44.47 87.29
CA LYS A 393 -4.25 -45.19 86.30
C LYS A 393 -4.55 -44.30 85.09
N SER A 394 -4.79 -43.01 85.34
CA SER A 394 -5.00 -42.08 84.24
C SER A 394 -3.75 -41.97 83.37
N ALA A 395 -2.57 -41.92 84.01
CA ALA A 395 -1.32 -41.88 83.25
C ALA A 395 -1.12 -43.15 82.44
N ILE A 396 -1.47 -44.31 83.02
CA ILE A 396 -1.36 -45.57 82.30
C ILE A 396 -2.27 -45.57 81.07
N GLU A 397 -3.51 -45.11 81.26
CA GLU A 397 -4.43 -45.00 80.14
C GLU A 397 -3.94 -43.99 79.11
N GLY A 398 -3.24 -42.95 79.56
CA GLY A 398 -2.67 -41.99 78.60
C GLY A 398 -1.57 -42.62 77.75
N ILE A 399 -0.71 -43.42 78.37
CA ILE A 399 0.31 -44.14 77.61
C ILE A 399 -0.35 -45.07 76.61
N LYS A 400 -1.38 -45.80 77.05
CA LYS A 400 -2.11 -46.68 76.14
C LYS A 400 -2.75 -45.90 75.01
N TYR A 401 -3.30 -44.72 75.31
CA TYR A 401 -3.91 -43.90 74.28
C TYR A 401 -2.89 -43.43 73.26
N ILE A 402 -1.70 -43.05 73.72
CA ILE A 402 -0.64 -42.65 72.79
C ILE A 402 -0.29 -43.81 71.87
N ALA A 403 -0.14 -45.00 72.44
CA ALA A 403 0.20 -46.17 71.64
C ALA A 403 -0.90 -46.48 70.61
N GLU A 404 -2.16 -46.41 71.03
CA GLU A 404 -3.26 -46.71 70.12
C GLU A 404 -3.39 -45.62 69.04
N THR A 405 -3.12 -44.37 69.40
CA THR A 405 -3.15 -43.29 68.42
C THR A 405 -2.10 -43.52 67.34
N MET A 406 -0.90 -43.94 67.74
CA MET A 406 0.13 -44.20 66.73
C MET A 406 -0.20 -45.47 65.93
N LYS A 407 -0.86 -46.44 66.57
CA LYS A 407 -1.36 -47.59 65.82
C LYS A 407 -2.29 -47.16 64.70
N SER A 408 -3.27 -46.33 65.03
CA SER A 408 -4.22 -45.85 64.02
C SER A 408 -3.53 -45.03 62.96
N ASP A 409 -2.58 -44.17 63.36
CA ASP A 409 -1.84 -43.37 62.40
C ASP A 409 -1.03 -44.24 61.45
N GLN A 410 -0.40 -45.30 61.98
CA GLN A 410 0.37 -46.21 61.13
C GLN A 410 -0.54 -46.91 60.12
N GLU A 411 -1.71 -47.37 60.57
CA GLU A 411 -2.62 -48.04 59.64
C GLU A 411 -3.10 -47.07 58.56
N SER A 412 -3.41 -45.82 58.96
CA SER A 412 -3.84 -44.82 57.98
C SER A 412 -2.73 -44.51 56.99
N ASN A 413 -1.49 -44.40 57.47
CA ASN A 413 -0.37 -44.14 56.58
C ASN A 413 -0.16 -45.29 55.59
N ASN A 414 -0.29 -46.53 56.06
CA ASN A 414 -0.17 -47.67 55.15
C ASN A 414 -1.27 -47.65 54.09
N ALA A 415 -2.51 -47.37 54.52
CA ALA A 415 -3.62 -47.34 53.57
C ALA A 415 -3.45 -46.23 52.55
N ALA A 416 -2.91 -45.08 52.97
CA ALA A 416 -2.62 -44.01 52.02
C ALA A 416 -1.47 -44.38 51.09
N ALA A 417 -0.45 -45.05 51.62
CA ALA A 417 0.69 -45.46 50.81
C ALA A 417 0.27 -46.45 49.74
N GLU A 418 -0.78 -47.23 49.99
CA GLU A 418 -1.32 -48.08 48.93
C GLU A 418 -1.76 -47.25 47.72
N TRP A 419 -2.53 -46.18 47.96
CA TRP A 419 -2.97 -45.31 46.88
C TRP A 419 -1.78 -44.63 46.21
N LYS A 420 -0.79 -44.22 47.00
CA LYS A 420 0.40 -43.60 46.43
C LYS A 420 1.16 -44.56 45.53
N TYR A 421 1.24 -45.83 45.93
CA TYR A 421 1.88 -46.84 45.09
C TYR A 421 1.11 -47.04 43.79
N VAL A 422 -0.23 -47.03 43.86
CA VAL A 422 -1.03 -47.17 42.65
C VAL A 422 -0.76 -46.00 41.70
N ALA A 423 -0.72 -44.78 42.26
CA ALA A 423 -0.43 -43.60 41.43
C ALA A 423 0.97 -43.68 40.83
N MET A 424 1.94 -44.17 41.61
CA MET A 424 3.30 -44.40 41.12
C MET A 424 3.30 -45.32 39.89
N VAL A 425 2.62 -46.46 40.01
CA VAL A 425 2.60 -47.42 38.91
C VAL A 425 1.94 -46.82 37.68
N MET A 426 0.83 -46.10 37.89
CA MET A 426 0.16 -45.43 36.77
C MET A 426 1.08 -44.43 36.11
N ASP A 427 1.85 -43.68 36.92
CA ASP A 427 2.76 -42.68 36.36
C ASP A 427 3.83 -43.33 35.50
N HIS A 428 4.40 -44.46 35.93
CA HIS A 428 5.41 -45.12 35.10
C HIS A 428 4.83 -45.62 33.79
N ILE A 429 3.65 -46.27 33.85
CA ILE A 429 3.02 -46.75 32.62
C ILE A 429 2.73 -45.58 31.69
N LEU A 430 2.24 -44.46 32.23
CA LEU A 430 1.89 -43.33 31.40
C LEU A 430 3.12 -42.64 30.82
N LEU A 431 4.24 -42.62 31.56
CA LEU A 431 5.48 -42.08 31.02
C LEU A 431 5.89 -42.86 29.77
N GLY A 432 5.90 -44.20 29.89
CA GLY A 432 6.22 -45.01 28.73
C GLY A 432 5.26 -44.78 27.57
N VAL A 433 3.96 -44.75 27.87
CA VAL A 433 2.96 -44.59 26.82
C VAL A 433 3.10 -43.24 26.13
N PHE A 434 3.38 -42.19 26.89
CA PHE A 434 3.42 -40.85 26.31
C PHE A 434 4.68 -40.65 25.48
N MET A 435 5.83 -41.19 25.92
CA MET A 435 7.01 -41.14 25.06
C MET A 435 6.77 -41.89 23.76
N LEU A 436 6.16 -43.09 23.85
CA LEU A 436 5.88 -43.84 22.63
C LEU A 436 4.90 -43.09 21.74
N VAL A 437 3.88 -42.46 22.32
CA VAL A 437 2.89 -41.75 21.52
C VAL A 437 3.50 -40.55 20.86
N CYS A 438 4.41 -39.85 21.54
CA CYS A 438 5.11 -38.72 20.93
C CYS A 438 5.87 -39.18 19.69
N ILE A 439 6.67 -40.25 19.84
CA ILE A 439 7.46 -40.74 18.71
C ILE A 439 6.54 -41.18 17.57
N ILE A 440 5.50 -41.95 17.90
CA ILE A 440 4.65 -42.54 16.87
C ILE A 440 3.84 -41.45 16.18
N GLY A 441 3.36 -40.46 16.92
CA GLY A 441 2.62 -39.37 16.28
C GLY A 441 3.48 -38.55 15.36
N THR A 442 4.70 -38.21 15.80
CA THR A 442 5.61 -37.46 14.93
C THR A 442 5.90 -38.24 13.65
N LEU A 443 6.18 -39.54 13.78
CA LEU A 443 6.46 -40.34 12.60
C LEU A 443 5.23 -40.46 11.71
N ALA A 444 4.05 -40.71 12.30
CA ALA A 444 2.84 -40.85 11.49
C ALA A 444 2.51 -39.56 10.76
N VAL A 445 2.86 -38.41 11.34
CA VAL A 445 2.61 -37.15 10.66
C VAL A 445 3.58 -36.96 9.49
N PHE A 446 4.88 -37.17 9.72
CA PHE A 446 5.89 -36.71 8.75
C PHE A 446 6.45 -37.80 7.84
N ALA A 447 6.59 -39.03 8.33
CA ALA A 447 7.37 -40.05 7.65
C ALA A 447 6.80 -40.40 6.28
N GLY A 448 5.49 -40.39 6.11
CA GLY A 448 4.90 -40.70 4.82
C GLY A 448 5.37 -39.76 3.72
N ARG A 449 5.23 -38.46 3.97
CA ARG A 449 5.68 -37.47 2.99
C ARG A 449 7.19 -37.50 2.84
N LEU A 450 7.92 -37.71 3.95
CA LEU A 450 9.38 -37.73 3.84
C LEU A 450 9.87 -38.91 3.01
N ILE A 451 9.24 -40.08 3.20
CA ILE A 451 9.60 -41.26 2.41
C ILE A 451 9.21 -41.04 0.95
N GLU A 452 8.07 -40.38 0.71
CA GLU A 452 7.68 -40.07 -0.67
C GLU A 452 8.70 -39.15 -1.32
N LEU A 453 9.19 -38.15 -0.59
CA LEU A 453 10.23 -37.28 -1.10
C LEU A 453 11.52 -38.04 -1.39
N ASN A 454 11.91 -38.94 -0.49
CA ASN A 454 13.13 -39.73 -0.71
C ASN A 454 13.00 -40.62 -1.95
N GLN A 455 11.85 -41.27 -2.12
CA GLN A 455 11.65 -42.14 -3.28
C GLN A 455 11.57 -41.38 -4.59
N GLN A 456 11.12 -40.12 -4.56
CA GLN A 456 11.06 -39.28 -5.75
C GLN A 456 12.28 -38.37 -5.89
N GLY A 457 13.34 -38.63 -5.14
CA GLY A 457 14.54 -37.82 -5.20
C GLY A 457 15.63 -38.32 -4.28
N SER B 21 -25.66 10.57 -33.73
CA SER B 21 -26.50 11.78 -34.00
C SER B 21 -25.66 12.86 -34.68
N GLU B 22 -25.94 13.12 -35.95
CA GLU B 22 -25.18 14.13 -36.67
C GLU B 22 -25.48 15.54 -36.15
N HIS B 23 -26.69 15.76 -35.65
CA HIS B 23 -27.02 17.04 -35.04
C HIS B 23 -26.13 17.33 -33.85
N GLU B 24 -25.92 16.34 -32.98
CA GLU B 24 -25.06 16.55 -31.82
C GLU B 24 -23.61 16.78 -32.24
N THR B 25 -23.14 16.07 -33.25
CA THR B 25 -21.78 16.28 -33.75
C THR B 25 -21.60 17.70 -34.26
N ARG B 26 -22.55 18.17 -35.08
CA ARG B 26 -22.47 19.53 -35.60
C ARG B 26 -22.56 20.55 -34.47
N LEU B 27 -23.42 20.29 -33.47
CA LEU B 27 -23.55 21.21 -32.35
C LEU B 27 -22.25 21.30 -31.56
N VAL B 28 -21.62 20.16 -31.28
CA VAL B 28 -20.37 20.17 -30.53
C VAL B 28 -19.28 20.86 -31.31
N ALA B 29 -19.25 20.68 -32.64
CA ALA B 29 -18.30 21.39 -33.45
C ALA B 29 -18.54 22.90 -33.38
N LYS B 30 -19.80 23.32 -33.41
CA LYS B 30 -20.11 24.75 -33.35
C LYS B 30 -19.72 25.36 -32.01
N LEU B 31 -20.07 24.69 -30.91
CA LEU B 31 -19.86 25.29 -29.58
C LEU B 31 -18.39 25.50 -29.28
N PHE B 32 -17.54 24.54 -29.67
CA PHE B 32 -16.11 24.56 -29.34
C PHE B 32 -15.26 25.04 -30.52
N LYS B 33 -15.83 25.86 -31.41
CA LYS B 33 -15.06 26.35 -32.54
C LYS B 33 -14.06 27.41 -32.10
N ASP B 34 -14.46 28.30 -31.20
CA ASP B 34 -13.61 29.36 -30.67
C ASP B 34 -13.77 29.48 -29.16
N TYR B 35 -13.88 28.33 -28.50
CA TYR B 35 -14.10 28.27 -27.06
C TYR B 35 -12.77 28.28 -26.32
N SER B 36 -12.77 28.90 -25.15
CA SER B 36 -11.58 28.87 -24.26
C SER B 36 -11.96 28.29 -22.92
N SER B 37 -11.26 27.28 -22.46
CA SER B 37 -11.48 26.64 -21.16
C SER B 37 -10.71 27.42 -20.08
N VAL B 38 -9.91 28.42 -20.46
CA VAL B 38 -9.05 29.21 -19.52
C VAL B 38 -9.86 30.40 -19.00
N VAL B 39 -10.60 31.07 -19.84
CA VAL B 39 -11.40 32.26 -19.48
C VAL B 39 -12.62 31.80 -18.71
N ARG B 40 -13.00 32.56 -17.74
CA ARG B 40 -14.21 32.31 -16.96
C ARG B 40 -15.45 32.47 -17.86
N PRO B 41 -16.47 31.61 -17.72
CA PRO B 41 -17.51 31.54 -18.76
C PRO B 41 -18.74 32.41 -18.51
N VAL B 42 -18.54 33.73 -18.52
CA VAL B 42 -19.65 34.69 -18.53
C VAL B 42 -19.31 35.85 -19.46
N GLU B 43 -20.34 36.64 -19.79
CA GLU B 43 -20.24 37.60 -20.88
C GLU B 43 -19.25 38.71 -20.60
N ASP B 44 -19.35 39.35 -19.43
CA ASP B 44 -18.52 40.49 -19.06
C ASP B 44 -17.60 40.08 -17.92
N HIS B 45 -16.36 40.56 -17.95
CA HIS B 45 -15.40 40.09 -16.97
C HIS B 45 -15.65 40.65 -15.58
N ARG B 46 -16.40 41.73 -15.47
CA ARG B 46 -16.76 42.26 -14.15
C ARG B 46 -17.82 41.39 -13.46
N GLN B 47 -18.46 40.48 -14.18
CA GLN B 47 -19.45 39.59 -13.60
C GLN B 47 -18.79 38.44 -12.84
N VAL B 48 -19.54 37.88 -11.89
CA VAL B 48 -19.09 36.81 -11.03
C VAL B 48 -19.72 35.50 -11.47
N VAL B 49 -18.91 34.46 -11.63
CA VAL B 49 -19.42 33.13 -11.92
C VAL B 49 -20.12 32.60 -10.67
N GLU B 50 -21.41 32.30 -10.81
CA GLU B 50 -22.18 31.74 -9.71
C GLU B 50 -22.18 30.23 -9.83
N VAL B 51 -21.62 29.57 -8.82
CA VAL B 51 -21.50 28.11 -8.76
C VAL B 51 -22.28 27.61 -7.56
N THR B 52 -23.11 26.60 -7.78
CA THR B 52 -23.80 25.91 -6.70
C THR B 52 -23.08 24.60 -6.42
N VAL B 53 -22.68 24.41 -5.17
CA VAL B 53 -21.89 23.26 -4.73
C VAL B 53 -22.73 22.44 -3.77
N GLY B 54 -22.84 21.15 -4.03
CA GLY B 54 -23.50 20.23 -3.11
C GLY B 54 -22.63 19.01 -2.91
N LEU B 55 -22.66 18.50 -1.68
CA LEU B 55 -21.89 17.33 -1.29
C LEU B 55 -22.84 16.18 -1.03
N GLN B 56 -22.57 15.03 -1.66
CA GLN B 56 -23.28 13.79 -1.38
C GLN B 56 -22.29 12.81 -0.75
N LEU B 57 -22.63 12.33 0.44
CA LEU B 57 -21.77 11.39 1.17
C LEU B 57 -22.24 9.97 0.88
N ILE B 58 -21.44 9.21 0.14
CA ILE B 58 -21.78 7.84 -0.19
C ILE B 58 -21.36 6.88 0.93
N GLN B 59 -20.17 7.05 1.48
CA GLN B 59 -19.66 6.13 2.49
C GLN B 59 -18.64 6.82 3.36
N LEU B 60 -18.72 6.58 4.67
CA LEU B 60 -17.67 6.95 5.62
C LEU B 60 -16.72 5.78 5.70
N ILE B 61 -15.62 5.84 4.95
CA ILE B 61 -14.75 4.68 4.81
C ILE B 61 -14.03 4.38 6.11
N ASN B 62 -13.44 5.39 6.74
CA ASN B 62 -12.68 5.10 7.96
C ASN B 62 -12.35 6.39 8.70
N VAL B 63 -12.25 6.27 10.03
CA VAL B 63 -11.77 7.33 10.90
C VAL B 63 -10.47 6.84 11.53
N ASP B 64 -9.35 7.50 11.19
CA ASP B 64 -8.03 7.20 11.72
C ASP B 64 -7.81 8.18 12.86
N GLU B 65 -7.91 7.68 14.10
CA GLU B 65 -7.81 8.54 15.27
C GLU B 65 -6.38 8.97 15.55
N VAL B 66 -5.40 8.12 15.22
CA VAL B 66 -4.00 8.47 15.49
C VAL B 66 -3.58 9.64 14.61
N ASN B 67 -3.68 9.48 13.29
CA ASN B 67 -3.29 10.54 12.37
C ASN B 67 -4.39 11.57 12.17
N GLN B 68 -5.57 11.38 12.76
CA GLN B 68 -6.64 12.37 12.73
C GLN B 68 -7.14 12.61 11.30
N ILE B 69 -7.40 11.52 10.57
CA ILE B 69 -7.81 11.64 9.13
C ILE B 69 -9.10 10.88 8.88
N VAL B 70 -10.16 11.57 8.47
CA VAL B 70 -11.45 10.93 8.11
C VAL B 70 -11.44 10.68 6.60
N THR B 71 -11.53 9.42 6.18
CA THR B 71 -11.60 9.06 4.75
C THR B 71 -13.07 8.80 4.41
N THR B 72 -13.57 9.41 3.34
CA THR B 72 -14.96 9.27 2.91
C THR B 72 -15.00 9.19 1.39
N ASN B 73 -16.05 8.54 0.89
CA ASN B 73 -16.38 8.52 -0.53
C ASN B 73 -17.51 9.50 -0.76
N VAL B 74 -17.32 10.44 -1.70
CA VAL B 74 -18.25 11.54 -1.90
C VAL B 74 -18.48 11.78 -3.39
N ARG B 75 -19.58 12.47 -3.68
CA ARG B 75 -19.88 13.03 -4.99
C ARG B 75 -20.03 14.53 -4.84
N LEU B 76 -19.28 15.30 -5.64
CA LEU B 76 -19.22 16.75 -5.48
C LEU B 76 -19.99 17.41 -6.62
N LYS B 77 -21.30 17.54 -6.44
CA LYS B 77 -22.14 18.12 -7.48
C LYS B 77 -21.86 19.61 -7.61
N GLN B 78 -21.52 20.05 -8.82
CA GLN B 78 -21.23 21.44 -9.13
C GLN B 78 -22.09 21.87 -10.30
N GLN B 79 -22.82 22.97 -10.11
CA GLN B 79 -23.76 23.48 -11.10
C GLN B 79 -23.42 24.92 -11.44
N TRP B 80 -23.31 25.22 -12.73
CA TRP B 80 -23.07 26.61 -13.11
C TRP B 80 -23.44 26.81 -14.58
N VAL B 81 -23.70 28.06 -14.93
CA VAL B 81 -24.06 28.43 -16.30
C VAL B 81 -22.80 28.85 -17.05
N ASP B 82 -22.60 28.25 -18.23
CA ASP B 82 -21.58 28.69 -19.18
C ASP B 82 -22.27 29.56 -20.22
N TYR B 83 -21.85 30.83 -20.30
CA TYR B 83 -22.53 31.78 -21.18
C TYR B 83 -22.41 31.38 -22.65
N ASN B 84 -21.25 30.88 -23.06
CA ASN B 84 -20.99 30.62 -24.46
C ASN B 84 -21.48 29.26 -24.93
N LEU B 85 -21.84 28.35 -24.02
CA LEU B 85 -22.28 27.00 -24.39
C LEU B 85 -23.80 26.90 -24.40
N LYS B 86 -24.43 27.77 -25.20
CA LYS B 86 -25.88 27.79 -25.38
C LYS B 86 -26.22 27.55 -26.84
N TRP B 87 -27.40 26.99 -27.08
CA TRP B 87 -27.88 26.76 -28.43
C TRP B 87 -29.39 26.70 -28.45
N ASN B 88 -29.95 26.86 -29.65
CA ASN B 88 -31.38 26.68 -29.87
C ASN B 88 -31.63 25.22 -30.28
N PRO B 89 -32.42 24.45 -29.52
CA PRO B 89 -32.63 23.04 -29.91
C PRO B 89 -33.25 22.89 -31.30
N ASP B 90 -34.11 23.81 -31.71
CA ASP B 90 -34.77 23.71 -33.02
C ASP B 90 -33.77 23.70 -34.16
N ASP B 91 -32.64 24.39 -33.99
CA ASP B 91 -31.60 24.42 -35.01
C ASP B 91 -30.78 23.14 -35.07
N TYR B 92 -30.96 22.22 -34.12
CA TYR B 92 -30.13 21.02 -34.02
C TYR B 92 -30.98 19.79 -33.73
N GLY B 93 -32.11 19.67 -34.45
CA GLY B 93 -32.93 18.47 -34.37
C GLY B 93 -33.52 18.19 -33.01
N GLY B 94 -33.80 19.23 -32.23
CA GLY B 94 -34.40 19.05 -30.92
C GLY B 94 -33.47 18.57 -29.83
N VAL B 95 -32.16 18.55 -30.07
CA VAL B 95 -31.21 18.18 -29.03
C VAL B 95 -31.25 19.24 -27.93
N LYS B 96 -31.69 18.83 -26.73
CA LYS B 96 -31.80 19.73 -25.60
C LYS B 96 -30.68 19.59 -24.58
N LYS B 97 -30.00 18.45 -24.53
CA LYS B 97 -28.89 18.24 -23.62
C LYS B 97 -27.86 17.35 -24.28
N ILE B 98 -26.60 17.50 -23.85
CA ILE B 98 -25.50 16.69 -24.35
C ILE B 98 -24.57 16.38 -23.18
N HIS B 99 -23.67 15.44 -23.41
CA HIS B 99 -22.65 15.04 -22.45
C HIS B 99 -21.28 15.40 -23.02
N ILE B 100 -20.53 16.20 -22.27
CA ILE B 100 -19.27 16.77 -22.74
C ILE B 100 -18.16 16.34 -21.80
N PRO B 101 -16.96 15.98 -22.26
CA PRO B 101 -15.86 15.73 -21.31
C PRO B 101 -15.55 16.98 -20.50
N SER B 102 -15.37 16.80 -19.19
CA SER B 102 -15.16 17.94 -18.31
C SER B 102 -13.83 18.63 -18.60
N GLU B 103 -12.84 17.90 -19.11
CA GLU B 103 -11.55 18.50 -19.43
C GLU B 103 -11.65 19.57 -20.51
N LYS B 104 -12.69 19.53 -21.35
CA LYS B 104 -12.78 20.44 -22.48
C LYS B 104 -13.27 21.83 -22.10
N ILE B 105 -13.87 21.98 -20.92
CA ILE B 105 -14.52 23.22 -20.52
C ILE B 105 -13.84 23.80 -19.28
N TRP B 106 -14.08 25.09 -19.05
CA TRP B 106 -13.72 25.70 -17.78
C TRP B 106 -14.50 25.04 -16.66
N ARG B 107 -13.85 24.89 -15.51
CA ARG B 107 -14.46 24.33 -14.32
C ARG B 107 -14.01 25.15 -13.11
N PRO B 108 -14.79 25.16 -12.03
CA PRO B 108 -14.25 25.67 -10.77
C PRO B 108 -13.22 24.71 -10.20
N ASP B 109 -12.18 25.29 -9.59
CA ASP B 109 -11.07 24.50 -9.04
C ASP B 109 -11.28 24.28 -7.55
N LEU B 110 -12.36 23.58 -7.23
CA LEU B 110 -12.67 23.28 -5.84
C LEU B 110 -11.58 22.41 -5.23
N VAL B 111 -11.17 22.79 -4.03
CA VAL B 111 -10.13 22.09 -3.27
C VAL B 111 -10.64 21.88 -1.85
N LEU B 112 -10.38 20.70 -1.31
CA LEU B 112 -10.59 20.39 0.10
C LEU B 112 -9.45 21.03 0.87
N TYR B 113 -9.72 22.18 1.49
CA TYR B 113 -8.65 22.95 2.13
C TYR B 113 -8.00 22.20 3.27
N ASN B 114 -8.79 21.41 4.02
CA ASN B 114 -8.30 20.65 5.15
C ASN B 114 -7.99 19.21 4.77
N ASN B 115 -7.55 18.97 3.54
CA ASN B 115 -7.13 17.65 3.12
C ASN B 115 -5.93 17.20 3.95
N ALA B 116 -5.99 15.96 4.43
CA ALA B 116 -4.91 15.44 5.27
C ALA B 116 -3.75 14.91 4.43
N ASP B 117 -3.98 13.81 3.71
CA ASP B 117 -2.94 13.22 2.87
C ASP B 117 -3.50 12.61 1.58
N GLY B 118 -4.68 13.02 1.15
CA GLY B 118 -5.29 12.55 -0.07
C GLY B 118 -5.12 13.54 -1.22
N ASP B 119 -6.01 13.43 -2.20
CA ASP B 119 -6.03 14.38 -3.31
C ASP B 119 -6.61 15.71 -2.85
N PHE B 120 -6.01 16.80 -3.31
CA PHE B 120 -6.51 18.13 -2.97
C PHE B 120 -7.73 18.50 -3.80
N ALA B 121 -7.74 18.14 -5.08
CA ALA B 121 -8.78 18.52 -6.02
C ALA B 121 -9.41 17.28 -6.63
N ILE B 122 -10.39 17.51 -7.50
CA ILE B 122 -11.00 16.41 -8.25
C ILE B 122 -9.98 15.86 -9.25
N VAL B 123 -9.77 14.54 -9.19
CA VAL B 123 -8.91 13.86 -10.15
C VAL B 123 -9.70 12.98 -11.11
N LYS B 124 -10.97 12.67 -10.82
CA LYS B 124 -11.83 11.88 -11.69
C LYS B 124 -12.63 12.84 -12.55
N PHE B 125 -12.20 13.02 -13.80
CA PHE B 125 -12.80 14.02 -14.69
C PHE B 125 -13.87 13.33 -15.54
N THR B 126 -15.01 13.10 -14.91
CA THR B 126 -16.17 12.51 -15.58
C THR B 126 -16.81 13.55 -16.50
N LYS B 127 -17.81 13.10 -17.26
CA LYS B 127 -18.48 13.98 -18.21
C LYS B 127 -19.48 14.88 -17.50
N VAL B 128 -19.67 16.07 -18.06
CA VAL B 128 -20.63 17.05 -17.60
C VAL B 128 -21.89 16.93 -18.46
N LEU B 129 -23.04 17.16 -17.84
CA LEU B 129 -24.31 17.28 -18.54
C LEU B 129 -24.56 18.75 -18.85
N LEU B 130 -24.57 19.09 -20.14
CA LEU B 130 -24.76 20.46 -20.61
C LEU B 130 -26.13 20.59 -21.26
N GLN B 131 -26.95 21.49 -20.73
CA GLN B 131 -28.25 21.80 -21.29
C GLN B 131 -28.13 22.92 -22.34
N TYR B 132 -29.18 23.08 -23.14
CA TYR B 132 -29.19 24.12 -24.17
C TYR B 132 -29.18 25.52 -23.58
N THR B 133 -29.59 25.68 -22.32
CA THR B 133 -29.56 26.99 -21.68
C THR B 133 -28.16 27.40 -21.22
N GLY B 134 -27.15 26.57 -21.44
CA GLY B 134 -25.83 26.79 -20.90
C GLY B 134 -25.62 26.26 -19.51
N HIS B 135 -26.63 25.64 -18.91
CA HIS B 135 -26.48 25.08 -17.57
C HIS B 135 -25.64 23.81 -17.64
N ILE B 136 -24.69 23.69 -16.73
CA ILE B 136 -23.79 22.56 -16.62
C ILE B 136 -23.98 21.96 -15.23
N THR B 137 -24.17 20.65 -15.17
CA THR B 137 -24.10 19.86 -13.95
C THR B 137 -22.94 18.88 -14.08
N TRP B 138 -22.04 18.89 -13.11
CA TRP B 138 -20.88 18.00 -13.07
C TRP B 138 -20.82 17.38 -11.70
N THR B 139 -20.87 16.04 -11.63
CA THR B 139 -21.00 15.30 -10.38
C THR B 139 -19.87 14.29 -10.27
N PRO B 140 -18.62 14.76 -10.13
CA PRO B 140 -17.50 13.82 -10.07
C PRO B 140 -17.48 13.07 -8.76
N PRO B 141 -16.95 11.85 -8.74
CA PRO B 141 -16.68 11.17 -7.47
C PRO B 141 -15.30 11.53 -6.94
N ALA B 142 -15.15 11.37 -5.64
CA ALA B 142 -13.88 11.64 -5.00
C ALA B 142 -13.77 10.83 -3.72
N ILE B 143 -12.54 10.55 -3.33
CA ILE B 143 -12.24 10.04 -2.00
C ILE B 143 -11.58 11.19 -1.25
N PHE B 144 -12.31 11.75 -0.29
CA PHE B 144 -11.81 12.85 0.52
C PHE B 144 -11.12 12.27 1.76
N LYS B 145 -9.88 12.69 1.98
CA LYS B 145 -9.14 12.40 3.21
C LYS B 145 -8.92 13.73 3.91
N SER B 146 -9.76 14.03 4.91
CA SER B 146 -9.76 15.34 5.59
C SER B 146 -9.12 15.25 6.98
N TYR B 147 -8.50 16.32 7.45
CA TYR B 147 -7.86 16.37 8.79
C TYR B 147 -8.95 16.78 9.79
N CYS B 148 -9.23 15.95 10.79
CA CYS B 148 -10.29 16.19 11.81
C CYS B 148 -9.69 16.14 13.21
N GLU B 149 -9.81 17.21 14.00
CA GLU B 149 -9.34 17.19 15.41
C GLU B 149 -10.11 16.08 16.13
N ILE B 150 -9.43 15.04 16.61
CA ILE B 150 -10.10 13.88 17.27
C ILE B 150 -9.99 14.05 18.79
N ILE B 151 -11.11 14.24 19.50
CA ILE B 151 -11.13 14.30 20.96
C ILE B 151 -11.33 12.88 21.46
N VAL B 152 -10.31 12.35 22.13
CA VAL B 152 -10.32 10.95 22.58
C VAL B 152 -10.67 10.84 24.07
N THR B 153 -11.18 11.92 24.68
CA THR B 153 -11.42 11.90 26.13
C THR B 153 -12.44 10.83 26.51
N HIS B 154 -13.53 10.72 25.76
CA HIS B 154 -14.62 9.81 26.07
C HIS B 154 -14.57 8.52 25.24
N PHE B 155 -13.46 8.27 24.54
CA PHE B 155 -13.33 7.05 23.75
C PHE B 155 -13.46 5.83 24.67
N PRO B 156 -14.20 4.77 24.26
CA PRO B 156 -14.89 4.53 22.98
C PRO B 156 -16.30 5.09 22.91
N PHE B 157 -16.74 5.88 23.89
CA PHE B 157 -18.06 6.51 23.88
C PHE B 157 -17.98 7.95 23.37
N ASP B 158 -17.05 8.20 22.45
CA ASP B 158 -16.73 9.55 22.04
C ASP B 158 -17.64 10.01 20.89
N GLU B 159 -17.77 11.32 20.74
CA GLU B 159 -18.54 11.94 19.62
C GLU B 159 -17.55 12.83 18.86
N GLN B 160 -17.45 12.72 17.53
CA GLN B 160 -16.44 13.46 16.72
C GLN B 160 -17.08 14.34 15.65
N ASN B 161 -16.86 15.66 15.68
CA ASN B 161 -17.40 16.62 14.68
C ASN B 161 -16.32 16.87 13.63
N CYS B 162 -16.39 16.22 12.46
CA CYS B 162 -15.37 16.32 11.39
C CYS B 162 -15.88 17.15 10.21
N SER B 163 -15.11 18.12 9.72
CA SER B 163 -15.53 19.07 8.68
C SER B 163 -14.87 18.76 7.34
N MET B 164 -15.36 19.37 6.27
CA MET B 164 -14.77 19.24 4.91
C MET B 164 -14.83 20.65 4.33
N LYS B 165 -13.75 21.41 4.39
CA LYS B 165 -13.72 22.80 3.95
C LYS B 165 -13.39 22.83 2.47
N LEU B 166 -14.34 23.32 1.66
CA LEU B 166 -14.22 23.35 0.21
C LEU B 166 -14.18 24.79 -0.27
N GLY B 167 -13.29 25.06 -1.22
CA GLY B 167 -13.24 26.40 -1.79
C GLY B 167 -12.50 26.40 -3.10
N THR B 168 -12.75 27.45 -3.89
CA THR B 168 -12.01 27.66 -5.12
C THR B 168 -10.59 28.10 -4.77
N TRP B 169 -9.60 27.30 -5.17
CA TRP B 169 -8.24 27.50 -4.69
C TRP B 169 -7.65 28.82 -5.19
N THR B 170 -7.83 29.12 -6.48
CA THR B 170 -7.17 30.26 -7.13
C THR B 170 -8.11 31.41 -7.46
N TYR B 171 -9.42 31.25 -7.30
CA TYR B 171 -10.39 32.30 -7.57
C TYR B 171 -10.95 32.83 -6.27
N ASP B 172 -10.96 34.15 -6.12
CA ASP B 172 -11.57 34.80 -4.96
C ASP B 172 -13.05 35.06 -5.23
N GLY B 173 -13.73 35.56 -4.19
CA GLY B 173 -15.16 35.77 -4.26
C GLY B 173 -15.58 36.83 -5.27
N SER B 174 -14.67 37.74 -5.65
CA SER B 174 -15.01 38.79 -6.59
C SER B 174 -15.09 38.30 -8.04
N VAL B 175 -14.58 37.10 -8.33
CA VAL B 175 -14.58 36.54 -9.68
C VAL B 175 -15.42 35.26 -9.76
N VAL B 176 -15.36 34.41 -8.74
CA VAL B 176 -16.15 33.18 -8.68
C VAL B 176 -16.81 33.12 -7.31
N ALA B 177 -18.13 32.95 -7.30
CA ALA B 177 -18.91 32.82 -6.08
C ALA B 177 -19.49 31.41 -5.98
N ILE B 178 -19.32 30.79 -4.81
CA ILE B 178 -19.84 29.46 -4.54
C ILE B 178 -20.97 29.59 -3.54
N ASN B 179 -22.04 28.82 -3.75
CA ASN B 179 -23.20 28.81 -2.89
C ASN B 179 -23.59 27.37 -2.56
N PRO B 180 -24.09 27.08 -1.35
CA PRO B 180 -24.50 25.71 -1.07
C PRO B 180 -25.79 25.36 -1.81
N GLU B 181 -25.83 24.13 -2.35
CA GLU B 181 -27.06 23.63 -2.96
C GLU B 181 -28.15 23.44 -1.91
N SER B 182 -27.78 23.05 -0.70
CA SER B 182 -28.73 22.76 0.36
C SER B 182 -28.12 23.12 1.69
N ASP B 183 -28.96 23.21 2.71
CA ASP B 183 -28.47 23.45 4.07
C ASP B 183 -27.71 22.27 4.63
N GLN B 184 -27.98 21.06 4.15
CA GLN B 184 -27.39 19.83 4.66
C GLN B 184 -26.74 19.05 3.52
N PRO B 185 -25.73 18.21 3.81
CA PRO B 185 -25.24 17.29 2.79
C PRO B 185 -26.29 16.26 2.44
N ASP B 186 -26.24 15.79 1.19
CA ASP B 186 -27.17 14.77 0.71
C ASP B 186 -26.69 13.41 1.20
N LEU B 187 -27.50 12.79 2.06
CA LEU B 187 -27.21 11.47 2.62
C LEU B 187 -28.18 10.41 2.10
N SER B 188 -28.89 10.69 1.01
CA SER B 188 -29.91 9.77 0.50
C SER B 188 -29.30 8.44 0.06
N ASN B 189 -28.10 8.46 -0.50
CA ASN B 189 -27.40 7.25 -0.95
C ASN B 189 -26.27 6.85 -0.01
N PHE B 190 -26.40 7.15 1.28
CA PHE B 190 -25.34 6.86 2.24
C PHE B 190 -25.39 5.38 2.64
N MET B 191 -24.25 4.71 2.50
CA MET B 191 -24.13 3.33 2.95
C MET B 191 -23.96 3.28 4.46
N GLU B 192 -24.58 2.28 5.08
CA GLU B 192 -24.53 2.15 6.53
C GLU B 192 -23.09 1.90 6.99
N SER B 193 -22.70 2.59 8.04
CA SER B 193 -21.39 2.41 8.66
C SER B 193 -21.51 1.43 9.82
N GLY B 194 -20.56 0.50 9.90
CA GLY B 194 -20.50 -0.45 10.99
C GLY B 194 -19.76 0.05 12.22
N GLU B 195 -19.34 1.31 12.24
CA GLU B 195 -18.57 1.86 13.35
C GLU B 195 -19.05 3.22 13.84
N TRP B 196 -19.82 3.96 13.05
CA TRP B 196 -20.21 5.33 13.39
C TRP B 196 -21.66 5.58 12.99
N VAL B 197 -22.28 6.52 13.69
CA VAL B 197 -23.63 6.97 13.39
C VAL B 197 -23.58 8.49 13.23
N ILE B 198 -24.03 8.98 12.07
CA ILE B 198 -24.04 10.42 11.80
C ILE B 198 -25.30 11.01 12.41
N LYS B 199 -25.16 11.67 13.56
CA LYS B 199 -26.30 12.26 14.24
C LYS B 199 -26.75 13.56 13.59
N GLU B 200 -25.82 14.34 13.06
CA GLU B 200 -26.14 15.65 12.50
C GLU B 200 -25.12 15.98 11.41
N SER B 201 -25.59 16.66 10.38
CA SER B 201 -24.75 17.08 9.27
C SER B 201 -25.28 18.41 8.77
N ARG B 202 -24.37 19.29 8.34
CA ARG B 202 -24.81 20.62 7.94
C ARG B 202 -23.68 21.33 7.20
N GLY B 203 -24.07 22.15 6.23
CA GLY B 203 -23.13 22.97 5.46
C GLY B 203 -23.31 24.45 5.74
N TRP B 204 -22.19 25.17 5.85
CA TRP B 204 -22.19 26.60 6.12
C TRP B 204 -21.25 27.31 5.16
N LYS B 205 -21.73 28.39 4.55
CA LYS B 205 -20.89 29.25 3.72
C LYS B 205 -20.26 30.33 4.57
N HIS B 206 -18.99 30.61 4.31
CA HIS B 206 -18.22 31.63 5.02
C HIS B 206 -17.49 32.51 4.02
N SER B 207 -17.38 33.80 4.37
CA SER B 207 -16.64 34.78 3.60
C SER B 207 -15.69 35.51 4.53
N VAL B 208 -14.40 35.51 4.18
CA VAL B 208 -13.36 36.12 4.99
C VAL B 208 -12.65 37.17 4.14
N THR B 209 -12.52 38.37 4.68
CA THR B 209 -11.85 39.49 4.02
C THR B 209 -10.65 39.89 4.85
N TYR B 210 -9.46 39.83 4.25
CA TYR B 210 -8.26 40.29 4.93
C TYR B 210 -8.09 41.80 4.75
N SER B 211 -7.46 42.43 5.74
CA SER B 211 -7.28 43.88 5.70
C SER B 211 -6.42 44.31 4.52
N CYS B 212 -5.41 43.49 4.17
CA CYS B 212 -4.54 43.81 3.05
C CYS B 212 -5.24 43.64 1.70
N CYS B 213 -6.38 42.92 1.69
CA CYS B 213 -7.16 42.65 0.46
C CYS B 213 -8.65 42.91 0.74
N PRO B 214 -9.09 44.18 0.85
CA PRO B 214 -10.49 44.50 1.21
C PRO B 214 -11.49 44.39 0.06
N ASP B 215 -11.04 44.10 -1.17
CA ASP B 215 -11.91 44.03 -2.37
C ASP B 215 -12.09 42.58 -2.83
N THR B 216 -11.20 41.66 -2.44
CA THR B 216 -11.24 40.27 -2.88
C THR B 216 -11.60 39.38 -1.70
N PRO B 217 -12.88 39.22 -1.36
CA PRO B 217 -13.23 38.28 -0.29
C PRO B 217 -12.94 36.85 -0.70
N TYR B 218 -12.64 36.02 0.29
CA TYR B 218 -12.34 34.60 0.08
C TYR B 218 -13.46 33.78 0.67
N LEU B 219 -14.07 32.94 -0.17
CA LEU B 219 -15.26 32.19 0.18
C LEU B 219 -14.92 30.73 0.41
N ASP B 220 -15.73 30.08 1.23
CA ASP B 220 -15.63 28.64 1.42
C ASP B 220 -16.98 28.10 1.85
N ILE B 221 -17.17 26.81 1.64
CA ILE B 221 -18.31 26.07 2.17
C ILE B 221 -17.77 24.94 3.00
N THR B 222 -18.12 24.90 4.29
CA THR B 222 -17.61 23.87 5.22
C THR B 222 -18.75 22.91 5.59
N TYR B 223 -18.66 21.65 5.17
CA TYR B 223 -19.65 20.61 5.50
C TYR B 223 -19.16 19.88 6.76
N HIS B 224 -19.90 19.93 7.86
CA HIS B 224 -19.53 19.27 9.13
C HIS B 224 -20.41 18.03 9.33
N PHE B 225 -19.92 17.02 10.04
CA PHE B 225 -20.67 15.78 10.32
C PHE B 225 -20.43 15.37 11.78
N VAL B 226 -21.41 15.54 12.66
CA VAL B 226 -21.30 15.07 14.07
C VAL B 226 -21.48 13.56 14.02
N MET B 227 -20.56 12.78 14.60
CA MET B 227 -20.57 11.30 14.50
C MET B 227 -20.35 10.67 15.87
N GLN B 228 -21.19 9.71 16.26
CA GLN B 228 -21.04 8.98 17.51
C GLN B 228 -20.50 7.59 17.20
N ARG B 229 -19.42 7.21 17.88
CA ARG B 229 -18.87 5.89 17.71
C ARG B 229 -19.84 4.84 18.24
N LEU B 230 -19.91 3.70 17.54
CA LEU B 230 -20.61 2.54 18.06
C LEU B 230 -19.66 1.77 18.96
N PRO B 231 -19.86 1.71 20.28
CA PRO B 231 -18.82 1.19 21.17
C PRO B 231 -18.87 -0.31 21.46
N LEU B 232 -19.70 -1.07 20.76
CA LEU B 232 -19.89 -2.48 21.13
C LEU B 232 -18.61 -3.29 20.97
N TYR B 233 -17.87 -3.05 19.89
CA TYR B 233 -16.62 -3.77 19.66
C TYR B 233 -15.64 -3.55 20.80
N PHE B 234 -15.46 -2.29 21.22
CA PHE B 234 -14.53 -1.99 22.30
C PHE B 234 -15.05 -2.45 23.65
N ILE B 235 -16.36 -2.41 23.85
CA ILE B 235 -16.93 -2.93 25.09
C ILE B 235 -16.62 -4.43 25.21
N VAL B 236 -16.86 -5.17 24.14
CA VAL B 236 -16.71 -6.62 24.20
C VAL B 236 -15.23 -7.00 24.30
N ASN B 237 -14.38 -6.38 23.48
CA ASN B 237 -13.01 -6.84 23.35
C ASN B 237 -12.04 -6.22 24.35
N VAL B 238 -12.37 -5.07 24.93
CA VAL B 238 -11.46 -4.34 25.82
C VAL B 238 -12.03 -4.23 27.23
N ILE B 239 -13.24 -3.68 27.37
CA ILE B 239 -13.74 -3.33 28.69
C ILE B 239 -14.02 -4.57 29.53
N ILE B 240 -14.67 -5.57 28.94
CA ILE B 240 -15.08 -6.75 29.73
C ILE B 240 -13.89 -7.53 30.27
N PRO B 241 -12.85 -7.83 29.47
CA PRO B 241 -11.67 -8.47 30.08
C PRO B 241 -11.02 -7.67 31.19
N CYS B 242 -10.97 -6.34 31.05
CA CYS B 242 -10.44 -5.50 32.12
C CYS B 242 -11.30 -5.62 33.38
N LEU B 243 -12.62 -5.65 33.20
CA LEU B 243 -13.52 -5.81 34.34
C LEU B 243 -13.30 -7.16 35.02
N LEU B 244 -13.10 -8.21 34.23
CA LEU B 244 -12.84 -9.53 34.80
C LEU B 244 -11.53 -9.54 35.58
N PHE B 245 -10.48 -8.91 35.04
CA PHE B 245 -9.22 -8.83 35.77
C PHE B 245 -9.38 -8.05 37.07
N SER B 246 -10.13 -6.95 37.02
CA SER B 246 -10.38 -6.15 38.21
C SER B 246 -11.10 -6.96 39.27
N PHE B 247 -12.10 -7.75 38.86
CA PHE B 247 -12.81 -8.62 39.80
C PHE B 247 -11.89 -9.69 40.37
N LEU B 248 -11.06 -10.30 39.51
CA LEU B 248 -10.16 -11.35 39.98
C LEU B 248 -9.09 -10.82 40.92
N THR B 249 -8.80 -9.52 40.85
CA THR B 249 -7.80 -8.93 41.72
C THR B 249 -8.14 -9.13 43.19
N GLY B 250 -9.39 -8.88 43.58
CA GLY B 250 -9.76 -8.93 44.98
C GLY B 250 -9.85 -10.32 45.56
N LEU B 251 -9.95 -11.35 44.71
CA LEU B 251 -10.18 -12.70 45.22
C LEU B 251 -8.99 -13.28 45.96
N VAL B 252 -7.79 -12.71 45.78
CA VAL B 252 -6.62 -13.20 46.52
C VAL B 252 -6.82 -13.02 48.02
N PHE B 253 -7.58 -12.00 48.42
CA PHE B 253 -7.75 -11.72 49.84
C PHE B 253 -8.71 -12.67 50.53
N TYR B 254 -9.48 -13.47 49.77
CA TYR B 254 -10.22 -14.60 50.34
C TYR B 254 -9.46 -15.91 50.26
N LEU B 255 -8.31 -15.95 49.60
CA LEU B 255 -7.49 -17.15 49.59
C LEU B 255 -6.78 -17.30 50.92
N PRO B 256 -6.76 -18.49 51.54
CA PRO B 256 -5.92 -18.67 52.73
C PRO B 256 -4.45 -18.55 52.37
N THR B 257 -3.67 -18.06 53.34
CA THR B 257 -2.22 -18.00 53.15
C THR B 257 -1.62 -19.40 53.07
N ASP B 258 -2.15 -20.34 53.85
CA ASP B 258 -1.65 -21.71 53.84
C ASP B 258 -1.90 -22.43 52.52
N SER B 259 -2.77 -21.89 51.65
CA SER B 259 -2.95 -22.48 50.33
C SER B 259 -1.68 -22.44 49.49
N GLY B 260 -0.79 -21.48 49.75
CA GLY B 260 0.43 -21.37 48.96
C GLY B 260 0.17 -21.03 47.51
N GLU B 261 -0.89 -20.25 47.25
CA GLU B 261 -1.29 -19.91 45.88
C GLU B 261 -1.70 -18.45 45.72
N LYS B 262 -1.55 -17.62 46.76
CA LYS B 262 -1.95 -16.21 46.65
C LYS B 262 -1.11 -15.49 45.60
N MET B 263 0.22 -15.64 45.68
CA MET B 263 1.08 -14.96 44.72
C MET B 263 0.87 -15.52 43.32
N THR B 264 0.59 -16.83 43.22
CA THR B 264 0.24 -17.42 41.93
C THR B 264 -0.95 -16.70 41.30
N LEU B 265 -2.03 -16.53 42.06
CA LEU B 265 -3.22 -15.87 41.55
C LEU B 265 -2.94 -14.43 41.15
N SER B 266 -2.35 -13.65 42.07
CA SER B 266 -2.15 -12.23 41.80
C SER B 266 -1.18 -12.02 40.64
N ILE B 267 -0.07 -12.76 40.61
CA ILE B 267 0.91 -12.58 39.56
C ILE B 267 0.37 -13.07 38.22
N SER B 268 -0.46 -14.11 38.23
CA SER B 268 -1.07 -14.56 36.99
C SER B 268 -2.05 -13.52 36.46
N VAL B 269 -2.78 -12.85 37.34
CA VAL B 269 -3.65 -11.76 36.91
C VAL B 269 -2.81 -10.64 36.30
N LEU B 270 -1.68 -10.31 36.95
CA LEU B 270 -0.81 -9.27 36.41
C LEU B 270 -0.25 -9.67 35.04
N LEU B 271 0.12 -10.94 34.89
CA LEU B 271 0.61 -11.42 33.59
C LEU B 271 -0.48 -11.37 32.53
N SER B 272 -1.71 -11.69 32.91
CA SER B 272 -2.83 -11.59 31.98
C SER B 272 -3.01 -10.15 31.52
N LEU B 273 -2.93 -9.20 32.46
CA LEU B 273 -3.04 -7.79 32.08
C LEU B 273 -1.89 -7.36 31.18
N THR B 274 -0.69 -7.84 31.48
CA THR B 274 0.47 -7.49 30.66
C THR B 274 0.35 -8.02 29.24
N VAL B 275 -0.13 -9.26 29.09
CA VAL B 275 -0.40 -9.78 27.75
C VAL B 275 -1.51 -8.99 27.08
N PHE B 276 -2.52 -8.58 27.87
CA PHE B 276 -3.64 -7.81 27.36
C PHE B 276 -3.22 -6.44 26.87
N LEU B 277 -2.10 -5.90 27.36
CA LEU B 277 -1.61 -4.62 26.87
C LEU B 277 -1.34 -4.67 25.36
N LEU B 278 -0.94 -5.83 24.84
CA LEU B 278 -0.78 -5.99 23.40
C LEU B 278 -2.10 -5.70 22.67
N VAL B 279 -3.18 -6.33 23.15
CA VAL B 279 -4.50 -6.12 22.55
C VAL B 279 -4.88 -4.65 22.65
N ILE B 280 -4.65 -4.06 23.82
CA ILE B 280 -5.11 -2.69 24.04
C ILE B 280 -4.37 -1.74 23.10
N VAL B 281 -3.03 -1.82 23.07
CA VAL B 281 -2.28 -0.85 22.27
C VAL B 281 -2.56 -1.05 20.78
N GLU B 282 -2.75 -2.30 20.33
CA GLU B 282 -3.07 -2.46 18.92
C GLU B 282 -4.47 -1.93 18.60
N LEU B 283 -5.40 -1.97 19.57
CA LEU B 283 -6.78 -1.53 19.31
C LEU B 283 -7.01 -0.07 19.71
N ILE B 284 -6.29 0.43 20.70
CA ILE B 284 -6.48 1.80 21.20
C ILE B 284 -5.69 2.74 20.30
N PRO B 285 -6.11 3.98 20.08
CA PRO B 285 -5.30 4.88 19.25
C PRO B 285 -4.15 5.50 20.04
N SER B 286 -2.98 5.52 19.42
CA SER B 286 -1.75 5.99 20.07
C SER B 286 -1.59 7.49 19.83
N THR B 287 -2.34 8.27 20.62
CA THR B 287 -2.27 9.72 20.60
C THR B 287 -2.12 10.23 22.03
N SER B 288 -1.49 11.41 22.14
CA SER B 288 -1.17 12.01 23.43
C SER B 288 -1.94 13.30 23.68
N SER B 289 -2.98 13.58 22.90
CA SER B 289 -3.79 14.77 23.14
C SER B 289 -4.53 14.67 24.47
N ALA B 290 -4.92 13.46 24.87
CA ALA B 290 -5.58 13.23 26.15
C ALA B 290 -5.53 11.74 26.44
N VAL B 291 -5.83 11.39 27.67
CA VAL B 291 -5.92 9.99 28.10
C VAL B 291 -7.33 9.51 27.81
N PRO B 292 -7.52 8.47 26.99
CA PRO B 292 -8.89 7.95 26.80
C PRO B 292 -9.43 7.32 28.07
N LEU B 293 -10.76 7.26 28.12
CA LEU B 293 -11.44 6.63 29.24
C LEU B 293 -11.00 5.18 29.40
N ILE B 294 -10.82 4.50 28.27
CA ILE B 294 -10.37 3.11 28.27
C ILE B 294 -8.94 3.02 28.81
N GLY B 295 -8.10 4.00 28.48
CA GLY B 295 -6.76 4.02 29.04
C GLY B 295 -6.76 4.27 30.53
N LYS B 296 -7.64 5.15 30.99
CA LYS B 296 -7.78 5.39 32.43
C LYS B 296 -8.19 4.12 33.14
N TYR B 297 -9.14 3.36 32.57
CA TYR B 297 -9.57 2.13 33.21
C TYR B 297 -8.45 1.10 33.23
N MET B 298 -7.69 1.00 32.13
CA MET B 298 -6.57 0.07 32.07
C MET B 298 -5.55 0.40 33.15
N LEU B 299 -5.19 1.69 33.27
CA LEU B 299 -4.22 2.10 34.28
C LEU B 299 -4.74 1.85 35.68
N PHE B 300 -6.04 2.11 35.91
CA PHE B 300 -6.65 1.80 37.20
C PHE B 300 -6.49 0.34 37.56
N THR B 301 -6.86 -0.55 36.63
CA THR B 301 -6.80 -1.99 36.90
C THR B 301 -5.36 -2.43 37.16
N MET B 302 -4.41 -1.94 36.35
CA MET B 302 -3.02 -2.30 36.55
C MET B 302 -2.53 -1.82 37.91
N VAL B 303 -2.81 -0.56 38.25
CA VAL B 303 -2.30 0.02 39.49
C VAL B 303 -2.86 -0.73 40.69
N PHE B 304 -4.13 -1.14 40.63
CA PHE B 304 -4.70 -1.81 41.78
C PHE B 304 -4.38 -3.31 41.84
N VAL B 305 -4.08 -3.96 40.73
CA VAL B 305 -3.49 -5.30 40.81
C VAL B 305 -2.11 -5.22 41.43
N ILE B 306 -1.36 -4.19 41.04
CA ILE B 306 -0.09 -3.86 41.67
C ILE B 306 -0.24 -3.65 43.17
N ALA B 307 -1.21 -2.85 43.58
CA ALA B 307 -1.43 -2.62 45.01
C ALA B 307 -1.81 -3.91 45.72
N SER B 308 -2.63 -4.74 45.08
CA SER B 308 -3.04 -6.01 45.66
C SER B 308 -1.82 -6.91 45.87
N ILE B 309 -0.90 -6.93 44.91
CA ILE B 309 0.31 -7.73 45.07
C ILE B 309 1.14 -7.24 46.25
N ILE B 310 1.32 -5.92 46.37
CA ILE B 310 2.10 -5.37 47.48
C ILE B 310 1.47 -5.76 48.81
N ILE B 311 0.17 -5.51 48.94
CA ILE B 311 -0.50 -5.77 50.20
C ILE B 311 -0.55 -7.27 50.49
N THR B 312 -0.66 -8.11 49.45
CA THR B 312 -0.66 -9.55 49.66
C THR B 312 0.69 -10.03 50.19
N VAL B 313 1.78 -9.46 49.67
CA VAL B 313 3.10 -9.81 50.23
C VAL B 313 3.17 -9.42 51.70
N ILE B 314 2.65 -8.23 52.03
CA ILE B 314 2.66 -7.81 53.44
C ILE B 314 1.83 -8.77 54.28
N VAL B 315 0.67 -9.19 53.78
CA VAL B 315 -0.20 -10.09 54.53
C VAL B 315 0.48 -11.44 54.73
N ILE B 316 1.13 -11.96 53.70
CA ILE B 316 1.82 -13.24 53.82
C ILE B 316 2.96 -13.14 54.83
N ASN B 317 3.69 -12.02 54.80
CA ASN B 317 4.73 -11.81 55.79
C ASN B 317 4.17 -11.81 57.20
N THR B 318 3.02 -11.15 57.40
CA THR B 318 2.38 -11.14 58.71
C THR B 318 1.96 -12.55 59.14
N HIS B 319 1.42 -13.33 58.20
CA HIS B 319 0.86 -14.64 58.54
C HIS B 319 1.94 -15.58 59.08
N HIS B 320 3.15 -15.50 58.56
CA HIS B 320 4.22 -16.43 58.90
C HIS B 320 5.04 -16.02 60.11
N ARG B 321 4.69 -14.91 60.78
CA ARG B 321 5.45 -14.47 61.94
C ARG B 321 5.25 -15.42 63.11
N SER B 322 6.30 -15.56 63.91
CA SER B 322 6.37 -16.50 65.02
C SER B 322 7.19 -15.85 66.12
N PRO B 323 7.09 -16.34 67.36
CA PRO B 323 7.87 -15.70 68.44
C PRO B 323 9.38 -15.86 68.28
N SER B 324 9.82 -16.79 67.42
CA SER B 324 11.24 -16.90 67.10
C SER B 324 11.74 -15.82 66.16
N THR B 325 10.85 -14.99 65.60
CA THR B 325 11.21 -13.92 64.68
C THR B 325 10.74 -12.53 65.12
N HIS B 326 9.54 -12.43 65.70
CA HIS B 326 8.97 -11.15 66.10
C HIS B 326 8.29 -11.29 67.46
N VAL B 327 8.00 -10.14 68.06
CA VAL B 327 7.12 -10.04 69.22
C VAL B 327 5.99 -9.09 68.87
N MET B 328 4.76 -9.53 69.10
CA MET B 328 3.61 -8.77 68.65
C MET B 328 3.47 -7.47 69.43
N PRO B 329 3.41 -6.30 68.79
CA PRO B 329 3.14 -5.08 69.55
C PRO B 329 1.71 -5.06 70.07
N ASN B 330 1.51 -4.27 71.14
CA ASN B 330 0.19 -4.22 71.78
C ASN B 330 -0.85 -3.57 70.88
N TRP B 331 -0.45 -2.58 70.07
CA TRP B 331 -1.43 -1.89 69.24
C TRP B 331 -1.98 -2.80 68.15
N VAL B 332 -1.15 -3.69 67.60
CA VAL B 332 -1.64 -4.68 66.63
C VAL B 332 -2.70 -5.55 67.28
N ARG B 333 -2.42 -6.03 68.49
CA ARG B 333 -3.39 -6.86 69.21
C ARG B 333 -4.69 -6.11 69.42
N LYS B 334 -4.62 -4.87 69.93
CA LYS B 334 -5.83 -4.10 70.20
C LYS B 334 -6.62 -3.86 68.93
N VAL B 335 -5.96 -3.47 67.85
CA VAL B 335 -6.67 -3.10 66.63
C VAL B 335 -7.30 -4.32 65.98
N PHE B 336 -6.53 -5.41 65.85
CA PHE B 336 -6.95 -6.51 64.98
C PHE B 336 -7.62 -7.66 65.71
N ILE B 337 -7.22 -7.96 66.95
CA ILE B 337 -7.82 -9.07 67.68
C ILE B 337 -9.01 -8.65 68.53
N ASP B 338 -9.07 -7.40 68.98
CA ASP B 338 -10.08 -6.95 69.93
C ASP B 338 -11.14 -6.06 69.30
N THR B 339 -10.75 -4.98 68.63
CA THR B 339 -11.74 -3.98 68.20
C THR B 339 -12.43 -4.39 66.91
N ILE B 340 -11.66 -4.73 65.87
CA ILE B 340 -12.25 -4.93 64.54
C ILE B 340 -13.25 -6.08 64.50
N PRO B 341 -12.95 -7.27 65.04
CA PRO B 341 -13.94 -8.36 64.99
C PRO B 341 -15.23 -8.04 65.72
N ASN B 342 -15.21 -7.14 66.70
CA ASN B 342 -16.45 -6.74 67.37
C ASN B 342 -17.38 -5.98 66.44
N ILE B 343 -16.84 -5.35 65.40
CA ILE B 343 -17.64 -4.57 64.45
C ILE B 343 -17.73 -5.34 63.14
N MET B 344 -17.69 -6.67 63.22
CA MET B 344 -17.73 -7.55 62.05
C MET B 344 -18.75 -8.66 62.29
N PHE B 345 -18.83 -9.61 61.36
CA PHE B 345 -19.82 -10.69 61.48
C PHE B 345 -19.60 -11.51 62.74
N PHE B 346 -18.35 -11.60 63.20
CA PHE B 346 -17.94 -12.18 64.48
C PHE B 346 -17.99 -13.71 64.47
N SER B 347 -18.18 -14.35 63.31
CA SER B 347 -18.11 -15.81 63.26
C SER B 347 -16.71 -16.32 63.61
N THR B 348 -15.69 -15.48 63.45
CA THR B 348 -14.31 -15.89 63.67
C THR B 348 -14.01 -16.02 65.16
N MET B 349 -13.22 -17.04 65.52
CA MET B 349 -12.90 -17.30 66.92
C MET B 349 -11.65 -16.50 67.27
N LYS B 350 -11.71 -15.79 68.40
CA LYS B 350 -10.62 -14.92 68.83
C LYS B 350 -9.32 -15.69 69.00
N LEU B 386 16.09 -48.61 92.75
CA LEU B 386 15.49 -47.74 91.75
C LEU B 386 16.05 -46.32 91.87
N ILE B 387 16.24 -45.86 93.11
CA ILE B 387 16.76 -44.52 93.33
C ILE B 387 18.23 -44.44 92.92
N LYS B 388 19.01 -45.49 93.22
CA LYS B 388 20.43 -45.47 92.88
C LYS B 388 20.69 -45.67 91.40
N HIS B 389 19.74 -46.25 90.67
CA HIS B 389 19.98 -46.60 89.28
C HIS B 389 20.00 -45.33 88.42
N PRO B 390 21.04 -45.08 87.61
CA PRO B 390 21.04 -43.85 86.82
C PRO B 390 20.02 -43.84 85.70
N GLU B 391 19.70 -45.01 85.13
CA GLU B 391 18.80 -45.05 83.98
C GLU B 391 17.39 -44.58 84.35
N VAL B 392 16.91 -44.95 85.54
CA VAL B 392 15.57 -44.52 85.95
C VAL B 392 15.53 -43.00 86.10
N LYS B 393 16.57 -42.42 86.72
CA LYS B 393 16.62 -40.96 86.85
C LYS B 393 16.68 -40.29 85.49
N SER B 394 17.48 -40.85 84.58
CA SER B 394 17.56 -40.28 83.23
C SER B 394 16.21 -40.36 82.53
N ALA B 395 15.50 -41.47 82.69
CA ALA B 395 14.18 -41.59 82.09
C ALA B 395 13.20 -40.58 82.68
N ILE B 396 13.24 -40.39 84.00
CA ILE B 396 12.35 -39.43 84.64
C ILE B 396 12.61 -38.03 84.08
N GLU B 397 13.87 -37.59 84.15
CA GLU B 397 14.23 -36.28 83.61
C GLU B 397 13.89 -36.17 82.13
N GLY B 398 13.93 -37.29 81.40
CA GLY B 398 13.53 -37.28 80.02
C GLY B 398 12.05 -36.97 79.83
N ILE B 399 11.18 -37.63 80.60
CA ILE B 399 9.75 -37.34 80.51
C ILE B 399 9.48 -35.88 80.89
N LYS B 400 10.20 -35.37 81.90
CA LYS B 400 10.10 -33.94 82.22
C LYS B 400 10.49 -33.08 81.02
N TYR B 401 11.56 -33.47 80.33
CA TYR B 401 12.02 -32.71 79.17
C TYR B 401 10.98 -32.72 78.06
N ILE B 402 10.37 -33.88 77.79
CA ILE B 402 9.32 -33.95 76.77
C ILE B 402 8.16 -33.04 77.14
N ALA B 403 7.70 -33.11 78.40
CA ALA B 403 6.56 -32.31 78.81
C ALA B 403 6.83 -30.82 78.66
N GLU B 404 8.00 -30.38 79.14
CA GLU B 404 8.34 -28.96 79.06
C GLU B 404 8.51 -28.50 77.62
N THR B 405 9.14 -29.33 76.77
CA THR B 405 9.37 -28.92 75.39
C THR B 405 8.05 -28.80 74.63
N MET B 406 7.13 -29.76 74.81
CA MET B 406 5.84 -29.61 74.15
C MET B 406 5.03 -28.45 74.73
N LYS B 407 5.18 -28.14 76.02
CA LYS B 407 4.50 -26.95 76.54
C LYS B 407 5.02 -25.69 75.86
N SER B 408 6.34 -25.57 75.73
CA SER B 408 6.92 -24.41 75.06
C SER B 408 6.48 -24.35 73.60
N ASP B 409 6.43 -25.50 72.92
CA ASP B 409 5.96 -25.53 71.54
C ASP B 409 4.51 -25.09 71.46
N GLN B 410 3.70 -25.43 72.47
CA GLN B 410 2.31 -24.99 72.49
C GLN B 410 2.22 -23.48 72.62
N GLU B 411 3.05 -22.86 73.47
CA GLU B 411 3.04 -21.41 73.56
C GLU B 411 3.46 -20.78 72.24
N SER B 412 4.49 -21.34 71.61
CA SER B 412 4.93 -20.83 70.30
C SER B 412 3.80 -20.94 69.27
N ASN B 413 3.08 -22.06 69.26
CA ASN B 413 1.98 -22.24 68.35
C ASN B 413 0.86 -21.24 68.62
N ASN B 414 0.60 -20.94 69.89
CA ASN B 414 -0.43 -19.95 70.22
C ASN B 414 -0.05 -18.57 69.68
N ALA B 415 1.21 -18.17 69.86
CA ALA B 415 1.63 -16.87 69.33
C ALA B 415 1.55 -16.84 67.81
N ALA B 416 1.97 -17.94 67.16
CA ALA B 416 1.87 -18.00 65.71
C ALA B 416 0.42 -17.92 65.25
N ALA B 417 -0.49 -18.59 65.96
CA ALA B 417 -1.90 -18.55 65.61
C ALA B 417 -2.45 -17.14 65.77
N GLU B 418 -1.98 -16.40 66.77
CA GLU B 418 -2.38 -15.00 66.89
C GLU B 418 -1.93 -14.18 65.68
N TRP B 419 -0.70 -14.41 65.23
CA TRP B 419 -0.23 -13.72 64.03
C TRP B 419 -1.09 -14.08 62.81
N LYS B 420 -1.42 -15.36 62.69
CA LYS B 420 -2.27 -15.80 61.57
C LYS B 420 -3.65 -15.16 61.64
N TYR B 421 -4.21 -15.04 62.84
CA TYR B 421 -5.50 -14.39 63.01
C TYR B 421 -5.44 -12.93 62.57
N VAL B 422 -4.36 -12.23 62.93
CA VAL B 422 -4.21 -10.84 62.50
C VAL B 422 -4.16 -10.76 60.99
N ALA B 423 -3.38 -11.65 60.35
CA ALA B 423 -3.30 -11.65 58.89
C ALA B 423 -4.65 -11.92 58.25
N MET B 424 -5.42 -12.84 58.83
CA MET B 424 -6.72 -13.19 58.26
C MET B 424 -7.73 -12.05 58.41
N VAL B 425 -7.70 -11.34 59.54
CA VAL B 425 -8.57 -10.17 59.70
C VAL B 425 -8.21 -9.11 58.68
N MET B 426 -6.91 -8.86 58.48
CA MET B 426 -6.48 -7.93 57.44
C MET B 426 -6.97 -8.37 56.07
N ASP B 427 -6.94 -9.68 55.80
CA ASP B 427 -7.40 -10.18 54.51
C ASP B 427 -8.89 -9.93 54.31
N HIS B 428 -9.69 -10.13 55.35
CA HIS B 428 -11.14 -9.86 55.21
C HIS B 428 -11.39 -8.39 54.92
N ILE B 429 -10.73 -7.49 55.67
CA ILE B 429 -10.89 -6.06 55.43
C ILE B 429 -10.47 -5.72 54.00
N LEU B 430 -9.35 -6.29 53.55
CA LEU B 430 -8.84 -5.96 52.22
C LEU B 430 -9.73 -6.53 51.12
N LEU B 431 -10.35 -7.68 51.34
CA LEU B 431 -11.31 -8.20 50.38
C LEU B 431 -12.46 -7.22 50.21
N GLY B 432 -13.02 -6.77 51.33
CA GLY B 432 -14.09 -5.77 51.24
C GLY B 432 -13.64 -4.51 50.52
N VAL B 433 -12.46 -4.00 50.89
CA VAL B 433 -11.97 -2.75 50.33
C VAL B 433 -11.73 -2.89 48.83
N PHE B 434 -11.18 -4.02 48.39
CA PHE B 434 -10.83 -4.15 46.98
C PHE B 434 -12.05 -4.40 46.11
N MET B 435 -13.04 -5.15 46.62
CA MET B 435 -14.29 -5.26 45.87
C MET B 435 -14.98 -3.90 45.75
N LEU B 436 -15.01 -3.14 46.85
CA LEU B 436 -15.60 -1.81 46.80
C LEU B 436 -14.83 -0.91 45.84
N VAL B 437 -13.50 -1.02 45.82
CA VAL B 437 -12.69 -0.21 44.93
C VAL B 437 -12.96 -0.59 43.48
N CYS B 438 -13.12 -1.88 43.19
CA CYS B 438 -13.46 -2.30 41.84
C CYS B 438 -14.75 -1.65 41.38
N ILE B 439 -15.80 -1.74 42.22
CA ILE B 439 -17.08 -1.13 41.85
C ILE B 439 -16.94 0.38 41.68
N ILE B 440 -16.28 1.04 42.64
CA ILE B 440 -16.24 2.50 42.64
C ILE B 440 -15.42 3.02 41.48
N GLY B 441 -14.29 2.38 41.18
CA GLY B 441 -13.49 2.81 40.04
C GLY B 441 -14.21 2.58 38.72
N THR B 442 -14.87 1.42 38.59
CA THR B 442 -15.64 1.17 37.37
C THR B 442 -16.72 2.23 37.17
N LEU B 443 -17.39 2.63 38.25
CA LEU B 443 -18.39 3.69 38.15
C LEU B 443 -17.75 5.04 37.86
N ALA B 444 -16.74 5.43 38.64
CA ALA B 444 -16.12 6.74 38.51
C ALA B 444 -15.52 6.96 37.13
N VAL B 445 -15.08 5.89 36.46
CA VAL B 445 -14.57 6.03 35.11
C VAL B 445 -15.70 6.26 34.09
N PHE B 446 -16.68 5.36 34.03
CA PHE B 446 -17.61 5.30 32.90
C PHE B 446 -18.96 5.97 33.14
N ALA B 447 -19.44 6.03 34.39
CA ALA B 447 -20.83 6.35 34.65
C ALA B 447 -21.17 7.77 34.23
N GLY B 448 -20.24 8.71 34.40
CA GLY B 448 -20.53 10.09 34.02
C GLY B 448 -20.84 10.23 32.54
N ARG B 449 -19.98 9.67 31.70
CA ARG B 449 -20.23 9.74 30.26
C ARG B 449 -21.45 8.92 29.86
N LEU B 450 -21.65 7.75 30.49
CA LEU B 450 -22.80 6.94 30.12
C LEU B 450 -24.11 7.64 30.50
N ILE B 451 -24.15 8.30 31.65
CA ILE B 451 -25.33 9.06 32.04
C ILE B 451 -25.52 10.26 31.11
N GLU B 452 -24.42 10.91 30.71
CA GLU B 452 -24.53 12.03 29.79
C GLU B 452 -25.13 11.58 28.46
N LEU B 453 -24.69 10.44 27.94
CA LEU B 453 -25.25 9.93 26.70
C LEU B 453 -26.69 9.47 26.89
N ASN B 454 -27.02 8.97 28.08
CA ASN B 454 -28.41 8.57 28.35
C ASN B 454 -29.37 9.75 28.29
N GLN B 455 -28.89 10.95 28.59
CA GLN B 455 -29.72 12.16 28.55
C GLN B 455 -29.78 12.81 27.17
N GLN B 456 -29.06 12.28 26.19
CA GLN B 456 -29.04 12.85 24.85
C GLN B 456 -30.07 12.17 23.95
N SER C 24 17.56 35.52 -23.63
CA SER C 24 16.94 34.24 -24.06
C SER C 24 16.64 34.21 -25.56
N GLU C 25 16.70 35.37 -26.22
CA GLU C 25 16.56 35.40 -27.67
C GLU C 25 17.68 34.61 -28.33
N ALA C 26 18.92 34.77 -27.85
CA ALA C 26 20.03 33.97 -28.36
C ALA C 26 19.82 32.50 -28.03
N GLU C 27 19.36 32.20 -26.82
CA GLU C 27 19.09 30.80 -26.46
C GLU C 27 17.95 30.23 -27.28
N GLY C 28 16.92 31.03 -27.55
CA GLY C 28 15.83 30.57 -28.40
C GLY C 28 16.29 30.30 -29.82
N ARG C 29 17.13 31.18 -30.36
CA ARG C 29 17.69 30.97 -31.69
C ARG C 29 18.53 29.70 -31.74
N LEU C 30 19.36 29.49 -30.72
CA LEU C 30 20.18 28.27 -30.68
C LEU C 30 19.31 27.02 -30.58
N ARG C 31 18.25 27.07 -29.76
CA ARG C 31 17.34 25.93 -29.67
C ARG C 31 16.67 25.65 -31.01
N GLU C 32 16.26 26.71 -31.72
CA GLU C 32 15.69 26.55 -33.04
C GLU C 32 16.66 25.88 -33.99
N LYS C 33 17.93 26.30 -33.94
CA LYS C 33 18.93 25.68 -34.80
C LYS C 33 19.14 24.20 -34.44
N LEU C 34 19.21 23.90 -33.14
CA LEU C 34 19.52 22.54 -32.71
C LEU C 34 18.38 21.56 -32.94
N PHE C 35 17.13 22.00 -32.86
CA PHE C 35 15.98 21.12 -33.00
C PHE C 35 15.51 20.99 -34.44
N SER C 36 16.20 21.60 -35.40
CA SER C 36 15.82 21.47 -36.80
C SER C 36 16.30 20.14 -37.35
N GLY C 37 15.37 19.32 -37.83
CA GLY C 37 15.70 18.01 -38.36
C GLY C 37 16.03 16.96 -37.32
N TYR C 38 15.77 17.23 -36.04
CA TYR C 38 16.21 16.35 -34.96
C TYR C 38 15.08 15.42 -34.55
N ASP C 39 15.38 14.12 -34.50
CA ASP C 39 14.45 13.09 -34.07
C ASP C 39 14.98 12.50 -32.77
N SER C 40 14.30 12.80 -31.66
CA SER C 40 14.74 12.34 -30.35
C SER C 40 14.64 10.84 -30.18
N SER C 41 13.85 10.14 -31.02
CA SER C 41 13.75 8.69 -30.93
C SER C 41 14.84 7.96 -31.73
N VAL C 42 15.68 8.67 -32.46
CA VAL C 42 16.70 8.07 -33.31
C VAL C 42 18.05 8.17 -32.62
N ARG C 43 18.73 7.04 -32.49
CA ARG C 43 20.04 7.01 -31.87
C ARG C 43 21.03 7.80 -32.71
N PRO C 44 21.92 8.62 -32.10
CA PRO C 44 22.90 9.37 -32.89
C PRO C 44 24.04 8.48 -33.35
N ALA C 45 24.07 8.19 -34.65
CA ALA C 45 25.20 7.50 -35.28
C ALA C 45 25.41 8.16 -36.64
N ARG C 46 26.50 8.92 -36.77
CA ARG C 46 26.76 9.64 -38.02
C ARG C 46 26.90 8.68 -39.19
N GLU C 47 27.53 7.53 -38.97
CA GLU C 47 27.65 6.48 -39.97
C GLU C 47 27.14 5.17 -39.37
N VAL C 48 26.62 4.31 -40.23
CA VAL C 48 26.16 3.00 -39.78
C VAL C 48 27.35 2.24 -39.22
N GLY C 49 27.17 1.65 -38.04
CA GLY C 49 28.22 0.98 -37.32
C GLY C 49 28.83 1.81 -36.20
N ASP C 50 28.61 3.12 -36.21
CA ASP C 50 29.10 3.96 -35.12
C ASP C 50 28.39 3.60 -33.83
N ARG C 51 29.16 3.43 -32.76
CA ARG C 51 28.64 3.12 -31.43
C ARG C 51 28.60 4.40 -30.60
N VAL C 52 27.59 4.50 -29.74
CA VAL C 52 27.45 5.63 -28.83
C VAL C 52 28.09 5.25 -27.50
N ARG C 53 29.14 5.96 -27.12
CA ARG C 53 29.81 5.70 -25.85
C ARG C 53 29.05 6.38 -24.72
N VAL C 54 28.58 5.60 -23.76
CA VAL C 54 27.82 6.09 -22.62
C VAL C 54 28.62 5.79 -21.35
N SER C 55 29.06 6.84 -20.67
CA SER C 55 29.71 6.71 -19.37
C SER C 55 28.63 6.72 -18.30
N VAL C 56 28.66 5.72 -17.43
CA VAL C 56 27.65 5.51 -16.40
C VAL C 56 28.32 5.62 -15.03
N GLY C 57 27.82 6.53 -14.19
CA GLY C 57 28.23 6.62 -12.82
C GLY C 57 27.02 6.78 -11.91
N LEU C 58 27.27 6.69 -10.61
CA LEU C 58 26.19 6.71 -9.62
C LEU C 58 26.61 7.53 -8.41
N ILE C 59 25.68 8.36 -7.93
CA ILE C 59 25.83 9.09 -6.67
C ILE C 59 24.75 8.59 -5.74
N LEU C 60 25.14 8.14 -4.55
CA LEU C 60 24.21 7.59 -3.57
C LEU C 60 23.80 8.69 -2.61
N ALA C 61 22.58 9.20 -2.76
CA ALA C 61 22.07 10.23 -1.86
C ALA C 61 21.64 9.63 -0.53
N GLN C 62 21.02 8.45 -0.55
CA GLN C 62 20.56 7.80 0.66
C GLN C 62 20.44 6.30 0.42
N LEU C 63 20.91 5.52 1.38
CA LEU C 63 20.61 4.10 1.46
C LEU C 63 19.35 3.97 2.30
N ILE C 64 18.20 3.89 1.64
CA ILE C 64 16.93 3.98 2.35
C ILE C 64 16.75 2.78 3.27
N SER C 65 16.93 1.57 2.75
CA SER C 65 16.77 0.39 3.60
C SER C 65 17.28 -0.84 2.86
N LEU C 66 17.37 -1.95 3.60
CA LEU C 66 17.56 -3.28 3.05
C LEU C 66 16.51 -4.17 3.71
N ASN C 67 15.43 -4.46 3.00
CA ASN C 67 14.35 -5.29 3.50
C ASN C 67 14.73 -6.75 3.32
N GLU C 68 14.93 -7.44 4.45
CA GLU C 68 15.33 -8.85 4.42
C GLU C 68 14.15 -9.76 4.12
N LYS C 69 12.93 -9.38 4.53
CA LYS C 69 11.77 -10.20 4.22
C LYS C 69 11.52 -10.23 2.71
N ASP C 70 11.50 -9.07 2.07
CA ASP C 70 11.31 -8.97 0.63
C ASP C 70 12.62 -9.10 -0.15
N GLU C 71 13.77 -9.14 0.53
CA GLU C 71 15.07 -9.29 -0.11
C GLU C 71 15.31 -8.20 -1.15
N GLU C 72 15.16 -6.94 -0.74
CA GLU C 72 15.32 -5.83 -1.67
C GLU C 72 15.98 -4.65 -0.98
N MET C 73 16.92 -4.02 -1.68
CA MET C 73 17.60 -2.82 -1.23
C MET C 73 16.91 -1.60 -1.83
N SER C 74 16.45 -0.69 -0.97
CA SER C 74 15.86 0.57 -1.38
C SER C 74 16.92 1.66 -1.26
N THR C 75 17.18 2.35 -2.38
CA THR C 75 18.19 3.40 -2.45
C THR C 75 17.62 4.62 -3.16
N LYS C 76 18.16 5.78 -2.81
CA LYS C 76 17.93 7.02 -3.52
C LYS C 76 19.26 7.47 -4.13
N VAL C 77 19.26 7.69 -5.44
CA VAL C 77 20.50 7.93 -6.17
C VAL C 77 20.28 9.03 -7.20
N TYR C 78 21.39 9.57 -7.69
CA TYR C 78 21.45 10.34 -8.91
C TYR C 78 22.34 9.59 -9.88
N LEU C 79 21.78 9.21 -11.03
CA LEU C 79 22.63 8.67 -12.08
C LEU C 79 23.55 9.78 -12.59
N ASP C 80 24.58 9.37 -13.32
CA ASP C 80 25.49 10.33 -13.96
C ASP C 80 25.82 9.71 -15.32
N LEU C 81 25.04 10.08 -16.33
CA LEU C 81 25.14 9.54 -17.67
C LEU C 81 25.73 10.59 -18.58
N GLU C 82 26.78 10.22 -19.32
CA GLU C 82 27.45 11.13 -20.24
C GLU C 82 27.60 10.46 -21.60
N TRP C 83 27.23 11.18 -22.65
CA TRP C 83 27.45 10.67 -24.01
C TRP C 83 27.64 11.85 -24.94
N THR C 84 27.75 11.54 -26.24
CA THR C 84 27.88 12.55 -27.27
C THR C 84 26.77 12.38 -28.30
N ASP C 85 26.12 13.48 -28.64
CA ASP C 85 25.13 13.53 -29.71
C ASP C 85 25.62 14.59 -30.69
N TYR C 86 26.16 14.12 -31.83
CA TYR C 86 26.80 15.04 -32.76
C TYR C 86 25.82 16.06 -33.33
N ARG C 87 24.53 15.70 -33.40
CA ARG C 87 23.52 16.62 -33.89
C ARG C 87 23.35 17.84 -33.00
N LEU C 88 23.68 17.73 -31.71
CA LEU C 88 23.47 18.79 -30.73
C LEU C 88 24.75 19.61 -30.49
N SER C 89 25.56 19.80 -31.52
CA SER C 89 26.78 20.60 -31.45
C SER C 89 26.56 21.94 -32.15
N TRP C 90 27.33 22.94 -31.73
CA TRP C 90 27.25 24.26 -32.34
C TRP C 90 28.56 24.99 -32.08
N ASP C 91 28.69 26.15 -32.74
CA ASP C 91 29.85 27.02 -32.55
C ASP C 91 29.45 28.19 -31.66
N PRO C 92 30.04 28.36 -30.46
CA PRO C 92 29.60 29.46 -29.59
C PRO C 92 29.81 30.85 -30.19
N ALA C 93 30.73 30.99 -31.14
CA ALA C 93 31.00 32.32 -31.72
C ALA C 93 29.79 32.86 -32.47
N GLU C 94 28.99 31.98 -33.07
CA GLU C 94 27.82 32.38 -33.84
C GLU C 94 26.52 32.35 -33.03
N HIS C 95 26.60 32.11 -31.72
CA HIS C 95 25.41 32.04 -30.87
C HIS C 95 25.66 32.80 -29.56
N ASP C 96 26.21 34.01 -29.69
CA ASP C 96 26.36 34.93 -28.56
C ASP C 96 27.28 34.33 -27.48
N GLY C 97 28.25 33.52 -27.89
CA GLY C 97 29.17 32.92 -26.95
C GLY C 97 28.54 31.92 -26.02
N ILE C 98 27.36 31.39 -26.34
CA ILE C 98 26.72 30.39 -25.49
C ILE C 98 27.51 29.09 -25.63
N ASP C 99 28.00 28.57 -24.50
CA ASP C 99 28.80 27.36 -24.47
C ASP C 99 28.05 26.16 -23.92
N SER C 100 26.90 26.37 -23.28
CA SER C 100 26.16 25.27 -22.67
C SER C 100 24.68 25.63 -22.64
N LEU C 101 23.85 24.59 -22.75
CA LEU C 101 22.40 24.71 -22.67
C LEU C 101 21.86 23.68 -21.70
N ARG C 102 20.72 23.99 -21.09
CA ARG C 102 19.96 23.04 -20.29
C ARG C 102 18.64 22.78 -21.00
N ILE C 103 18.40 21.52 -21.34
CA ILE C 103 17.26 21.12 -22.18
C ILE C 103 16.51 19.99 -21.49
N THR C 104 15.18 20.06 -21.51
CA THR C 104 14.38 19.01 -20.90
C THR C 104 14.70 17.66 -21.53
N ALA C 105 14.82 16.63 -20.68
CA ALA C 105 15.39 15.35 -21.13
C ALA C 105 14.54 14.69 -22.20
N GLU C 106 13.22 14.85 -22.14
CA GLU C 106 12.35 14.24 -23.14
C GLU C 106 12.55 14.82 -24.54
N SER C 107 13.19 15.98 -24.67
CA SER C 107 13.37 16.62 -25.97
C SER C 107 14.55 16.04 -26.77
N VAL C 108 15.46 15.31 -26.13
CA VAL C 108 16.66 14.80 -26.77
C VAL C 108 16.67 13.29 -26.68
N TRP C 109 17.45 12.67 -27.55
CA TRP C 109 17.67 11.23 -27.46
C TRP C 109 18.37 10.91 -26.15
N LEU C 110 17.86 9.89 -25.45
CA LEU C 110 18.46 9.39 -24.23
C LEU C 110 18.89 7.94 -24.44
N PRO C 111 20.02 7.51 -23.87
CA PRO C 111 20.26 6.07 -23.82
C PRO C 111 19.24 5.41 -22.92
N ASP C 112 18.77 4.24 -23.31
CA ASP C 112 17.69 3.56 -22.59
C ASP C 112 18.24 2.78 -21.40
N VAL C 113 19.02 3.48 -20.58
CA VAL C 113 19.76 2.86 -19.48
C VAL C 113 18.80 2.73 -18.30
N VAL C 114 18.67 1.50 -17.80
CA VAL C 114 17.71 1.17 -16.75
C VAL C 114 18.35 0.21 -15.78
N LEU C 115 17.74 0.10 -14.60
CA LEU C 115 18.12 -0.86 -13.59
C LEU C 115 17.51 -2.21 -13.94
N LEU C 116 18.35 -3.15 -14.39
CA LEU C 116 17.84 -4.45 -14.81
C LEU C 116 17.32 -5.26 -13.64
N ASN C 117 17.99 -5.19 -12.49
CA ASN C 117 17.68 -6.03 -11.34
C ASN C 117 16.75 -5.35 -10.35
N ASN C 118 15.83 -4.52 -10.83
CA ASN C 118 14.81 -3.95 -9.96
C ASN C 118 13.88 -5.05 -9.48
N ASN C 119 13.37 -4.88 -8.25
CA ASN C 119 12.51 -5.88 -7.63
C ASN C 119 11.03 -5.58 -7.77
N ASP C 120 10.64 -4.34 -8.05
CA ASP C 120 9.25 -3.91 -8.07
C ASP C 120 8.69 -3.68 -9.47
N GLY C 121 9.44 -4.02 -10.51
CA GLY C 121 9.01 -3.75 -11.87
C GLY C 121 9.28 -2.34 -12.36
N ASN C 122 9.89 -1.49 -11.54
CA ASN C 122 10.23 -0.13 -11.93
C ASN C 122 11.64 -0.09 -12.52
N PHE C 123 11.72 0.21 -13.81
CA PHE C 123 13.00 0.28 -14.52
C PHE C 123 13.55 1.70 -14.61
N ASP C 124 12.71 2.72 -14.49
CA ASP C 124 12.99 4.07 -14.97
C ASP C 124 13.43 4.98 -13.83
N VAL C 125 13.90 6.16 -14.21
CA VAL C 125 14.31 7.19 -13.26
C VAL C 125 13.07 7.83 -12.64
N ALA C 126 13.26 8.49 -11.50
CA ALA C 126 12.15 9.08 -10.78
C ALA C 126 11.65 10.37 -11.42
N LEU C 127 12.56 11.12 -12.06
CA LEU C 127 12.22 12.40 -12.68
C LEU C 127 13.17 12.65 -13.83
N ASP C 128 12.61 12.99 -15.00
CA ASP C 128 13.45 13.12 -16.19
C ASP C 128 14.35 14.35 -16.13
N ILE C 129 13.88 15.44 -15.50
CA ILE C 129 14.58 16.71 -15.34
C ILE C 129 15.17 17.26 -16.65
N SER C 130 16.44 17.68 -16.65
CA SER C 130 17.05 18.34 -17.79
C SER C 130 18.46 17.78 -17.95
N VAL C 131 18.89 17.70 -19.21
CA VAL C 131 20.27 17.39 -19.58
C VAL C 131 21.01 18.70 -19.77
N VAL C 132 22.32 18.64 -19.66
CA VAL C 132 23.23 19.74 -19.97
C VAL C 132 23.99 19.38 -21.23
N VAL C 133 23.85 20.21 -22.25
CA VAL C 133 24.48 19.99 -23.56
C VAL C 133 25.57 21.03 -23.75
N SER C 134 26.77 20.57 -24.05
CA SER C 134 27.89 21.45 -24.37
C SER C 134 27.97 21.69 -25.87
N SER C 135 28.75 22.70 -26.25
CA SER C 135 28.83 23.08 -27.66
C SER C 135 29.47 22.00 -28.53
N ASP C 136 30.25 21.10 -27.94
CA ASP C 136 30.84 19.99 -28.69
C ASP C 136 29.90 18.80 -28.85
N GLY C 137 28.64 18.92 -28.43
CA GLY C 137 27.70 17.83 -28.49
C GLY C 137 27.71 16.91 -27.28
N SER C 138 28.58 17.15 -26.30
CA SER C 138 28.58 16.34 -25.09
C SER C 138 27.30 16.62 -24.30
N VAL C 139 26.64 15.55 -23.89
CA VAL C 139 25.38 15.60 -23.14
C VAL C 139 25.64 14.93 -21.80
N ARG C 140 25.34 15.66 -20.73
CA ARG C 140 25.42 15.16 -19.36
C ARG C 140 24.02 15.19 -18.75
N TRP C 141 23.64 14.08 -18.13
CA TRP C 141 22.30 13.90 -17.58
C TRP C 141 22.43 13.25 -16.21
N GLN C 142 21.78 13.85 -15.21
CA GLN C 142 21.90 13.40 -13.82
C GLN C 142 20.53 13.23 -13.19
N PRO C 143 19.71 12.31 -13.70
CA PRO C 143 18.35 12.19 -13.20
C PRO C 143 18.34 11.57 -11.81
N PRO C 144 17.40 11.96 -10.95
CA PRO C 144 17.23 11.22 -9.69
C PRO C 144 16.51 9.91 -9.92
N GLY C 145 16.69 9.01 -8.96
CA GLY C 145 16.05 7.71 -9.02
C GLY C 145 15.89 7.10 -7.65
N ILE C 146 14.70 6.60 -7.35
CA ILE C 146 14.42 5.83 -6.14
C ILE C 146 14.23 4.40 -6.62
N TYR C 147 15.13 3.52 -6.22
CA TYR C 147 15.28 2.20 -6.79
C TYR C 147 15.13 1.13 -5.72
N ARG C 148 14.42 0.07 -6.06
CA ARG C 148 14.24 -1.11 -5.22
C ARG C 148 14.84 -2.28 -5.98
N SER C 149 16.07 -2.65 -5.62
CA SER C 149 16.85 -3.63 -6.36
C SER C 149 16.90 -4.97 -5.63
N SER C 150 16.88 -6.04 -6.41
CA SER C 150 16.91 -7.39 -5.85
C SER C 150 18.27 -7.67 -5.23
N CYS C 151 18.26 -8.15 -3.98
CA CYS C 151 19.47 -8.50 -3.24
C CYS C 151 19.23 -9.79 -2.49
N SER C 152 19.87 -10.87 -2.95
CA SER C 152 19.79 -12.14 -2.24
C SER C 152 20.54 -12.02 -0.92
N ILE C 153 19.87 -12.36 0.17
CA ILE C 153 20.38 -12.12 1.52
C ILE C 153 21.13 -13.37 1.99
N GLN C 154 22.38 -13.17 2.41
CA GLN C 154 23.17 -14.22 3.05
C GLN C 154 22.77 -14.25 4.52
N VAL C 155 21.92 -15.22 4.89
CA VAL C 155 21.28 -15.20 6.20
C VAL C 155 22.09 -15.88 7.28
N THR C 156 23.22 -16.50 6.94
CA THR C 156 23.90 -17.40 7.88
C THR C 156 24.34 -16.70 9.16
N TYR C 157 24.90 -15.49 9.03
CA TYR C 157 25.43 -14.76 10.18
C TYR C 157 24.54 -13.60 10.61
N PHE C 158 23.29 -13.57 10.16
CA PHE C 158 22.37 -12.53 10.62
C PHE C 158 22.19 -12.64 12.13
N PRO C 159 22.14 -11.51 12.87
CA PRO C 159 22.27 -10.10 12.48
C PRO C 159 23.70 -9.58 12.43
N PHE C 160 24.70 -10.44 12.65
CA PHE C 160 26.11 -10.02 12.54
C PHE C 160 26.64 -10.27 11.14
N ASP C 161 25.88 -9.80 10.15
CA ASP C 161 26.08 -10.16 8.75
C ASP C 161 26.52 -8.95 7.95
N TRP C 162 27.13 -9.25 6.80
CA TRP C 162 27.39 -8.27 5.76
C TRP C 162 26.79 -8.78 4.46
N GLN C 163 26.17 -7.85 3.70
CA GLN C 163 25.47 -8.19 2.45
C GLN C 163 26.26 -7.69 1.24
N ASN C 164 25.88 -8.10 0.03
CA ASN C 164 26.56 -7.70 -1.23
C ASN C 164 25.45 -7.33 -2.21
N CYS C 165 24.84 -6.15 -2.08
CA CYS C 165 23.68 -5.73 -2.90
C CYS C 165 24.14 -4.98 -4.15
N THR C 166 23.85 -5.51 -5.34
CA THR C 166 24.26 -4.96 -6.62
C THR C 166 23.14 -4.13 -7.24
N MET C 167 23.55 -3.16 -8.05
CA MET C 167 22.67 -2.36 -8.89
C MET C 167 23.20 -2.49 -10.31
N VAL C 168 22.49 -3.25 -11.14
CA VAL C 168 22.93 -3.57 -12.49
C VAL C 168 22.23 -2.63 -13.45
N PHE C 169 23.00 -1.77 -14.11
CA PHE C 169 22.48 -0.78 -15.05
C PHE C 169 22.89 -1.17 -16.46
N SER C 170 21.94 -1.11 -17.38
CA SER C 170 22.23 -1.45 -18.76
C SER C 170 21.16 -0.88 -19.66
N SER C 171 21.49 -0.76 -20.94
CA SER C 171 20.49 -0.39 -21.93
C SER C 171 19.48 -1.53 -22.04
N TYR C 172 18.20 -1.21 -22.07
CA TYR C 172 17.20 -2.28 -22.20
C TYR C 172 17.12 -2.78 -23.63
N SER C 173 17.24 -1.88 -24.62
CA SER C 173 17.04 -2.22 -26.02
C SER C 173 18.33 -2.29 -26.80
N TYR C 174 19.13 -1.22 -26.79
CA TYR C 174 20.33 -1.17 -27.63
C TYR C 174 21.35 -2.21 -27.19
N ASP C 175 21.98 -2.85 -28.17
CA ASP C 175 23.01 -3.85 -27.92
C ASP C 175 24.40 -3.22 -27.92
N SER C 176 25.42 -4.05 -27.72
CA SER C 176 26.79 -3.57 -27.65
C SER C 176 27.26 -2.98 -28.97
N SER C 177 26.67 -3.39 -30.09
CA SER C 177 27.04 -2.82 -31.38
C SER C 177 26.46 -1.44 -31.62
N GLU C 178 25.58 -0.95 -30.75
CA GLU C 178 24.94 0.35 -30.88
C GLU C 178 25.28 1.31 -29.76
N VAL C 179 25.29 0.83 -28.51
CA VAL C 179 25.62 1.65 -27.34
C VAL C 179 26.64 0.89 -26.53
N SER C 180 27.82 1.48 -26.34
CA SER C 180 28.89 0.89 -25.54
C SER C 180 28.98 1.62 -24.21
N LEU C 181 29.00 0.84 -23.12
CA LEU C 181 29.01 1.40 -21.78
C LEU C 181 30.43 1.44 -21.23
N GLN C 182 30.66 2.39 -20.32
CA GLN C 182 31.90 2.47 -19.56
C GLN C 182 31.58 3.08 -18.20
N THR C 183 32.45 2.80 -17.23
CA THR C 183 32.24 3.31 -15.88
C THR C 183 32.54 4.81 -15.84
N GLY C 184 31.67 5.56 -15.18
CA GLY C 184 31.87 7.00 -15.06
C GLY C 184 33.00 7.32 -14.10
N LEU C 185 33.84 8.27 -14.51
CA LEU C 185 34.99 8.65 -13.70
C LEU C 185 35.55 9.96 -14.24
N GLY C 186 36.32 10.64 -13.40
CA GLY C 186 36.93 11.91 -13.77
C GLY C 186 38.05 12.31 -12.84
N GLY C 191 41.10 7.72 -12.68
CA GLY C 191 39.72 7.31 -12.85
C GLY C 191 39.22 6.48 -11.69
N HIS C 192 38.16 6.96 -11.03
CA HIS C 192 37.63 6.30 -9.83
C HIS C 192 36.44 5.43 -10.23
N GLN C 193 36.57 4.13 -9.98
CA GLN C 193 35.50 3.16 -10.27
C GLN C 193 34.76 2.87 -8.95
N GLU C 194 33.90 3.81 -8.58
CA GLU C 194 33.26 3.75 -7.28
C GLU C 194 31.95 4.54 -7.30
N ILE C 195 31.02 4.14 -6.44
CA ILE C 195 29.86 4.97 -6.17
C ILE C 195 30.32 6.22 -5.44
N HIS C 196 29.89 7.38 -5.92
CA HIS C 196 30.25 8.63 -5.26
C HIS C 196 29.30 8.90 -4.11
N ILE C 197 29.86 9.22 -2.95
CA ILE C 197 29.09 9.61 -1.76
C ILE C 197 29.63 10.95 -1.30
N HIS C 198 28.81 11.99 -1.35
CA HIS C 198 29.21 13.30 -0.87
C HIS C 198 29.21 13.29 0.65
N GLU C 199 30.33 13.66 1.26
CA GLU C 199 30.51 13.44 2.68
C GLU C 199 29.53 14.25 3.52
N GLY C 200 29.33 15.52 3.17
CA GLY C 200 28.48 16.37 3.99
C GLY C 200 27.00 16.03 3.87
N THR C 201 26.52 15.81 2.65
CA THR C 201 25.09 15.73 2.37
C THR C 201 24.54 14.31 2.39
N PHE C 202 25.37 13.30 2.62
CA PHE C 202 24.91 11.92 2.56
C PHE C 202 24.06 11.58 3.78
N ILE C 203 22.90 10.97 3.53
CA ILE C 203 22.00 10.56 4.60
C ILE C 203 22.46 9.17 5.06
N GLU C 204 23.20 9.13 6.17
CA GLU C 204 23.71 7.87 6.67
C GLU C 204 22.58 7.01 7.21
N ASN C 205 22.72 5.69 7.02
CA ASN C 205 21.75 4.74 7.53
C ASN C 205 22.16 4.31 8.95
N GLY C 206 21.17 4.22 9.83
CA GLY C 206 21.44 3.88 11.21
C GLY C 206 21.70 2.41 11.48
N GLN C 207 21.45 1.54 10.49
CA GLN C 207 21.61 0.10 10.65
C GLN C 207 22.72 -0.51 9.78
N TRP C 208 23.25 0.24 8.81
CA TRP C 208 24.20 -0.31 7.85
C TRP C 208 25.39 0.62 7.68
N GLU C 209 26.57 0.04 7.59
CA GLU C 209 27.82 0.75 7.33
C GLU C 209 28.37 0.29 5.98
N ILE C 210 28.69 1.25 5.12
CA ILE C 210 29.19 0.94 3.78
C ILE C 210 30.69 0.65 3.87
N ILE C 211 31.08 -0.59 3.59
CA ILE C 211 32.49 -1.00 3.63
C ILE C 211 33.17 -0.72 2.29
N HIS C 212 32.62 -1.28 1.21
CA HIS C 212 33.15 -1.10 -0.13
C HIS C 212 32.02 -0.63 -1.03
N LYS C 213 32.36 0.17 -2.04
CA LYS C 213 31.37 0.65 -3.00
C LYS C 213 31.96 0.77 -4.40
N PRO C 214 32.48 -0.30 -4.99
CA PRO C 214 33.09 -0.19 -6.33
C PRO C 214 32.04 -0.25 -7.43
N SER C 215 32.52 -0.03 -8.65
CA SER C 215 31.72 -0.19 -9.86
C SER C 215 32.54 -0.90 -10.91
N ARG C 216 31.88 -1.71 -11.73
CA ARG C 216 32.56 -2.53 -12.73
C ARG C 216 31.77 -2.59 -14.03
N LEU C 217 32.49 -2.55 -15.14
CA LEU C 217 31.94 -2.81 -16.46
C LEU C 217 32.02 -4.30 -16.74
N ILE C 218 30.88 -4.93 -16.98
CA ILE C 218 30.78 -6.36 -17.26
C ILE C 218 30.52 -6.54 -18.75
N GLN C 219 31.45 -7.23 -19.41
CA GLN C 219 31.33 -7.52 -20.82
C GLN C 219 30.42 -8.73 -21.03
N PRO C 220 29.83 -8.88 -22.22
CA PRO C 220 29.04 -10.09 -22.49
C PRO C 220 29.94 -11.30 -22.62
N PRO C 221 29.43 -12.52 -22.38
CA PRO C 221 30.25 -13.71 -22.64
C PRO C 221 30.50 -13.89 -24.13
N GLY C 222 31.76 -13.91 -24.53
CA GLY C 222 32.11 -14.04 -25.94
C GLY C 222 31.68 -15.36 -26.55
N GLU C 229 25.29 -8.00 -31.85
CA GLU C 229 24.82 -9.36 -32.09
C GLU C 229 23.83 -9.78 -31.00
N GLY C 230 23.08 -8.81 -30.47
CA GLY C 230 22.16 -9.06 -29.39
C GLY C 230 22.80 -9.09 -28.02
N GLN C 231 24.12 -8.92 -27.92
CA GLN C 231 24.81 -8.94 -26.65
C GLN C 231 24.88 -7.53 -26.05
N ARG C 232 24.88 -7.47 -24.73
CA ARG C 232 24.78 -6.20 -24.01
C ARG C 232 25.74 -6.17 -22.84
N GLN C 233 26.46 -5.06 -22.70
CA GLN C 233 27.30 -4.84 -21.53
C GLN C 233 26.44 -4.38 -20.36
N GLU C 234 27.05 -4.42 -19.16
CA GLU C 234 26.40 -3.93 -17.95
C GLU C 234 27.40 -3.07 -17.18
N VAL C 235 26.86 -2.17 -16.36
CA VAL C 235 27.64 -1.46 -15.35
C VAL C 235 27.01 -1.78 -14.02
N ILE C 236 27.75 -2.47 -13.16
CA ILE C 236 27.26 -2.96 -11.89
C ILE C 236 27.91 -2.12 -10.80
N PHE C 237 27.08 -1.52 -9.95
CA PHE C 237 27.52 -0.83 -8.75
C PHE C 237 27.27 -1.72 -7.56
N TYR C 238 28.32 -2.04 -6.82
CA TYR C 238 28.25 -2.96 -5.69
C TYR C 238 28.25 -2.16 -4.40
N LEU C 239 27.37 -2.54 -3.48
CA LEU C 239 27.33 -1.98 -2.13
C LEU C 239 27.53 -3.14 -1.17
N ILE C 240 28.72 -3.21 -0.58
CA ILE C 240 29.01 -4.17 0.47
C ILE C 240 28.79 -3.46 1.79
N ILE C 241 27.81 -3.92 2.56
CA ILE C 241 27.30 -3.20 3.72
C ILE C 241 27.27 -4.14 4.91
N ARG C 242 27.72 -3.65 6.06
CA ARG C 242 27.76 -4.41 7.29
C ARG C 242 26.68 -3.92 8.24
N ARG C 243 25.87 -4.84 8.75
CA ARG C 243 24.84 -4.46 9.71
C ARG C 243 25.48 -4.06 11.04
N LYS C 244 24.84 -3.11 11.71
CA LYS C 244 25.27 -2.64 13.03
C LYS C 244 24.31 -3.22 14.08
N PRO C 245 24.71 -4.29 14.82
CA PRO C 245 23.71 -5.14 15.47
C PRO C 245 23.30 -4.76 16.90
N LEU C 246 23.53 -3.51 17.32
CA LEU C 246 23.29 -3.12 18.71
C LEU C 246 21.86 -3.44 19.15
N PHE C 247 20.89 -3.25 18.27
CA PHE C 247 19.49 -3.53 18.61
C PHE C 247 19.30 -4.98 19.02
N TYR C 248 19.89 -5.90 18.27
CA TYR C 248 19.71 -7.32 18.56
C TYR C 248 20.50 -7.73 19.80
N LEU C 249 21.64 -7.10 20.05
CA LEU C 249 22.35 -7.35 21.29
C LEU C 249 21.52 -6.94 22.50
N VAL C 250 20.90 -5.77 22.44
CA VAL C 250 20.13 -5.29 23.57
C VAL C 250 18.85 -6.11 23.75
N ASN C 251 18.16 -6.42 22.66
CA ASN C 251 16.81 -6.94 22.74
C ASN C 251 16.71 -8.46 22.71
N VAL C 252 17.76 -9.16 22.28
CA VAL C 252 17.70 -10.61 22.10
C VAL C 252 18.83 -11.30 22.85
N ILE C 253 20.08 -10.90 22.58
CA ILE C 253 21.22 -11.67 23.07
C ILE C 253 21.32 -11.58 24.59
N ALA C 254 21.24 -10.36 25.13
CA ALA C 254 21.36 -10.19 26.59
C ALA C 254 20.25 -10.91 27.34
N PRO C 255 18.97 -10.78 26.96
CA PRO C 255 17.95 -11.60 27.63
C PRO C 255 18.20 -13.09 27.54
N CYS C 256 18.69 -13.58 26.40
CA CYS C 256 19.01 -15.00 26.27
C CYS C 256 20.12 -15.40 27.25
N ILE C 257 21.14 -14.54 27.40
CA ILE C 257 22.22 -14.83 28.34
C ILE C 257 21.66 -14.88 29.77
N LEU C 258 20.80 -13.93 30.12
CA LEU C 258 20.24 -13.91 31.46
C LEU C 258 19.38 -15.15 31.72
N ILE C 259 18.56 -15.54 30.73
CA ILE C 259 17.73 -16.72 30.89
C ILE C 259 18.59 -17.97 31.03
N THR C 260 19.68 -18.04 30.27
CA THR C 260 20.62 -19.16 30.39
C THR C 260 21.23 -19.20 31.78
N LEU C 261 21.57 -18.04 32.34
CA LEU C 261 22.11 -17.99 33.69
C LEU C 261 21.09 -18.53 34.71
N LEU C 262 19.82 -18.17 34.53
CA LEU C 262 18.80 -18.68 35.45
C LEU C 262 18.61 -20.18 35.28
N ALA C 263 18.70 -20.67 34.05
CA ALA C 263 18.62 -22.11 33.82
C ALA C 263 19.76 -22.84 34.52
N ILE C 264 20.96 -22.23 34.51
CA ILE C 264 22.08 -22.79 35.27
C ILE C 264 21.74 -22.81 36.76
N PHE C 265 21.24 -21.68 37.27
CA PHE C 265 21.04 -21.54 38.71
C PHE C 265 19.86 -22.35 39.24
N VAL C 266 19.03 -22.92 38.37
CA VAL C 266 17.98 -23.82 38.85
C VAL C 266 18.57 -24.97 39.66
N PHE C 267 19.72 -25.50 39.22
CA PHE C 267 20.32 -26.67 39.87
C PHE C 267 20.84 -26.38 41.28
N TYR C 268 21.03 -25.12 41.65
CA TYR C 268 21.36 -24.76 43.03
C TYR C 268 20.13 -24.59 43.90
N LEU C 269 18.95 -24.58 43.32
CA LEU C 269 17.72 -24.43 44.10
C LEU C 269 17.43 -25.73 44.83
N PRO C 270 17.14 -25.71 46.14
CA PRO C 270 16.94 -26.97 46.86
C PRO C 270 15.65 -27.64 46.40
N PRO C 271 15.60 -28.98 46.37
CA PRO C 271 14.33 -29.64 46.00
C PRO C 271 13.18 -29.32 46.94
N ASP C 272 13.46 -29.08 48.22
CA ASP C 272 12.39 -28.87 49.19
C ASP C 272 11.67 -27.55 48.99
N ALA C 273 12.27 -26.59 48.27
CA ALA C 273 11.59 -25.34 47.99
C ALA C 273 10.38 -25.55 47.08
N GLY C 274 10.39 -26.59 46.25
CA GLY C 274 9.30 -26.81 45.33
C GLY C 274 9.15 -25.73 44.28
N GLU C 275 10.26 -25.30 43.67
CA GLU C 275 10.25 -24.17 42.75
C GLU C 275 11.12 -24.38 41.51
N LYS C 276 11.71 -25.55 41.33
CA LYS C 276 12.56 -25.79 40.16
C LYS C 276 11.75 -25.74 38.87
N MET C 277 10.61 -26.45 38.85
CA MET C 277 9.78 -26.50 37.66
C MET C 277 9.32 -25.11 37.25
N GLY C 278 8.84 -24.32 38.21
CA GLY C 278 8.34 -22.99 37.87
C GLY C 278 9.41 -22.13 37.23
N LEU C 279 10.60 -22.10 37.82
CA LEU C 279 11.69 -21.28 37.29
C LEU C 279 12.10 -21.73 35.89
N SER C 280 12.39 -23.02 35.72
CA SER C 280 12.87 -23.49 34.42
C SER C 280 11.83 -23.31 33.33
N ILE C 281 10.57 -23.66 33.63
CA ILE C 281 9.55 -23.60 32.61
C ILE C 281 9.17 -22.16 32.28
N PHE C 282 9.22 -21.24 33.26
CA PHE C 282 8.97 -19.85 32.92
C PHE C 282 10.12 -19.26 32.14
N ALA C 283 11.35 -19.75 32.35
CA ALA C 283 12.44 -19.38 31.47
C ALA C 283 12.14 -19.82 30.03
N LEU C 284 11.63 -21.04 29.87
CA LEU C 284 11.26 -21.49 28.52
C LEU C 284 10.15 -20.62 27.93
N LEU C 285 9.17 -20.23 28.75
CA LEU C 285 8.08 -19.38 28.28
C LEU C 285 8.62 -18.02 27.82
N THR C 286 9.56 -17.44 28.58
CA THR C 286 10.17 -16.18 28.18
C THR C 286 10.92 -16.33 26.86
N LEU C 287 11.63 -17.46 26.69
CA LEU C 287 12.31 -17.70 25.42
C LEU C 287 11.33 -17.81 24.28
N THR C 288 10.15 -18.38 24.52
CA THR C 288 9.12 -18.40 23.49
C THR C 288 8.67 -16.99 23.13
N VAL C 289 8.56 -16.12 24.14
CA VAL C 289 8.24 -14.72 23.86
C VAL C 289 9.30 -14.09 22.97
N PHE C 290 10.57 -14.42 23.21
CA PHE C 290 11.62 -13.84 22.38
C PHE C 290 11.64 -14.46 20.98
N LEU C 291 11.20 -15.71 20.84
CA LEU C 291 10.97 -16.25 19.50
C LEU C 291 9.90 -15.46 18.76
N LEU C 292 8.82 -15.11 19.47
CA LEU C 292 7.79 -14.25 18.87
C LEU C 292 8.37 -12.91 18.47
N LEU C 293 9.28 -12.36 19.30
CA LEU C 293 9.94 -11.10 18.95
C LEU C 293 10.73 -11.25 17.65
N LEU C 294 11.50 -12.33 17.53
CA LEU C 294 12.34 -12.51 16.34
C LEU C 294 11.53 -12.85 15.10
N ALA C 295 10.31 -13.36 15.26
CA ALA C 295 9.52 -13.79 14.10
C ALA C 295 9.29 -12.66 13.11
N ASP C 296 9.25 -11.40 13.57
CA ASP C 296 8.99 -10.27 12.69
C ASP C 296 10.24 -9.72 12.02
N LYS C 297 11.44 -10.15 12.43
CA LYS C 297 12.70 -9.54 12.00
C LYS C 297 13.55 -10.44 11.13
N VAL C 298 13.57 -11.75 11.37
CA VAL C 298 14.54 -12.63 10.72
C VAL C 298 14.17 -12.84 9.25
N PRO C 299 15.10 -13.17 8.37
CA PRO C 299 14.73 -13.52 6.99
C PRO C 299 13.97 -14.84 6.95
N GLU C 300 13.22 -15.02 5.85
CA GLU C 300 12.33 -16.15 5.69
C GLU C 300 12.84 -17.19 4.69
N THR C 301 14.07 -17.07 4.20
CA THR C 301 14.60 -18.03 3.25
C THR C 301 15.06 -19.29 3.96
N SER C 302 15.42 -20.31 3.17
CA SER C 302 15.70 -21.65 3.68
C SER C 302 17.04 -22.20 3.19
N LEU C 303 17.93 -21.36 2.67
CA LEU C 303 19.23 -21.83 2.22
C LEU C 303 20.18 -22.06 3.39
N SER C 304 19.95 -21.41 4.52
CA SER C 304 20.72 -21.62 5.73
C SER C 304 19.95 -21.04 6.90
N VAL C 305 20.46 -21.23 8.10
CA VAL C 305 19.82 -20.82 9.34
C VAL C 305 20.59 -19.63 9.91
N PRO C 306 19.93 -18.53 10.31
CA PRO C 306 20.67 -17.46 10.98
C PRO C 306 21.29 -17.92 12.29
N ILE C 307 22.47 -17.37 12.58
CA ILE C 307 23.20 -17.75 13.79
C ILE C 307 22.42 -17.33 15.03
N ILE C 308 21.63 -16.27 14.94
CA ILE C 308 20.82 -15.88 16.10
C ILE C 308 19.72 -16.90 16.35
N ILE C 309 19.15 -17.47 15.27
CA ILE C 309 18.18 -18.54 15.43
C ILE C 309 18.86 -19.78 16.01
N LYS C 310 20.10 -20.05 15.58
CA LYS C 310 20.84 -21.17 16.15
C LYS C 310 21.05 -20.95 17.64
N TYR C 311 21.42 -19.73 18.04
CA TYR C 311 21.61 -19.44 19.46
C TYR C 311 20.31 -19.57 20.24
N LEU C 312 19.20 -19.07 19.67
CA LEU C 312 17.92 -19.18 20.35
C LEU C 312 17.50 -20.65 20.54
N MET C 313 17.66 -21.46 19.50
CA MET C 313 17.29 -22.87 19.63
C MET C 313 18.25 -23.61 20.55
N PHE C 314 19.52 -23.23 20.56
CA PHE C 314 20.45 -23.78 21.53
C PHE C 314 20.02 -23.46 22.95
N THR C 315 19.59 -22.22 23.18
CA THR C 315 19.11 -21.83 24.50
C THR C 315 17.85 -22.59 24.88
N MET C 316 16.92 -22.76 23.94
CA MET C 316 15.69 -23.49 24.24
C MET C 316 15.98 -24.96 24.54
N VAL C 317 16.92 -25.55 23.80
CA VAL C 317 17.32 -26.93 24.09
C VAL C 317 17.96 -27.02 25.47
N LEU C 318 18.79 -26.03 25.82
CA LEU C 318 19.39 -26.02 27.15
C LEU C 318 18.33 -25.94 28.24
N VAL C 319 17.35 -25.06 28.07
CA VAL C 319 16.32 -24.91 29.09
C VAL C 319 15.44 -26.16 29.16
N THR C 320 15.18 -26.78 28.00
CA THR C 320 14.44 -28.05 28.00
C THR C 320 15.20 -29.11 28.78
N PHE C 321 16.51 -29.22 28.56
CA PHE C 321 17.29 -30.19 29.31
C PHE C 321 17.38 -29.82 30.79
N SER C 322 17.38 -28.54 31.12
CA SER C 322 17.34 -28.14 32.52
C SER C 322 16.05 -28.60 33.17
N VAL C 323 14.93 -28.45 32.47
CA VAL C 323 13.65 -28.96 32.97
C VAL C 323 13.73 -30.48 33.18
N ILE C 324 14.26 -31.18 32.18
CA ILE C 324 14.30 -32.65 32.23
C ILE C 324 15.15 -33.12 33.39
N LEU C 325 16.33 -32.53 33.54
CA LEU C 325 17.25 -32.96 34.59
C LEU C 325 16.75 -32.52 35.98
N SER C 326 16.06 -31.40 36.07
CA SER C 326 15.43 -31.03 37.33
C SER C 326 14.35 -32.02 37.71
N VAL C 327 13.59 -32.50 36.71
CA VAL C 327 12.59 -33.54 36.98
C VAL C 327 13.27 -34.80 37.48
N VAL C 328 14.40 -35.17 36.87
CA VAL C 328 15.13 -36.36 37.32
C VAL C 328 15.60 -36.19 38.76
N VAL C 329 16.13 -35.01 39.09
CA VAL C 329 16.61 -34.74 40.45
C VAL C 329 15.45 -34.82 41.44
N LEU C 330 14.30 -34.25 41.09
CA LEU C 330 13.15 -34.29 41.99
C LEU C 330 12.63 -35.72 42.15
N ASN C 331 12.68 -36.52 41.09
CA ASN C 331 12.30 -37.92 41.20
C ASN C 331 13.21 -38.66 42.17
N LEU C 332 14.52 -38.40 42.09
CA LEU C 332 15.42 -39.00 43.07
C LEU C 332 15.14 -38.50 44.49
N HIS C 333 14.89 -37.20 44.64
CA HIS C 333 14.74 -36.62 45.97
C HIS C 333 13.50 -37.13 46.68
N HIS C 334 12.36 -37.16 45.98
CA HIS C 334 11.09 -37.58 46.56
C HIS C 334 10.86 -39.09 46.49
N ARG C 335 11.92 -39.86 46.26
CA ARG C 335 11.77 -41.30 46.12
C ARG C 335 11.35 -41.94 47.44
N SER C 336 10.30 -42.74 47.39
CA SER C 336 9.77 -43.39 48.58
C SER C 336 10.80 -44.40 49.10
N PRO C 337 11.24 -44.34 50.36
CA PRO C 337 12.24 -45.32 50.81
C PRO C 337 11.74 -46.75 50.83
N HIS C 338 10.49 -46.99 51.24
CA HIS C 338 10.04 -48.37 51.43
C HIS C 338 9.74 -49.04 50.09
N THR C 339 9.18 -48.30 49.12
CA THR C 339 8.87 -48.88 47.82
C THR C 339 10.11 -49.04 46.96
N HIS C 340 11.09 -48.15 47.08
CA HIS C 340 12.29 -48.15 46.26
C HIS C 340 13.48 -48.54 47.10
N GLN C 341 14.22 -49.56 46.65
CA GLN C 341 15.45 -50.00 47.28
C GLN C 341 16.62 -49.43 46.50
N MET C 342 17.53 -48.77 47.19
CA MET C 342 18.70 -48.22 46.54
C MET C 342 19.59 -49.37 46.05
N PRO C 343 19.88 -49.49 44.75
CA PRO C 343 20.87 -50.49 44.34
C PRO C 343 22.25 -50.11 44.86
N LEU C 344 23.08 -51.13 45.07
CA LEU C 344 24.38 -50.89 45.70
C LEU C 344 25.27 -49.99 44.84
N TRP C 345 25.28 -50.19 43.51
CA TRP C 345 26.15 -49.40 42.64
C TRP C 345 25.80 -47.92 42.72
N VAL C 346 24.52 -47.60 42.90
CA VAL C 346 24.13 -46.21 43.13
C VAL C 346 24.81 -45.69 44.39
N ARG C 347 24.84 -46.52 45.44
CA ARG C 347 25.52 -46.12 46.68
C ARG C 347 27.00 -45.86 46.43
N GLN C 348 27.69 -46.81 45.78
CA GLN C 348 29.13 -46.69 45.60
C GLN C 348 29.49 -45.46 44.78
N ILE C 349 28.71 -45.19 43.72
CA ILE C 349 29.04 -44.05 42.87
C ILE C 349 28.63 -42.74 43.56
N PHE C 350 27.35 -42.59 43.86
CA PHE C 350 26.80 -41.28 44.22
C PHE C 350 26.84 -40.96 45.71
N ILE C 351 27.35 -41.85 46.56
CA ILE C 351 27.48 -41.56 47.99
C ILE C 351 28.93 -41.66 48.46
N HIS C 352 29.78 -42.45 47.79
CA HIS C 352 31.15 -42.66 48.20
C HIS C 352 32.17 -42.04 47.26
N LYS C 353 32.07 -42.30 45.95
CA LYS C 353 33.10 -41.82 45.02
C LYS C 353 32.87 -40.38 44.60
N LEU C 354 31.74 -40.11 43.95
CA LEU C 354 31.52 -38.81 43.33
C LEU C 354 31.55 -37.63 44.29
N PRO C 355 31.03 -37.70 45.52
CA PRO C 355 31.08 -36.52 46.39
C PRO C 355 32.49 -36.01 46.67
N LEU C 356 33.49 -36.90 46.65
CA LEU C 356 34.87 -36.44 46.82
C LEU C 356 35.29 -35.52 45.68
N TYR C 357 34.97 -35.88 44.43
CA TYR C 357 35.37 -35.08 43.29
C TYR C 357 34.57 -33.78 43.19
N LEU C 358 33.30 -33.81 43.59
CA LEU C 358 32.45 -32.63 43.57
C LEU C 358 32.57 -31.79 44.83
N ARG C 359 33.48 -32.15 45.75
CA ARG C 359 33.72 -31.37 46.96
C ARG C 359 32.46 -31.26 47.81
N LEU C 360 31.71 -32.36 47.89
CA LEU C 360 30.57 -32.49 48.79
C LEU C 360 30.94 -33.46 49.89
N LYS C 361 31.16 -32.94 51.09
CA LYS C 361 31.46 -33.75 52.27
C LYS C 361 30.18 -33.93 53.05
N ARG C 362 29.65 -35.15 53.06
CA ARG C 362 28.47 -35.45 53.86
C ARG C 362 28.83 -35.34 55.34
N PRO C 363 28.15 -34.50 56.13
CA PRO C 363 28.52 -34.40 57.54
C PRO C 363 28.26 -35.71 58.28
N LYS C 364 29.19 -36.06 59.17
CA LYS C 364 29.13 -37.30 59.94
C LYS C 364 29.03 -38.49 59.00
N LEU C 430 0.22 -58.41 87.55
CA LEU C 430 0.37 -56.98 87.30
C LEU C 430 0.08 -56.66 85.84
N PRO C 431 -1.17 -56.84 85.41
CA PRO C 431 -1.50 -56.57 84.00
C PRO C 431 -1.26 -55.12 83.60
N GLU C 432 -1.43 -54.17 84.53
CA GLU C 432 -1.24 -52.77 84.19
C GLU C 432 0.20 -52.49 83.82
N LEU C 433 1.16 -52.98 84.60
CA LEU C 433 2.56 -52.75 84.30
C LEU C 433 2.97 -53.47 83.02
N ARG C 434 2.43 -54.66 82.79
CA ARG C 434 2.73 -55.38 81.55
C ARG C 434 2.21 -54.60 80.34
N GLU C 435 0.99 -54.06 80.44
CA GLU C 435 0.46 -53.25 79.35
C GLU C 435 1.28 -51.99 79.13
N VAL C 436 1.73 -51.37 80.23
CA VAL C 436 2.58 -50.17 80.10
C VAL C 436 3.88 -50.52 79.40
N VAL C 437 4.50 -51.64 79.78
CA VAL C 437 5.76 -52.06 79.16
C VAL C 437 5.55 -52.34 77.69
N SER C 438 4.44 -53.01 77.34
CA SER C 438 4.15 -53.28 75.95
C SER C 438 3.96 -51.99 75.16
N SER C 439 3.24 -51.03 75.73
CA SER C 439 3.02 -49.76 75.04
C SER C 439 4.33 -49.01 74.82
N ILE C 440 5.18 -48.98 75.85
CA ILE C 440 6.46 -48.28 75.73
C ILE C 440 7.34 -48.96 74.68
N SER C 441 7.37 -50.29 74.70
CA SER C 441 8.17 -51.03 73.72
C SER C 441 7.66 -50.79 72.31
N TYR C 442 6.34 -50.74 72.14
CA TYR C 442 5.77 -50.45 70.82
C TYR C 442 6.15 -49.05 70.36
N ILE C 443 6.10 -48.08 71.27
CA ILE C 443 6.44 -46.71 70.91
C ILE C 443 7.90 -46.63 70.48
N ALA C 444 8.79 -47.28 71.23
CA ALA C 444 10.20 -47.31 70.86
C ALA C 444 10.43 -47.99 69.52
N ARG C 445 9.71 -49.09 69.28
CA ARG C 445 9.85 -49.80 68.01
C ARG C 445 9.39 -48.94 66.84
N GLN C 446 8.28 -48.22 67.01
CA GLN C 446 7.79 -47.34 65.95
C GLN C 446 8.78 -46.22 65.68
N LEU C 447 9.35 -45.63 66.73
CA LEU C 447 10.31 -44.56 66.52
C LEU C 447 11.59 -45.07 65.87
N GLN C 448 12.00 -46.31 66.19
CA GLN C 448 13.16 -46.88 65.53
C GLN C 448 12.88 -47.15 64.05
N GLU C 449 11.66 -47.62 63.74
CA GLU C 449 11.28 -47.78 62.34
C GLU C 449 11.30 -46.45 61.61
N GLN C 450 10.80 -45.39 62.25
CA GLN C 450 10.87 -44.07 61.65
C GLN C 450 12.31 -43.62 61.45
N GLU C 451 13.20 -43.96 62.38
CA GLU C 451 14.60 -43.60 62.23
C GLU C 451 15.23 -44.30 61.03
N ASP C 452 14.95 -45.59 60.85
CA ASP C 452 15.49 -46.30 59.69
C ASP C 452 14.93 -45.74 58.39
N HIS C 453 13.63 -45.45 58.37
CA HIS C 453 13.01 -44.86 57.19
C HIS C 453 13.63 -43.52 56.87
N ASP C 454 13.87 -42.70 57.89
CA ASP C 454 14.48 -41.39 57.68
C ASP C 454 15.91 -41.52 57.19
N ALA C 455 16.64 -42.53 57.66
CA ALA C 455 18.00 -42.74 57.17
C ALA C 455 18.01 -43.07 55.69
N LEU C 456 17.10 -43.97 55.26
CA LEU C 456 17.05 -44.30 53.83
C LEU C 456 16.60 -43.09 53.01
N LYS C 457 15.64 -42.33 53.54
CA LYS C 457 15.22 -41.10 52.86
C LYS C 457 16.37 -40.12 52.73
N GLU C 458 17.19 -39.98 53.77
CA GLU C 458 18.34 -39.11 53.71
C GLU C 458 19.34 -39.58 52.67
N ASP C 459 19.53 -40.90 52.56
CA ASP C 459 20.42 -41.43 51.52
C ASP C 459 19.93 -41.06 50.13
N TRP C 460 18.62 -41.24 49.89
CA TRP C 460 18.07 -40.86 48.57
C TRP C 460 18.22 -39.36 48.33
N GLN C 461 17.98 -38.55 49.35
CA GLN C 461 18.09 -37.10 49.18
C GLN C 461 19.54 -36.68 48.92
N PHE C 462 20.50 -37.33 49.59
CA PHE C 462 21.89 -37.02 49.33
C PHE C 462 22.29 -37.42 47.92
N VAL C 463 21.79 -38.55 47.44
CA VAL C 463 22.04 -38.93 46.04
C VAL C 463 21.47 -37.87 45.10
N ALA C 464 20.26 -37.39 45.41
CA ALA C 464 19.66 -36.33 44.59
C ALA C 464 20.51 -35.06 44.60
N MET C 465 21.04 -34.69 45.77
CA MET C 465 21.88 -33.50 45.86
C MET C 465 23.17 -33.67 45.06
N VAL C 466 23.80 -34.84 45.15
CA VAL C 466 25.03 -35.09 44.41
C VAL C 466 24.77 -35.02 42.91
N VAL C 467 23.67 -35.63 42.47
CA VAL C 467 23.30 -35.60 41.06
C VAL C 467 23.00 -34.17 40.62
N ASP C 468 22.37 -33.38 41.49
CA ASP C 468 22.09 -31.99 41.18
C ASP C 468 23.37 -31.19 41.00
N ARG C 469 24.37 -31.41 41.86
CA ARG C 469 25.64 -30.70 41.73
C ARG C 469 26.37 -31.12 40.46
N LEU C 470 26.35 -32.42 40.15
CA LEU C 470 26.97 -32.91 38.91
C LEU C 470 26.32 -32.26 37.71
N PHE C 471 24.98 -32.19 37.70
CA PHE C 471 24.28 -31.52 36.62
C PHE C 471 24.60 -30.03 36.57
N LEU C 472 24.78 -29.39 37.72
CA LEU C 472 25.13 -27.97 37.73
C LEU C 472 26.47 -27.75 37.02
N TRP C 473 27.47 -28.54 37.37
CA TRP C 473 28.78 -28.39 36.73
C TRP C 473 28.71 -28.73 35.25
N THR C 474 28.00 -29.81 34.89
CA THR C 474 27.87 -30.17 33.49
C THR C 474 27.16 -29.08 32.70
N PHE C 475 26.11 -28.49 33.27
CA PHE C 475 25.37 -27.45 32.58
C PHE C 475 26.22 -26.20 32.42
N ILE C 476 27.01 -25.85 33.43
CA ILE C 476 27.93 -24.71 33.30
C ILE C 476 28.91 -24.96 32.15
N ILE C 477 29.48 -26.16 32.10
CA ILE C 477 30.48 -26.45 31.07
C ILE C 477 29.86 -26.40 29.68
N PHE C 478 28.71 -27.08 29.51
CA PHE C 478 28.07 -27.11 28.19
C PHE C 478 27.62 -25.73 27.77
N THR C 479 27.02 -24.97 28.69
CA THR C 479 26.58 -23.61 28.40
C THR C 479 27.75 -22.75 27.96
N SER C 480 28.84 -22.77 28.73
CA SER C 480 29.98 -21.93 28.42
C SER C 480 30.59 -22.31 27.07
N VAL C 481 30.75 -23.60 26.81
CA VAL C 481 31.38 -24.03 25.56
C VAL C 481 30.51 -23.65 24.37
N GLY C 482 29.21 -23.92 24.45
CA GLY C 482 28.34 -23.60 23.33
C GLY C 482 28.23 -22.11 23.07
N THR C 483 28.05 -21.33 24.14
CA THR C 483 27.97 -19.87 24.00
C THR C 483 29.26 -19.31 23.44
N LEU C 484 30.41 -19.79 23.93
CA LEU C 484 31.68 -19.31 23.41
C LEU C 484 31.85 -19.67 21.94
N VAL C 485 31.46 -20.87 21.55
CA VAL C 485 31.61 -21.28 20.15
C VAL C 485 30.76 -20.39 19.25
N ILE C 486 29.49 -20.20 19.61
CA ILE C 486 28.60 -19.38 18.78
C ILE C 486 29.07 -17.93 18.76
N PHE C 487 29.49 -17.40 19.91
CA PHE C 487 29.88 -15.99 19.97
C PHE C 487 31.19 -15.75 19.24
N LEU C 488 32.11 -16.71 19.25
CA LEU C 488 33.33 -16.59 18.48
C LEU C 488 33.05 -16.69 16.99
N ASP C 489 32.11 -17.56 16.59
CA ASP C 489 31.72 -17.63 15.19
C ASP C 489 31.12 -16.29 14.73
N ALA C 490 30.30 -15.67 15.57
CA ALA C 490 29.73 -14.37 15.22
C ALA C 490 30.79 -13.28 15.19
N THR C 491 31.66 -13.25 16.20
CA THR C 491 32.61 -12.14 16.35
C THR C 491 33.63 -12.12 15.23
N TYR C 492 34.12 -13.30 14.83
CA TYR C 492 35.17 -13.39 13.83
C TYR C 492 34.63 -13.40 12.39
N HIS C 493 33.33 -13.23 12.20
CA HIS C 493 32.75 -13.03 10.88
C HIS C 493 32.93 -11.57 10.49
N LEU C 494 34.01 -11.26 9.80
CA LEU C 494 34.38 -9.90 9.45
C LEU C 494 34.01 -9.61 8.00
N PRO C 495 33.81 -8.34 7.64
CA PRO C 495 33.54 -8.02 6.23
C PRO C 495 34.76 -8.26 5.37
N PRO C 496 34.60 -8.43 4.07
CA PRO C 496 35.75 -8.77 3.23
C PRO C 496 36.70 -7.60 3.09
N PRO C 497 38.02 -7.80 3.22
CA PRO C 497 38.94 -6.67 2.97
C PRO C 497 38.90 -6.15 1.56
N ASP C 498 38.64 -7.02 0.57
CA ASP C 498 38.57 -6.66 -0.84
C ASP C 498 37.18 -6.98 -1.39
N PRO C 499 36.59 -6.11 -2.22
CA PRO C 499 35.25 -6.44 -2.76
C PRO C 499 35.23 -7.67 -3.65
N PHE C 500 36.36 -8.01 -4.28
CA PHE C 500 36.43 -9.08 -5.29
C PHE C 500 37.51 -10.05 -4.88
N PRO C 501 37.27 -10.86 -3.84
CA PRO C 501 38.29 -11.80 -3.39
C PRO C 501 38.52 -12.93 -4.38
N SER C 502 39.72 -13.49 -4.34
CA SER C 502 40.04 -14.64 -5.17
C SER C 502 39.23 -15.85 -4.72
N ARG C 503 38.69 -16.58 -5.69
CA ARG C 503 37.89 -17.77 -5.42
C ARG C 503 38.50 -18.99 -6.13
N LEU D 22 -16.38 37.57 -20.45
CA LEU D 22 -14.91 37.72 -20.19
C LEU D 22 -14.21 37.96 -21.52
N ASN D 23 -14.82 38.78 -22.39
CA ASN D 23 -14.17 39.12 -23.64
C ASN D 23 -12.86 39.85 -23.40
N GLU D 24 -12.77 40.58 -22.28
CA GLU D 24 -11.57 41.37 -22.03
C GLU D 24 -10.37 40.49 -21.69
N GLU D 25 -10.51 39.51 -20.80
CA GLU D 25 -9.34 38.68 -20.52
C GLU D 25 -9.09 37.68 -21.63
N GLU D 26 -10.12 37.33 -22.40
CA GLU D 26 -9.88 36.56 -23.62
C GLU D 26 -8.97 37.34 -24.56
N ARG D 27 -9.27 38.62 -24.75
CA ARG D 27 -8.43 39.48 -25.57
C ARG D 27 -7.04 39.63 -24.95
N LEU D 28 -6.97 39.72 -23.62
CA LEU D 28 -5.67 39.86 -22.96
C LEU D 28 -4.82 38.61 -23.12
N ILE D 29 -5.41 37.42 -22.97
CA ILE D 29 -4.69 36.18 -23.18
C ILE D 29 -4.22 36.08 -24.62
N ARG D 30 -5.08 36.47 -25.57
CA ARG D 30 -4.68 36.49 -26.97
C ARG D 30 -3.50 37.43 -27.19
N HIS D 31 -3.52 38.59 -26.53
CA HIS D 31 -2.44 39.55 -26.68
C HIS D 31 -1.15 39.04 -26.06
N LEU D 32 -1.24 38.35 -24.93
CA LEU D 32 -0.03 37.91 -24.23
C LEU D 32 0.61 36.70 -24.92
N PHE D 33 -0.19 35.75 -25.39
CA PHE D 33 0.34 34.46 -25.83
C PHE D 33 0.33 34.27 -27.34
N GLN D 34 -0.60 34.89 -28.07
CA GLN D 34 -0.69 34.74 -29.52
C GLN D 34 -0.12 35.92 -30.28
N GLU D 35 -0.14 37.12 -29.70
CA GLU D 35 0.39 38.28 -30.39
C GLU D 35 1.88 38.46 -30.13
N LYS D 36 2.31 38.31 -28.88
CA LYS D 36 3.70 38.51 -28.50
C LYS D 36 4.54 37.24 -28.59
N GLY D 37 3.94 36.08 -28.84
CA GLY D 37 4.70 34.86 -29.01
C GLY D 37 5.44 34.42 -27.77
N TYR D 38 4.70 34.04 -26.73
CA TYR D 38 5.29 33.59 -25.49
C TYR D 38 5.86 32.18 -25.64
N ASN D 39 7.12 32.00 -25.22
CA ASN D 39 7.79 30.71 -25.24
C ASN D 39 8.07 30.29 -23.80
N LYS D 40 7.25 29.37 -23.28
CA LYS D 40 7.39 28.96 -21.90
C LYS D 40 8.66 28.15 -21.64
N GLU D 41 9.31 27.64 -22.70
CA GLU D 41 10.54 26.90 -22.52
C GLU D 41 11.69 27.82 -22.09
N LEU D 42 11.63 29.09 -22.45
CA LEU D 42 12.68 30.04 -22.12
C LEU D 42 12.39 30.74 -20.80
N ARG D 43 13.44 30.98 -20.04
CA ARG D 43 13.30 31.72 -18.79
C ARG D 43 12.93 33.17 -19.08
N PRO D 44 12.30 33.86 -18.12
CA PRO D 44 12.05 35.31 -18.33
C PRO D 44 13.26 36.17 -17.99
N VAL D 45 14.22 36.23 -18.92
CA VAL D 45 15.44 37.01 -18.77
C VAL D 45 15.79 37.64 -20.09
N ALA D 46 16.32 38.87 -20.03
CA ALA D 46 16.75 39.56 -21.23
C ALA D 46 17.99 38.91 -21.84
N HIS D 47 18.90 38.43 -20.99
CA HIS D 47 20.12 37.75 -21.42
C HIS D 47 20.27 36.45 -20.65
N LYS D 48 20.99 35.50 -21.26
CA LYS D 48 21.14 34.18 -20.65
C LYS D 48 21.88 34.24 -19.32
N GLU D 49 22.83 35.17 -19.19
CA GLU D 49 23.64 35.22 -17.98
C GLU D 49 22.88 35.75 -16.77
N GLU D 50 21.71 36.36 -16.97
CA GLU D 50 20.92 36.81 -15.84
C GLU D 50 20.24 35.62 -15.15
N SER D 51 19.90 35.83 -13.89
CA SER D 51 19.25 34.82 -13.06
C SER D 51 17.87 35.29 -12.65
N VAL D 52 16.91 34.38 -12.67
CA VAL D 52 15.53 34.67 -12.28
C VAL D 52 15.41 34.53 -10.77
N ASP D 53 15.02 35.61 -10.11
CA ASP D 53 14.80 35.58 -8.66
C ASP D 53 13.46 34.90 -8.37
N VAL D 54 13.50 33.88 -7.53
CA VAL D 54 12.32 33.12 -7.14
C VAL D 54 12.22 33.17 -5.63
N ALA D 55 11.19 33.85 -5.13
CA ALA D 55 10.93 33.94 -3.70
C ALA D 55 10.04 32.77 -3.28
N LEU D 56 10.43 32.09 -2.21
CA LEU D 56 9.72 30.93 -1.72
C LEU D 56 9.26 31.16 -0.28
N ALA D 57 8.03 30.73 0.00
CA ALA D 57 7.54 30.60 1.36
C ALA D 57 6.82 29.27 1.48
N LEU D 58 6.75 28.76 2.71
CA LEU D 58 6.10 27.49 2.99
C LEU D 58 5.10 27.68 4.11
N THR D 59 3.87 27.25 3.86
CA THR D 59 2.83 27.18 4.89
C THR D 59 2.57 25.72 5.22
N LEU D 60 2.57 25.39 6.50
CA LEU D 60 2.29 24.03 6.96
C LEU D 60 0.80 23.89 7.24
N SER D 61 0.08 23.24 6.34
CA SER D 61 -1.34 22.99 6.57
C SER D 61 -1.54 22.03 7.74
N ASN D 62 -0.81 20.93 7.74
CA ASN D 62 -0.88 19.97 8.85
C ASN D 62 0.32 19.04 8.78
N LEU D 63 0.84 18.68 9.96
CA LEU D 63 1.88 17.67 10.08
C LEU D 63 1.19 16.31 10.17
N ILE D 64 1.24 15.54 9.08
CA ILE D 64 0.46 14.30 9.05
C ILE D 64 1.05 13.29 10.03
N SER D 65 2.34 13.00 9.93
CA SER D 65 2.91 11.98 10.82
C SER D 65 4.43 12.01 10.76
N LEU D 66 5.03 11.34 11.75
CA LEU D 66 6.44 11.00 11.75
C LEU D 66 6.56 9.53 12.09
N LYS D 67 6.76 8.71 11.06
CA LYS D 67 6.95 7.27 11.24
C LYS D 67 8.40 7.00 11.65
N GLU D 68 8.57 6.47 12.86
CA GLU D 68 9.91 6.28 13.39
C GLU D 68 10.61 5.09 12.74
N VAL D 69 9.89 3.98 12.56
CA VAL D 69 10.50 2.79 11.97
C VAL D 69 10.95 3.07 10.54
N GLU D 70 10.08 3.69 9.76
CA GLU D 70 10.42 4.08 8.40
C GLU D 70 11.25 5.36 8.34
N GLU D 71 11.35 6.10 9.45
CA GLU D 71 12.14 7.33 9.52
C GLU D 71 11.66 8.33 8.46
N THR D 72 10.34 8.54 8.42
CA THR D 72 9.69 9.32 7.38
C THR D 72 8.74 10.35 7.98
N LEU D 73 8.87 11.60 7.55
CA LEU D 73 7.96 12.67 7.94
C LEU D 73 6.98 12.91 6.79
N THR D 74 5.69 12.83 7.09
CA THR D 74 4.62 13.11 6.13
C THR D 74 3.98 14.45 6.51
N THR D 75 3.98 15.38 5.57
CA THR D 75 3.48 16.74 5.78
C THR D 75 2.61 17.19 4.62
N ASN D 76 1.68 18.09 4.93
CA ASN D 76 0.86 18.80 3.95
C ASN D 76 1.32 20.25 3.98
N VAL D 77 1.80 20.74 2.84
CA VAL D 77 2.42 22.07 2.77
C VAL D 77 1.94 22.79 1.52
N TRP D 78 1.73 24.10 1.64
CA TRP D 78 1.40 24.97 0.53
C TRP D 78 2.66 25.79 0.24
N ILE D 79 3.19 25.66 -0.97
CA ILE D 79 4.45 26.30 -1.34
C ILE D 79 4.13 27.54 -2.15
N GLU D 80 4.40 28.71 -1.59
CA GLU D 80 4.20 29.97 -2.29
C GLU D 80 5.45 30.29 -3.09
N HIS D 81 5.28 30.42 -4.41
CA HIS D 81 6.30 30.85 -5.33
C HIS D 81 5.93 32.25 -5.81
N GLY D 82 6.92 33.14 -5.83
CA GLY D 82 6.75 34.45 -6.41
C GLY D 82 7.91 34.78 -7.33
N TRP D 83 7.65 35.11 -8.59
CA TRP D 83 8.71 35.55 -9.48
C TRP D 83 8.15 36.60 -10.43
N THR D 84 9.00 37.11 -11.31
CA THR D 84 8.65 38.16 -12.26
C THR D 84 8.85 37.64 -13.67
N ASP D 85 7.81 37.79 -14.48
CA ASP D 85 7.86 37.47 -15.91
C ASP D 85 7.42 38.74 -16.64
N ASN D 86 8.38 39.52 -17.12
CA ASN D 86 8.06 40.80 -17.76
C ASN D 86 7.33 40.62 -19.09
N ARG D 87 7.42 39.44 -19.70
CA ARG D 87 6.65 39.17 -20.91
C ARG D 87 5.15 39.14 -20.65
N LEU D 88 4.73 38.91 -19.40
CA LEU D 88 3.32 38.82 -19.04
C LEU D 88 2.81 40.12 -18.40
N LYS D 89 3.33 41.26 -18.85
CA LYS D 89 2.88 42.57 -18.39
C LYS D 89 1.83 43.12 -19.33
N TRP D 90 0.92 43.91 -18.78
CA TRP D 90 -0.07 44.63 -19.58
C TRP D 90 -0.50 45.88 -18.82
N ASN D 91 -1.02 46.84 -19.59
CA ASN D 91 -1.62 48.04 -19.00
C ASN D 91 -3.10 47.74 -18.72
N ALA D 92 -3.51 47.90 -17.47
CA ALA D 92 -4.85 47.47 -17.06
C ALA D 92 -5.95 48.23 -17.78
N GLU D 93 -5.77 49.55 -17.97
CA GLU D 93 -6.84 50.34 -18.56
C GLU D 93 -6.99 50.11 -20.06
N GLU D 94 -6.06 49.42 -20.70
CA GLU D 94 -6.24 48.98 -22.08
C GLU D 94 -7.02 47.68 -22.19
N PHE D 95 -7.31 46.99 -21.08
CA PHE D 95 -7.97 45.68 -21.09
C PHE D 95 -9.07 45.64 -20.04
N GLY D 96 -9.93 46.66 -20.02
CA GLY D 96 -11.10 46.68 -19.13
C GLY D 96 -10.72 46.86 -17.66
N ASN D 97 -9.55 47.43 -17.36
CA ASN D 97 -9.06 47.65 -15.97
C ASN D 97 -8.71 46.30 -15.31
N ILE D 98 -8.58 45.22 -16.08
CA ILE D 98 -8.16 43.90 -15.53
C ILE D 98 -6.83 44.11 -14.81
N SER D 99 -6.65 43.57 -13.60
CA SER D 99 -5.41 43.65 -12.85
C SER D 99 -4.78 42.30 -12.56
N VAL D 100 -5.52 41.20 -12.75
CA VAL D 100 -5.01 39.83 -12.44
C VAL D 100 -5.63 38.82 -13.40
N LEU D 101 -4.92 37.73 -13.70
CA LEU D 101 -5.40 36.63 -14.58
C LEU D 101 -5.20 35.30 -13.87
N ARG D 102 -6.03 34.29 -14.13
CA ARG D 102 -5.82 32.91 -13.59
C ARG D 102 -5.50 32.03 -14.81
N LEU D 103 -4.25 31.62 -14.97
CA LEU D 103 -3.81 30.83 -16.15
C LEU D 103 -3.38 29.43 -15.73
N PRO D 104 -3.50 28.40 -16.59
CA PRO D 104 -3.01 27.06 -16.27
C PRO D 104 -1.49 27.12 -16.04
N PRO D 105 -0.91 26.38 -15.07
CA PRO D 105 0.51 26.48 -14.77
C PRO D 105 1.37 26.00 -15.96
N ASP D 106 0.82 25.13 -16.81
CA ASP D 106 1.53 24.58 -17.99
C ASP D 106 1.32 25.49 -19.20
N MET D 107 0.88 26.74 -18.98
CA MET D 107 0.75 27.73 -20.07
C MET D 107 1.88 28.76 -19.91
N VAL D 108 2.64 28.69 -18.81
CA VAL D 108 3.71 29.70 -18.53
C VAL D 108 4.95 29.04 -17.92
N TRP D 109 6.15 29.45 -18.33
CA TRP D 109 7.42 29.02 -17.70
C TRP D 109 7.24 28.95 -16.19
N LEU D 110 7.73 27.89 -15.56
CA LEU D 110 7.66 27.74 -14.08
C LEU D 110 9.07 27.47 -13.54
N PRO D 111 9.46 28.03 -12.38
CA PRO D 111 10.72 27.68 -11.72
C PRO D 111 10.60 26.36 -10.99
N GLU D 112 10.88 25.26 -11.66
CA GLU D 112 10.48 23.96 -11.14
C GLU D 112 11.26 23.62 -9.87
N ILE D 113 10.66 23.95 -8.71
CA ILE D 113 11.20 23.61 -7.40
C ILE D 113 10.68 22.23 -7.02
N VAL D 114 11.55 21.43 -6.41
CA VAL D 114 11.22 20.08 -5.97
C VAL D 114 11.73 19.90 -4.55
N LEU D 115 11.12 18.94 -3.85
CA LEU D 115 11.63 18.52 -2.54
C LEU D 115 12.77 17.54 -2.79
N GLU D 116 13.99 18.00 -2.56
CA GLU D 116 15.16 17.18 -2.86
C GLU D 116 15.23 15.96 -1.97
N ASN D 117 14.95 16.11 -0.67
CA ASN D 117 15.18 15.06 0.31
C ASN D 117 13.93 14.21 0.55
N ASN D 118 13.10 14.02 -0.48
CA ASN D 118 12.06 13.03 -0.37
C ASN D 118 12.68 11.64 -0.26
N ASN D 119 11.87 10.67 0.20
CA ASN D 119 12.29 9.28 0.29
C ASN D 119 11.28 8.31 -0.33
N ASP D 120 10.35 8.81 -1.16
CA ASP D 120 9.39 7.98 -1.86
C ASP D 120 9.40 8.18 -3.36
N GLY D 121 10.22 9.08 -3.89
CA GLY D 121 10.24 9.40 -5.30
C GLY D 121 9.28 10.48 -5.74
N SER D 122 8.45 11.01 -4.83
CA SER D 122 7.54 12.10 -5.14
C SER D 122 8.28 13.41 -4.93
N PHE D 123 8.95 13.88 -5.99
CA PHE D 123 9.71 15.12 -5.94
C PHE D 123 8.83 16.35 -6.02
N GLN D 124 7.70 16.28 -6.72
CA GLN D 124 6.96 17.45 -7.18
C GLN D 124 5.73 17.71 -6.31
N ILE D 125 5.18 18.91 -6.48
CA ILE D 125 3.92 19.27 -5.84
C ILE D 125 2.79 18.36 -6.34
N SER D 126 1.74 18.26 -5.52
CA SER D 126 0.66 17.32 -5.80
C SER D 126 -0.36 17.89 -6.77
N TYR D 127 -0.90 19.08 -6.47
CA TYR D 127 -1.96 19.70 -7.26
C TYR D 127 -1.39 20.90 -8.00
N SER D 128 -1.30 20.81 -9.33
CA SER D 128 -0.78 21.88 -10.17
C SER D 128 -1.90 22.90 -10.42
N CYS D 129 -2.08 23.79 -9.46
CA CYS D 129 -3.14 24.79 -9.52
C CYS D 129 -2.78 25.89 -10.51
N ASN D 130 -3.74 26.79 -10.72
CA ASN D 130 -3.51 27.95 -11.58
C ASN D 130 -2.46 28.87 -10.98
N VAL D 131 -1.70 29.50 -11.85
CA VAL D 131 -0.87 30.65 -11.49
C VAL D 131 -1.73 31.89 -11.54
N LEU D 132 -1.42 32.85 -10.67
CA LEU D 132 -1.99 34.19 -10.71
C LEU D 132 -0.95 35.15 -11.27
N VAL D 133 -1.30 35.83 -12.36
CA VAL D 133 -0.40 36.75 -13.05
C VAL D 133 -1.00 38.15 -12.91
N TYR D 134 -0.23 39.06 -12.31
CA TYR D 134 -0.67 40.44 -12.14
C TYR D 134 -0.15 41.30 -13.28
N HIS D 135 -0.81 42.45 -13.47
CA HIS D 135 -0.54 43.28 -14.64
C HIS D 135 0.88 43.82 -14.65
N TYR D 136 1.51 43.95 -13.47
CA TYR D 136 2.87 44.42 -13.37
C TYR D 136 3.91 43.31 -13.48
N GLY D 137 3.52 42.15 -14.01
CA GLY D 137 4.46 41.09 -14.35
C GLY D 137 4.75 40.09 -13.25
N PHE D 138 4.15 40.23 -12.08
CA PHE D 138 4.41 39.32 -10.98
C PHE D 138 3.57 38.06 -11.12
N VAL D 139 4.21 36.91 -11.02
CA VAL D 139 3.56 35.61 -11.04
C VAL D 139 3.59 35.04 -9.63
N TYR D 140 2.41 34.75 -9.11
CA TYR D 140 2.18 34.13 -7.81
C TYR D 140 1.64 32.73 -8.04
N TRP D 141 2.15 31.76 -7.29
CA TRP D 141 1.73 30.37 -7.48
C TRP D 141 1.77 29.66 -6.13
N LEU D 142 0.64 29.10 -5.70
CA LEU D 142 0.54 28.45 -4.39
C LEU D 142 0.07 27.00 -4.57
N PRO D 143 0.91 26.14 -5.12
CA PRO D 143 0.55 24.73 -5.20
C PRO D 143 0.58 24.09 -3.83
N PRO D 144 -0.41 23.26 -3.49
CA PRO D 144 -0.30 22.43 -2.29
C PRO D 144 0.29 21.06 -2.61
N ALA D 145 0.82 20.42 -1.58
CA ALA D 145 1.55 19.18 -1.78
C ALA D 145 1.52 18.34 -0.51
N ILE D 146 1.44 17.03 -0.73
CA ILE D 146 1.72 16.03 0.30
C ILE D 146 3.14 15.54 0.05
N PHE D 147 3.99 15.68 1.07
CA PHE D 147 5.40 15.33 0.95
C PHE D 147 5.78 14.30 2.00
N ARG D 148 6.59 13.34 1.59
CA ARG D 148 7.14 12.31 2.46
C ARG D 148 8.65 12.40 2.38
N SER D 149 9.26 12.87 3.47
CA SER D 149 10.67 13.24 3.50
C SER D 149 11.43 12.41 4.52
N SER D 150 12.72 12.22 4.25
CA SER D 150 13.58 11.47 5.14
C SER D 150 13.87 12.31 6.38
N CYS D 151 13.54 11.76 7.55
CA CYS D 151 13.86 12.38 8.84
C CYS D 151 14.57 11.33 9.69
N PRO D 152 15.90 11.30 9.72
CA PRO D 152 16.58 10.36 10.62
C PRO D 152 16.21 10.64 12.08
N ILE D 153 16.02 9.55 12.83
CA ILE D 153 15.40 9.60 14.14
C ILE D 153 16.49 9.35 15.19
N SER D 154 16.56 10.25 16.17
CA SER D 154 17.43 10.08 17.32
C SER D 154 16.60 9.43 18.43
N VAL D 155 16.92 8.18 18.76
CA VAL D 155 16.12 7.41 19.71
C VAL D 155 16.62 7.51 21.13
N THR D 156 17.63 8.35 21.40
CA THR D 156 18.36 8.30 22.66
C THR D 156 17.45 8.53 23.86
N TYR D 157 16.52 9.48 23.74
CA TYR D 157 15.65 9.89 24.85
C TYR D 157 14.20 9.45 24.66
N PHE D 158 13.95 8.51 23.76
CA PHE D 158 12.58 8.05 23.53
C PHE D 158 12.02 7.42 24.81
N PRO D 159 10.77 7.74 25.21
CA PRO D 159 9.73 8.55 24.56
C PRO D 159 9.80 10.04 24.91
N PHE D 160 10.86 10.52 25.56
CA PHE D 160 11.04 11.94 25.88
C PHE D 160 11.90 12.64 24.84
N ASP D 161 11.80 12.22 23.58
CA ASP D 161 12.69 12.66 22.52
C ASP D 161 12.11 13.86 21.79
N TRP D 162 13.01 14.62 21.15
CA TRP D 162 12.66 15.62 20.17
C TRP D 162 13.46 15.36 18.90
N GLN D 163 12.83 15.64 17.75
CA GLN D 163 13.43 15.35 16.43
C GLN D 163 13.75 16.65 15.71
N ASN D 164 14.53 16.58 14.63
CA ASN D 164 14.96 17.77 13.86
C ASN D 164 14.80 17.41 12.38
N CYS D 165 13.59 17.47 11.84
CA CYS D 165 13.31 17.11 10.43
C CYS D 165 13.60 18.32 9.54
N SER D 166 13.73 18.11 8.23
CA SER D 166 13.99 19.18 7.27
C SER D 166 13.25 18.90 5.97
N LEU D 167 12.80 19.98 5.33
CA LEU D 167 12.25 19.96 3.98
C LEU D 167 13.16 20.82 3.13
N LYS D 168 13.96 20.18 2.29
CA LYS D 168 14.98 20.84 1.49
C LYS D 168 14.47 21.00 0.07
N PHE D 169 14.24 22.24 -0.34
CA PHE D 169 13.70 22.57 -1.66
C PHE D 169 14.79 23.15 -2.54
N SER D 170 14.84 22.66 -3.77
CA SER D 170 15.82 23.12 -4.75
C SER D 170 15.24 22.86 -6.13
N SER D 171 16.03 23.18 -7.15
CA SER D 171 15.68 22.94 -8.54
C SER D 171 16.72 22.02 -9.16
N LEU D 172 16.25 20.93 -9.76
CA LEU D 172 17.12 20.05 -10.53
C LEU D 172 17.18 20.43 -12.00
N LYS D 173 16.13 21.07 -12.53
CA LYS D 173 16.18 21.55 -13.90
C LYS D 173 16.99 22.83 -14.06
N TYR D 174 17.10 23.65 -13.00
CA TYR D 174 17.81 24.92 -13.05
C TYR D 174 18.81 25.01 -11.91
N THR D 175 19.95 25.64 -12.20
CA THR D 175 21.04 25.82 -11.25
C THR D 175 21.07 27.27 -10.80
N ALA D 176 22.02 27.58 -9.91
CA ALA D 176 22.15 28.93 -9.37
C ALA D 176 22.48 29.95 -10.45
N LYS D 177 23.06 29.52 -11.57
CA LYS D 177 23.29 30.44 -12.67
C LYS D 177 21.98 30.94 -13.26
N GLU D 178 20.95 30.09 -13.30
CA GLU D 178 19.72 30.38 -14.01
C GLU D 178 18.58 30.87 -13.11
N ILE D 179 18.50 30.42 -11.86
CA ILE D 179 17.53 30.94 -10.90
C ILE D 179 18.23 31.18 -9.57
N THR D 180 17.83 32.25 -8.89
CA THR D 180 18.30 32.57 -7.55
C THR D 180 17.16 32.39 -6.57
N LEU D 181 17.34 31.52 -5.59
CA LEU D 181 16.32 31.26 -4.59
C LEU D 181 16.47 32.24 -3.43
N SER D 182 15.33 32.75 -2.96
CA SER D 182 15.31 33.67 -1.83
C SER D 182 14.05 33.42 -1.02
N LEU D 183 14.05 33.93 0.21
CA LEU D 183 12.88 33.83 1.06
C LEU D 183 11.89 34.93 0.72
N LYS D 184 10.61 34.64 0.96
CA LYS D 184 9.56 35.63 0.77
C LYS D 184 9.78 36.80 1.71
N GLN D 185 9.44 38.00 1.23
CA GLN D 185 9.63 39.24 1.96
C GLN D 185 8.27 39.85 2.25
N ASP D 186 8.00 40.12 3.53
CA ASP D 186 6.77 40.74 3.99
C ASP D 186 7.05 42.17 4.41
N ALA D 187 5.98 42.92 4.65
CA ALA D 187 6.06 44.34 4.96
C ALA D 187 5.27 44.65 6.23
N LYS D 188 5.80 45.60 7.00
CA LYS D 188 5.12 46.13 8.17
C LYS D 188 5.52 47.59 8.34
N GLU D 189 4.53 48.48 8.25
CA GLU D 189 4.75 49.92 8.44
C GLU D 189 5.82 50.44 7.48
N ASN D 190 5.74 49.99 6.22
CA ASN D 190 6.72 50.36 5.19
C ASN D 190 8.14 49.95 5.58
N ARG D 191 8.26 48.80 6.26
CA ARG D 191 9.54 48.18 6.53
C ARG D 191 9.49 46.74 6.04
N THR D 192 10.42 46.37 5.18
CA THR D 192 10.48 45.02 4.63
C THR D 192 11.32 44.11 5.52
N TYR D 193 10.87 42.88 5.69
CA TYR D 193 11.61 41.86 6.42
C TYR D 193 11.43 40.52 5.74
N PRO D 194 12.45 39.65 5.76
CA PRO D 194 12.26 38.31 5.19
C PRO D 194 11.44 37.42 6.09
N VAL D 195 10.70 36.51 5.47
CA VAL D 195 9.94 35.48 6.19
C VAL D 195 10.89 34.32 6.41
N GLU D 196 11.44 34.21 7.62
CA GLU D 196 12.46 33.23 7.97
C GLU D 196 11.91 32.10 8.84
N TRP D 197 10.67 31.70 8.59
CA TRP D 197 10.03 30.65 9.35
C TRP D 197 8.94 30.01 8.50
N ILE D 198 8.55 28.80 8.87
CA ILE D 198 7.37 28.19 8.28
C ILE D 198 6.13 28.93 8.76
N ILE D 199 5.23 29.21 7.84
CA ILE D 199 4.00 29.94 8.17
C ILE D 199 2.96 28.95 8.68
N ILE D 200 2.35 29.27 9.82
CA ILE D 200 1.29 28.46 10.40
C ILE D 200 0.13 29.39 10.75
N ASP D 201 -1.06 29.04 10.29
CA ASP D 201 -2.25 29.81 10.63
C ASP D 201 -2.59 29.55 12.10
N PRO D 202 -2.62 30.57 12.97
CA PRO D 202 -2.92 30.28 14.39
C PRO D 202 -4.29 29.67 14.61
N GLU D 203 -5.29 30.04 13.80
CA GLU D 203 -6.65 29.57 14.00
C GLU D 203 -6.94 28.27 13.27
N GLY D 204 -6.52 28.15 12.01
CA GLY D 204 -6.86 26.99 11.21
C GLY D 204 -5.97 25.78 11.41
N PHE D 205 -4.84 25.94 12.09
CA PHE D 205 -3.90 24.85 12.24
C PHE D 205 -4.35 23.90 13.36
N THR D 206 -4.44 22.61 13.04
CA THR D 206 -4.73 21.58 14.01
C THR D 206 -3.43 20.86 14.36
N GLU D 207 -3.06 20.88 15.63
CA GLU D 207 -1.79 20.31 16.06
C GLU D 207 -1.83 18.79 15.95
N ASN D 208 -0.70 18.21 15.56
CA ASN D 208 -0.56 16.76 15.55
C ASN D 208 -0.77 16.20 16.96
N GLY D 209 -1.37 15.02 17.02
CA GLY D 209 -1.73 14.42 18.29
C GLY D 209 -0.55 13.91 19.10
N GLU D 210 0.64 13.79 18.49
CA GLU D 210 1.82 13.27 19.16
C GLU D 210 3.01 14.23 19.15
N TRP D 211 3.02 15.24 18.28
CA TRP D 211 4.19 16.08 18.05
C TRP D 211 3.80 17.55 18.18
N GLU D 212 4.57 18.30 18.96
CA GLU D 212 4.38 19.73 19.14
C GLU D 212 5.56 20.44 18.48
N ILE D 213 5.27 21.45 17.67
CA ILE D 213 6.32 22.20 16.97
C ILE D 213 6.91 23.21 17.95
N VAL D 214 8.23 23.15 18.16
CA VAL D 214 8.93 24.07 19.05
C VAL D 214 9.56 25.19 18.24
N HIS D 215 10.35 24.83 17.23
CA HIS D 215 10.96 25.77 16.31
C HIS D 215 10.63 25.40 14.88
N ARG D 216 10.52 26.41 14.03
CA ARG D 216 10.18 26.20 12.63
C ARG D 216 10.90 27.21 11.75
N PRO D 217 12.22 27.19 11.70
CA PRO D 217 12.96 28.20 10.94
C PRO D 217 12.99 27.87 9.46
N ALA D 218 13.34 28.88 8.67
CA ALA D 218 13.59 28.75 7.24
C ALA D 218 14.92 29.40 6.92
N ARG D 219 15.66 28.81 5.98
CA ARG D 219 17.01 29.27 5.67
C ARG D 219 17.31 29.08 4.20
N VAL D 220 18.01 30.05 3.62
CA VAL D 220 18.63 29.90 2.32
C VAL D 220 20.05 29.39 2.55
N ASN D 221 20.36 28.22 2.01
CA ASN D 221 21.67 27.59 2.15
C ASN D 221 22.37 27.63 0.80
N VAL D 222 23.58 28.20 0.79
CA VAL D 222 24.43 28.25 -0.39
C VAL D 222 25.74 27.53 -0.05
N ASP D 223 26.10 26.54 -0.86
CA ASP D 223 27.33 25.79 -0.66
C ASP D 223 28.45 26.54 -1.35
N PRO D 224 29.41 27.14 -0.64
CA PRO D 224 30.50 27.84 -1.34
C PRO D 224 31.39 26.94 -2.17
N ARG D 225 31.53 25.67 -1.79
CA ARG D 225 32.43 24.78 -2.51
C ARG D 225 31.87 24.32 -3.84
N ALA D 226 30.54 24.24 -3.96
CA ALA D 226 29.95 23.76 -5.20
C ALA D 226 30.12 24.79 -6.31
N PRO D 227 30.24 24.36 -7.58
CA PRO D 227 30.25 25.33 -8.68
C PRO D 227 28.87 25.94 -8.87
N LEU D 228 28.85 27.11 -9.51
CA LEU D 228 27.60 27.82 -9.72
C LEU D 228 26.65 27.06 -10.65
N ASP D 229 27.17 26.23 -11.55
CA ASP D 229 26.35 25.46 -12.47
C ASP D 229 25.96 24.08 -11.93
N SER D 230 26.00 23.89 -10.60
CA SER D 230 25.60 22.65 -9.96
C SER D 230 24.21 22.82 -9.34
N PRO D 231 23.29 21.86 -9.44
CA PRO D 231 22.01 21.99 -8.72
C PRO D 231 22.18 21.99 -7.20
N SER D 232 23.30 21.50 -6.68
CA SER D 232 23.54 21.46 -5.25
C SER D 232 24.10 22.75 -4.68
N ARG D 233 24.30 23.78 -5.51
CA ARG D 233 24.84 25.04 -5.01
C ARG D 233 23.90 25.68 -3.99
N GLN D 234 22.60 25.74 -4.31
CA GLN D 234 21.64 26.49 -3.51
C GLN D 234 20.46 25.60 -3.12
N ASP D 235 19.86 25.93 -1.98
CA ASP D 235 18.59 25.33 -1.58
C ASP D 235 17.95 26.25 -0.55
N ILE D 236 16.66 26.03 -0.33
CA ILE D 236 15.93 26.64 0.79
C ILE D 236 15.40 25.50 1.64
N THR D 237 15.81 25.49 2.91
CA THR D 237 15.44 24.44 3.84
C THR D 237 14.49 25.01 4.88
N PHE D 238 13.37 24.32 5.08
CA PHE D 238 12.42 24.61 6.14
C PHE D 238 12.53 23.50 7.17
N TYR D 239 12.95 23.85 8.39
CA TYR D 239 13.22 22.87 9.43
C TYR D 239 12.04 22.83 10.39
N LEU D 240 11.75 21.64 10.90
CA LEU D 240 10.75 21.44 11.94
C LEU D 240 11.45 20.76 13.11
N ILE D 241 11.60 21.49 14.21
CA ILE D 241 12.01 20.92 15.49
C ILE D 241 10.73 20.58 16.23
N ILE D 242 10.52 19.29 16.50
CA ILE D 242 9.27 18.80 17.04
C ILE D 242 9.54 17.95 18.27
N ARG D 243 8.83 18.22 19.34
CA ARG D 243 8.92 17.50 20.60
C ARG D 243 7.77 16.50 20.69
N ARG D 244 8.09 15.26 21.06
CA ARG D 244 7.05 14.28 21.29
C ARG D 244 6.27 14.61 22.56
N LYS D 245 4.95 14.51 22.47
CA LYS D 245 4.10 14.58 23.65
C LYS D 245 4.01 13.18 24.24
N PRO D 246 4.68 12.89 25.38
CA PRO D 246 4.88 11.48 25.76
C PRO D 246 3.77 10.87 26.60
N LEU D 247 2.59 11.50 26.64
CA LEU D 247 1.55 11.06 27.57
C LEU D 247 1.09 9.63 27.28
N PHE D 248 0.89 9.30 26.00
CA PHE D 248 0.47 7.95 25.63
C PHE D 248 1.47 6.91 26.12
N TYR D 249 2.73 7.10 25.77
CA TYR D 249 3.76 6.15 26.18
C TYR D 249 3.88 6.09 27.69
N ILE D 250 3.82 7.25 28.37
CA ILE D 250 3.83 7.29 29.83
C ILE D 250 2.76 6.35 30.38
N ILE D 251 1.50 6.67 30.09
CA ILE D 251 0.35 5.99 30.69
C ILE D 251 0.37 4.50 30.37
N ASN D 252 0.62 4.16 29.11
CA ASN D 252 0.40 2.78 28.66
C ASN D 252 1.61 1.87 28.83
N ILE D 253 2.83 2.40 28.83
CA ILE D 253 4.04 1.58 28.82
C ILE D 253 4.83 1.84 30.10
N LEU D 254 5.12 3.12 30.39
CA LEU D 254 6.21 3.39 31.32
C LEU D 254 5.81 3.15 32.76
N VAL D 255 4.65 3.68 33.17
CA VAL D 255 4.17 3.43 34.53
C VAL D 255 3.94 1.94 34.78
N PRO D 256 3.24 1.20 33.92
CA PRO D 256 3.13 -0.26 34.14
C PRO D 256 4.47 -0.97 34.19
N CYS D 257 5.37 -0.68 33.25
CA CYS D 257 6.67 -1.34 33.22
C CYS D 257 7.48 -1.03 34.48
N VAL D 258 7.49 0.25 34.89
CA VAL D 258 8.28 0.64 36.05
C VAL D 258 7.73 0.00 37.32
N LEU D 259 6.40 0.03 37.49
CA LEU D 259 5.80 -0.56 38.69
C LEU D 259 6.00 -2.06 38.73
N ILE D 260 5.85 -2.74 37.59
CA ILE D 260 6.05 -4.18 37.54
C ILE D 260 7.49 -4.53 37.86
N SER D 261 8.44 -3.75 37.33
CA SER D 261 9.85 -3.98 37.64
C SER D 261 10.13 -3.79 39.13
N PHE D 262 9.56 -2.75 39.72
CA PHE D 262 9.74 -2.51 41.15
C PHE D 262 9.09 -3.60 41.98
N MET D 263 8.11 -4.33 41.43
CA MET D 263 7.51 -5.44 42.16
C MET D 263 8.51 -6.55 42.51
N VAL D 264 9.61 -6.68 41.77
CA VAL D 264 10.54 -7.77 42.08
C VAL D 264 11.21 -7.57 43.44
N ASN D 265 11.20 -6.35 43.97
CA ASN D 265 11.80 -6.11 45.28
C ASN D 265 10.98 -6.67 46.43
N LEU D 266 9.68 -6.90 46.25
CA LEU D 266 8.87 -7.44 47.34
C LEU D 266 9.27 -8.86 47.71
N VAL D 267 9.96 -9.59 46.82
CA VAL D 267 10.34 -10.97 47.10
C VAL D 267 11.25 -11.05 48.32
N PHE D 268 11.99 -9.99 48.61
CA PHE D 268 12.82 -9.97 49.80
C PHE D 268 12.00 -9.93 51.08
N TYR D 269 10.79 -9.36 51.03
CA TYR D 269 9.88 -9.39 52.17
C TYR D 269 8.99 -10.63 52.19
N LEU D 270 8.97 -11.42 51.13
CA LEU D 270 8.23 -12.67 51.15
C LEU D 270 9.00 -13.73 51.95
N PRO D 271 8.36 -14.47 52.86
CA PRO D 271 9.09 -15.52 53.57
C PRO D 271 9.44 -16.66 52.64
N ALA D 272 10.54 -17.34 52.97
CA ALA D 272 10.98 -18.49 52.20
C ALA D 272 9.98 -19.64 52.25
N ASP D 273 9.15 -19.70 53.30
CA ASP D 273 8.17 -20.77 53.43
C ASP D 273 6.95 -20.57 52.54
N SER D 274 6.77 -19.38 51.96
CA SER D 274 5.65 -19.17 51.05
C SER D 274 5.77 -20.05 49.81
N GLY D 275 7.00 -20.33 49.36
CA GLY D 275 7.18 -21.15 48.19
C GLY D 275 6.84 -20.47 46.88
N GLU D 276 6.84 -19.14 46.86
CA GLU D 276 6.41 -18.38 45.69
C GLU D 276 7.34 -17.20 45.39
N LYS D 277 8.61 -17.30 45.80
CA LYS D 277 9.55 -16.21 45.61
C LYS D 277 10.08 -16.18 44.17
N THR D 278 10.68 -17.30 43.73
CA THR D 278 11.24 -17.37 42.39
C THR D 278 10.15 -17.25 41.33
N SER D 279 8.94 -17.74 41.62
CA SER D 279 7.84 -17.59 40.66
C SER D 279 7.52 -16.12 40.43
N VAL D 280 7.46 -15.33 41.50
CA VAL D 280 7.21 -13.90 41.38
C VAL D 280 8.31 -13.24 40.57
N ALA D 281 9.57 -13.58 40.88
CA ALA D 281 10.68 -12.90 40.22
C ALA D 281 10.74 -13.24 38.73
N ILE D 282 10.61 -14.53 38.39
CA ILE D 282 10.67 -14.92 36.99
C ILE D 282 9.45 -14.42 36.24
N SER D 283 8.30 -14.27 36.92
CA SER D 283 7.14 -13.69 36.26
C SER D 283 7.36 -12.22 35.95
N VAL D 284 8.04 -11.50 36.84
CA VAL D 284 8.41 -10.12 36.54
C VAL D 284 9.32 -10.08 35.32
N LEU D 285 10.26 -11.03 35.23
CA LEU D 285 11.11 -11.09 34.05
C LEU D 285 10.30 -11.35 32.78
N LEU D 286 9.31 -12.24 32.87
CA LEU D 286 8.45 -12.52 31.72
C LEU D 286 7.68 -11.29 31.29
N ALA D 287 7.14 -10.54 32.26
CA ALA D 287 6.41 -9.32 31.94
C ALA D 287 7.33 -8.30 31.28
N GLN D 288 8.56 -8.17 31.77
CA GLN D 288 9.52 -7.27 31.14
C GLN D 288 9.81 -7.71 29.70
N SER D 289 9.88 -9.02 29.46
CA SER D 289 10.09 -9.51 28.10
C SER D 289 8.90 -9.17 27.21
N VAL D 290 7.69 -9.23 27.75
CA VAL D 290 6.51 -8.84 26.99
C VAL D 290 6.60 -7.36 26.63
N PHE D 291 7.02 -6.53 27.57
CA PHE D 291 7.19 -5.10 27.28
C PHE D 291 8.26 -4.87 26.22
N LEU D 292 9.33 -5.67 26.26
CA LEU D 292 10.37 -5.56 25.24
C LEU D 292 9.82 -5.92 23.87
N LEU D 293 9.00 -6.98 23.80
CA LEU D 293 8.30 -7.30 22.55
C LEU D 293 7.44 -6.13 22.10
N LEU D 294 6.80 -5.44 23.04
CA LEU D 294 5.97 -4.30 22.70
C LEU D 294 6.81 -3.18 22.08
N ILE D 295 7.96 -2.88 22.69
CA ILE D 295 8.80 -1.78 22.20
C ILE D 295 9.41 -2.14 20.85
N SER D 296 9.69 -3.43 20.61
CA SER D 296 10.42 -3.84 19.41
C SER D 296 9.72 -3.45 18.12
N LYS D 297 8.40 -3.26 18.14
CA LYS D 297 7.64 -2.92 16.95
C LYS D 297 7.58 -1.44 16.66
N ARG D 298 7.97 -0.58 17.62
CA ARG D 298 7.67 0.84 17.56
C ARG D 298 8.86 1.72 17.19
N LEU D 299 10.07 1.18 17.16
CA LEU D 299 11.29 1.94 16.87
C LEU D 299 12.11 1.21 15.83
N PRO D 300 12.94 1.91 15.06
CA PRO D 300 13.85 1.22 14.15
C PRO D 300 14.97 0.53 14.91
N ALA D 301 15.58 -0.46 14.26
CA ALA D 301 16.71 -1.18 14.84
C ALA D 301 18.03 -0.46 14.56
N THR D 302 18.08 0.82 14.90
CA THR D 302 19.27 1.62 14.67
C THR D 302 20.31 1.37 15.75
N SER D 303 21.54 1.79 15.48
CA SER D 303 22.69 1.53 16.34
C SER D 303 23.30 2.79 16.94
N MET D 304 22.73 3.97 16.68
CA MET D 304 23.33 5.19 17.18
C MET D 304 23.26 5.26 18.70
N ALA D 305 22.21 4.70 19.30
CA ALA D 305 22.08 4.71 20.75
C ALA D 305 21.04 3.68 21.16
N ILE D 306 21.10 3.31 22.44
CA ILE D 306 20.04 2.51 23.05
C ILE D 306 18.93 3.46 23.48
N PRO D 307 17.65 3.18 23.18
CA PRO D 307 16.59 4.07 23.66
C PRO D 307 16.52 4.09 25.18
N LEU D 308 16.04 5.23 25.71
CA LEU D 308 15.92 5.39 27.16
C LEU D 308 15.04 4.31 27.76
N ILE D 309 13.89 4.02 27.14
CA ILE D 309 13.07 2.92 27.60
C ILE D 309 13.83 1.60 27.44
N GLY D 310 14.61 1.48 26.36
CA GLY D 310 15.45 0.30 26.20
C GLY D 310 16.50 0.19 27.29
N LYS D 311 17.13 1.30 27.65
CA LYS D 311 18.11 1.29 28.73
C LYS D 311 17.47 0.85 30.04
N PHE D 312 16.31 1.43 30.37
CA PHE D 312 15.63 1.05 31.60
C PHE D 312 15.23 -0.41 31.57
N LEU D 313 14.73 -0.90 30.43
CA LEU D 313 14.30 -2.29 30.37
C LEU D 313 15.48 -3.23 30.54
N LEU D 314 16.60 -2.95 29.88
CA LEU D 314 17.79 -3.78 30.05
C LEU D 314 18.27 -3.76 31.50
N PHE D 315 18.28 -2.59 32.12
CA PHE D 315 18.68 -2.45 33.51
C PHE D 315 17.75 -3.26 34.41
N GLY D 316 16.45 -3.21 34.14
CA GLY D 316 15.49 -3.94 34.95
C GLY D 316 15.58 -5.44 34.78
N MET D 317 15.74 -5.92 33.55
CA MET D 317 15.92 -7.36 33.34
C MET D 317 17.18 -7.86 34.00
N VAL D 318 18.28 -7.09 33.92
CA VAL D 318 19.49 -7.51 34.60
C VAL D 318 19.27 -7.59 36.11
N LEU D 319 18.66 -6.55 36.70
CA LEU D 319 18.42 -6.56 38.14
C LEU D 319 17.49 -7.69 38.54
N VAL D 320 16.47 -7.97 37.74
CA VAL D 320 15.54 -9.05 38.06
C VAL D 320 16.26 -10.39 37.98
N THR D 321 17.21 -10.54 37.05
CA THR D 321 18.01 -11.75 37.01
C THR D 321 18.84 -11.91 38.27
N MET D 322 19.51 -10.83 38.72
CA MET D 322 20.24 -10.91 39.99
C MET D 322 19.31 -11.22 41.15
N VAL D 323 18.08 -10.69 41.12
CA VAL D 323 17.15 -10.95 42.20
C VAL D 323 16.72 -12.40 42.20
N VAL D 324 16.53 -13.00 41.02
CA VAL D 324 16.20 -14.42 40.95
C VAL D 324 17.35 -15.25 41.50
N VAL D 325 18.58 -14.88 41.14
CA VAL D 325 19.75 -15.61 41.66
C VAL D 325 19.83 -15.47 43.17
N ILE D 326 19.57 -14.27 43.69
CA ILE D 326 19.60 -14.04 45.13
C ILE D 326 18.51 -14.87 45.81
N CYS D 327 17.33 -14.95 45.19
CA CYS D 327 16.26 -15.77 45.75
C CYS D 327 16.65 -17.25 45.78
N VAL D 328 17.32 -17.71 44.73
CA VAL D 328 17.80 -19.09 44.70
C VAL D 328 18.79 -19.33 45.84
N ILE D 329 19.73 -18.40 46.04
CA ILE D 329 20.72 -18.56 47.10
C ILE D 329 20.04 -18.53 48.47
N VAL D 330 19.07 -17.63 48.66
CA VAL D 330 18.38 -17.51 49.93
C VAL D 330 17.59 -18.78 50.23
N LEU D 331 16.90 -19.32 49.23
CA LEU D 331 16.17 -20.57 49.41
C LEU D 331 17.13 -21.72 49.71
N ASN D 332 18.30 -21.72 49.05
CA ASN D 332 19.29 -22.74 49.35
C ASN D 332 19.72 -22.68 50.81
N ILE D 333 19.97 -21.48 51.31
CA ILE D 333 20.38 -21.31 52.71
C ILE D 333 19.24 -21.72 53.64
N HIS D 334 18.01 -21.39 53.28
CA HIS D 334 16.87 -21.59 54.18
C HIS D 334 16.65 -23.07 54.48
N PHE D 335 16.81 -23.93 53.48
CA PHE D 335 16.44 -25.34 53.59
C PHE D 335 17.60 -26.24 54.02
N ARG D 336 18.74 -25.68 54.43
CA ARG D 336 19.84 -26.50 54.90
C ARG D 336 19.49 -27.15 56.23
N THR D 337 20.05 -28.33 56.44
CA THR D 337 19.80 -29.14 57.64
C THR D 337 21.12 -29.71 58.12
N PRO D 338 21.18 -30.20 59.37
CA PRO D 338 22.41 -30.85 59.84
C PRO D 338 22.83 -32.03 58.99
N SER D 339 21.87 -32.74 58.38
CA SER D 339 22.20 -33.91 57.58
C SER D 339 22.84 -33.56 56.25
N THR D 340 22.84 -32.29 55.85
CA THR D 340 23.33 -31.87 54.54
C THR D 340 24.41 -30.81 54.63
N HIS D 341 24.35 -29.96 55.66
CA HIS D 341 25.29 -28.85 55.82
C HIS D 341 25.66 -28.70 57.28
N VAL D 342 26.80 -28.05 57.52
CA VAL D 342 27.30 -27.73 58.85
C VAL D 342 27.21 -26.23 59.04
N LEU D 343 26.56 -25.81 60.13
CA LEU D 343 26.40 -24.40 60.47
C LEU D 343 27.52 -24.01 61.43
N SER D 344 28.50 -23.27 60.91
CA SER D 344 29.66 -22.87 61.71
C SER D 344 29.28 -21.74 62.66
N GLU D 345 30.08 -21.61 63.73
CA GLU D 345 29.82 -20.59 64.73
C GLU D 345 30.08 -19.19 64.19
N GLY D 346 31.04 -19.04 63.27
CA GLY D 346 31.28 -17.73 62.67
C GLY D 346 30.10 -17.26 61.85
N VAL D 347 29.49 -18.16 61.09
CA VAL D 347 28.30 -17.81 60.31
C VAL D 347 27.17 -17.40 61.23
N LYS D 348 26.98 -18.13 62.33
CA LYS D 348 25.96 -17.77 63.31
C LYS D 348 26.24 -16.39 63.90
N LYS D 349 27.50 -16.12 64.25
CA LYS D 349 27.84 -14.82 64.84
C LYS D 349 27.57 -13.69 63.86
N LEU D 350 27.92 -13.89 62.58
CA LEU D 350 27.74 -12.84 61.60
C LEU D 350 26.27 -12.60 61.31
N PHE D 351 25.49 -13.68 61.09
CA PHE D 351 24.18 -13.55 60.49
C PHE D 351 23.02 -13.58 61.49
N LEU D 352 23.25 -14.03 62.72
CA LEU D 352 22.18 -14.12 63.72
C LEU D 352 22.27 -13.04 64.79
N GLU D 353 23.45 -12.46 65.02
CA GLU D 353 23.64 -11.45 66.08
C GLU D 353 24.12 -10.12 65.55
N THR D 354 25.16 -10.08 64.71
CA THR D 354 25.75 -8.80 64.33
C THR D 354 24.88 -8.08 63.30
N LEU D 355 24.68 -8.70 62.14
CA LEU D 355 23.90 -8.05 61.08
C LEU D 355 22.46 -7.73 61.48
N PRO D 356 21.71 -8.61 62.14
CA PRO D 356 20.36 -8.20 62.58
C PRO D 356 20.36 -6.99 63.50
N GLU D 357 21.35 -6.88 64.37
CA GLU D 357 21.46 -5.68 65.20
C GLU D 357 21.77 -4.45 64.33
N LEU D 358 22.68 -4.59 63.38
CA LEU D 358 22.99 -3.47 62.48
C LEU D 358 21.80 -3.11 61.62
N LEU D 359 21.07 -4.10 61.12
CA LEU D 359 19.94 -3.86 60.22
C LEU D 359 18.66 -3.48 60.96
N HIS D 360 18.69 -3.39 62.29
CA HIS D 360 17.52 -3.02 63.09
C HIS D 360 16.37 -3.99 62.86
N MET D 361 16.68 -5.28 62.75
CA MET D 361 15.64 -6.28 62.55
C MET D 361 14.91 -6.56 63.85
N SER D 362 13.64 -6.96 63.73
CA SER D 362 12.86 -7.30 64.91
C SER D 362 13.48 -8.48 65.64
N ARG D 363 13.59 -8.37 66.96
CA ARG D 363 14.35 -9.32 67.76
C ARG D 363 13.42 -10.38 68.37
N PRO D 364 13.79 -11.66 68.42
CA PRO D 364 13.00 -12.61 69.21
C PRO D 364 13.13 -12.33 70.70
N ALA D 365 12.08 -12.67 71.44
CA ALA D 365 12.06 -12.51 72.90
C ALA D 365 12.28 -11.06 73.30
N GLN D 429 15.26 -58.89 92.62
CA GLN D 429 14.29 -57.88 92.19
C GLN D 429 13.79 -58.19 90.79
N GLU D 430 12.74 -59.01 90.71
CA GLU D 430 12.16 -59.35 89.41
C GLU D 430 11.44 -58.16 88.80
N LEU D 431 10.93 -57.24 89.62
CA LEU D 431 10.17 -56.11 89.11
C LEU D 431 11.04 -55.21 88.24
N PHE D 432 12.23 -54.85 88.73
CA PHE D 432 13.11 -53.98 87.95
C PHE D 432 13.64 -54.70 86.71
N ASN D 433 13.92 -56.00 86.83
CA ASN D 433 14.36 -56.75 85.66
C ASN D 433 13.28 -56.80 84.59
N GLU D 434 12.02 -56.89 85.00
CA GLU D 434 10.92 -56.90 84.03
C GLU D 434 10.65 -55.51 83.47
N LEU D 435 10.90 -54.45 84.23
CA LEU D 435 10.69 -53.09 83.77
C LEU D 435 11.89 -52.49 83.03
N LYS D 436 13.03 -53.17 83.04
CA LYS D 436 14.21 -52.64 82.34
C LYS D 436 13.98 -52.41 80.85
N PRO D 437 13.31 -53.28 80.09
CA PRO D 437 12.99 -52.92 78.70
C PRO D 437 12.16 -51.65 78.59
N ALA D 438 11.23 -51.41 79.52
CA ALA D 438 10.45 -50.19 79.50
C ALA D 438 11.34 -48.96 79.73
N VAL D 439 12.29 -49.06 80.66
CA VAL D 439 13.20 -47.94 80.91
C VAL D 439 14.07 -47.69 79.68
N ASP D 440 14.57 -48.76 79.06
CA ASP D 440 15.39 -48.60 77.85
C ASP D 440 14.59 -47.97 76.73
N GLY D 441 13.33 -48.39 76.55
CA GLY D 441 12.49 -47.79 75.54
C GLY D 441 12.21 -46.32 75.81
N ALA D 442 11.95 -45.97 77.08
CA ALA D 442 11.71 -44.58 77.43
C ALA D 442 12.95 -43.74 77.16
N ASN D 443 14.13 -44.25 77.50
CA ASN D 443 15.36 -43.52 77.23
C ASN D 443 15.57 -43.36 75.72
N PHE D 444 15.25 -44.39 74.95
CA PHE D 444 15.35 -44.28 73.50
C PHE D 444 14.40 -43.22 72.95
N ILE D 445 13.18 -43.17 73.49
CA ILE D 445 12.20 -42.18 73.08
C ILE D 445 12.71 -40.78 73.40
N VAL D 446 13.28 -40.62 74.59
CA VAL D 446 13.79 -39.31 75.01
C VAL D 446 14.94 -38.87 74.11
N ASN D 447 15.84 -39.79 73.79
CA ASN D 447 16.95 -39.47 72.91
C ASN D 447 16.44 -39.08 71.53
N HIS D 448 15.43 -39.78 71.04
CA HIS D 448 14.84 -39.43 69.74
C HIS D 448 14.26 -38.03 69.76
N MET D 449 13.51 -37.70 70.82
CA MET D 449 12.92 -36.37 70.93
C MET D 449 14.00 -35.29 71.01
N ARG D 450 15.04 -35.54 71.80
CA ARG D 450 16.11 -34.55 71.95
C ARG D 450 16.84 -34.32 70.63
N ASP D 451 17.15 -35.41 69.92
CA ASP D 451 17.82 -35.27 68.63
C ASP D 451 16.94 -34.54 67.63
N GLN D 452 15.64 -34.85 67.62
CA GLN D 452 14.72 -34.16 66.71
C GLN D 452 14.66 -32.67 67.03
N ASN D 453 14.63 -32.32 68.31
CA ASN D 453 14.57 -30.92 68.69
C ASN D 453 15.84 -30.17 68.31
N ASN D 454 17.00 -30.81 68.49
CA ASN D 454 18.26 -30.18 68.07
C ASN D 454 18.29 -29.98 66.55
N TYR D 455 17.82 -30.99 65.81
CA TYR D 455 17.74 -30.89 64.36
C TYR D 455 16.85 -29.72 63.95
N ASN D 456 15.68 -29.60 64.56
CA ASN D 456 14.76 -28.52 64.23
C ASN D 456 15.35 -27.17 64.62
N GLU D 457 16.10 -27.11 65.72
CA GLU D 457 16.73 -25.86 66.13
C GLU D 457 17.76 -25.41 65.11
N GLU D 458 18.57 -26.34 64.60
CA GLU D 458 19.53 -25.96 63.57
C GLU D 458 18.81 -25.51 62.29
N LYS D 459 17.71 -26.18 61.95
CA LYS D 459 16.93 -25.74 60.79
C LYS D 459 16.41 -24.32 60.99
N ASP D 460 15.93 -24.01 62.20
CA ASP D 460 15.46 -22.67 62.49
C ASP D 460 16.59 -21.65 62.39
N SER D 461 17.79 -22.01 62.85
CA SER D 461 18.93 -21.11 62.72
C SER D 461 19.25 -20.83 61.25
N TRP D 462 19.17 -21.85 60.41
CA TRP D 462 19.37 -21.63 58.98
C TRP D 462 18.29 -20.72 58.40
N ASN D 463 17.06 -20.89 58.87
CA ASN D 463 15.97 -20.01 58.43
C ASN D 463 16.26 -18.55 58.80
N ARG D 464 16.74 -18.32 60.02
CA ARG D 464 17.05 -16.94 60.44
C ARG D 464 18.23 -16.37 59.63
N VAL D 465 19.21 -17.20 59.31
CA VAL D 465 20.31 -16.74 58.46
C VAL D 465 19.77 -16.29 57.10
N ALA D 466 18.87 -17.09 56.54
CA ALA D 466 18.24 -16.73 55.27
C ALA D 466 17.48 -15.42 55.39
N ARG D 467 16.77 -15.22 56.52
CA ARG D 467 16.03 -13.97 56.72
C ARG D 467 16.96 -12.77 56.76
N THR D 468 18.10 -12.90 57.46
CA THR D 468 19.05 -11.80 57.52
C THR D 468 19.61 -11.48 56.13
N VAL D 469 19.95 -12.52 55.36
CA VAL D 469 20.44 -12.30 54.00
C VAL D 469 19.37 -11.59 53.18
N ASP D 470 18.11 -11.97 53.35
CA ASP D 470 17.02 -11.36 52.60
C ASP D 470 16.89 -9.87 52.94
N ARG D 471 16.96 -9.54 54.23
CA ARG D 471 16.84 -8.14 54.64
C ARG D 471 18.00 -7.30 54.09
N LEU D 472 19.22 -7.84 54.16
CA LEU D 472 20.37 -7.12 53.64
C LEU D 472 20.23 -6.92 52.12
N CYS D 473 19.78 -7.96 51.42
CA CYS D 473 19.60 -7.84 49.98
C CYS D 473 18.50 -6.85 49.63
N LEU D 474 17.45 -6.76 50.45
CA LEU D 474 16.46 -5.70 50.25
C LEU D 474 17.11 -4.33 50.33
N PHE D 475 17.78 -4.05 51.46
CA PHE D 475 18.37 -2.72 51.67
C PHE D 475 19.49 -2.40 50.70
N VAL D 476 20.05 -3.39 50.02
CA VAL D 476 21.07 -3.15 49.00
C VAL D 476 20.45 -2.99 47.61
N VAL D 477 19.58 -3.92 47.22
CA VAL D 477 19.11 -3.98 45.84
C VAL D 477 18.08 -2.90 45.56
N THR D 478 17.12 -2.68 46.48
CA THR D 478 16.05 -1.74 46.18
C THR D 478 16.54 -0.31 45.97
N PRO D 479 17.43 0.24 46.81
CA PRO D 479 17.97 1.58 46.49
C PRO D 479 18.69 1.65 45.16
N VAL D 480 19.42 0.60 44.78
CA VAL D 480 20.12 0.61 43.50
C VAL D 480 19.13 0.71 42.35
N MET D 481 18.05 -0.07 42.43
CA MET D 481 17.02 -0.03 41.39
C MET D 481 16.37 1.35 41.33
N VAL D 482 16.03 1.91 42.49
CA VAL D 482 15.37 3.22 42.53
C VAL D 482 16.29 4.28 41.93
N VAL D 483 17.56 4.27 42.33
CA VAL D 483 18.48 5.32 41.87
C VAL D 483 18.76 5.17 40.38
N GLY D 484 18.97 3.94 39.90
CA GLY D 484 19.22 3.75 38.49
C GLY D 484 18.04 4.15 37.63
N THR D 485 16.83 3.76 38.05
CA THR D 485 15.63 4.16 37.33
C THR D 485 15.49 5.67 37.32
N ALA D 486 15.72 6.31 38.47
CA ALA D 486 15.61 7.76 38.56
C ALA D 486 16.60 8.45 37.64
N TRP D 487 17.84 7.98 37.61
CA TRP D 487 18.84 8.56 36.72
C TRP D 487 18.43 8.40 35.26
N ILE D 488 18.03 7.18 34.87
CA ILE D 488 17.70 6.90 33.47
C ILE D 488 16.55 7.77 33.01
N PHE D 489 15.52 7.91 33.85
CA PHE D 489 14.37 8.70 33.45
C PHE D 489 14.61 10.20 33.63
N LEU D 490 15.58 10.59 34.46
CA LEU D 490 15.89 12.01 34.61
C LEU D 490 16.67 12.54 33.41
N GLN D 491 17.42 11.67 32.72
CA GLN D 491 18.01 12.13 31.46
C GLN D 491 16.92 12.54 30.47
N GLY D 492 15.83 11.78 30.40
CA GLY D 492 14.77 12.07 29.47
C GLY D 492 13.84 13.19 29.90
N VAL D 493 13.55 13.27 31.20
CA VAL D 493 12.59 14.27 31.68
C VAL D 493 13.14 15.67 31.47
N TYR D 494 14.45 15.85 31.63
CA TYR D 494 15.10 17.14 31.44
C TYR D 494 15.62 17.33 30.02
N ASN D 495 15.33 16.41 29.10
CA ASN D 495 15.74 16.54 27.72
C ASN D 495 14.76 17.46 27.00
N GLN D 496 15.25 18.61 26.53
CA GLN D 496 14.46 19.63 25.88
C GLN D 496 15.21 20.08 24.63
N PRO D 497 14.50 20.50 23.57
CA PRO D 497 15.21 21.12 22.46
C PRO D 497 15.84 22.42 22.88
N PRO D 498 16.92 22.84 22.21
CA PRO D 498 17.64 24.04 22.66
C PRO D 498 16.81 25.29 22.47
N PRO D 499 17.13 26.38 23.17
CA PRO D 499 16.34 27.61 23.01
C PRO D 499 16.36 28.17 21.59
N GLN D 500 17.45 27.99 20.85
CA GLN D 500 17.60 28.45 19.48
C GLN D 500 17.57 27.26 18.51
N PRO D 501 16.97 27.39 17.33
CA PRO D 501 16.98 26.25 16.39
C PRO D 501 18.37 25.82 15.96
N PHE D 502 19.28 26.77 15.77
CA PHE D 502 20.64 26.50 15.32
C PHE D 502 21.61 26.82 16.44
N PRO D 503 22.36 25.86 17.00
CA PRO D 503 23.39 26.22 17.97
C PRO D 503 24.45 27.13 17.36
N GLY D 504 24.86 28.13 18.14
CA GLY D 504 25.79 29.13 17.67
C GLY D 504 25.16 30.35 17.03
N ASP D 505 23.88 30.26 16.63
CA ASP D 505 23.15 31.37 16.05
C ASP D 505 22.17 31.92 17.08
N PRO D 506 22.32 33.16 17.58
CA PRO D 506 21.38 33.63 18.62
C PRO D 506 19.97 33.88 18.11
N TYR D 507 19.77 33.99 16.79
CA TYR D 507 18.47 34.36 16.27
C TYR D 507 17.43 33.27 16.53
N SER D 508 16.20 33.70 16.83
CA SER D 508 15.13 32.80 17.21
C SER D 508 14.29 32.31 16.04
N TYR D 509 14.32 33.00 14.90
CA TYR D 509 13.52 32.63 13.73
C TYR D 509 12.04 32.58 14.07
N ASN D 510 11.55 33.63 14.70
CA ASN D 510 10.15 33.76 15.10
C ASN D 510 9.59 35.07 14.55
N VAL D 511 8.27 35.07 14.30
CA VAL D 511 7.64 36.24 13.70
C VAL D 511 7.67 37.44 14.64
N GLN D 512 7.81 37.20 15.95
CA GLN D 512 7.96 38.31 16.87
C GLN D 512 9.26 39.06 16.62
N ASP D 513 10.34 38.33 16.34
CA ASP D 513 11.66 38.93 16.11
C ASP D 513 11.94 39.04 14.61
N LYS D 514 11.31 40.04 14.00
CA LYS D 514 11.56 40.33 12.59
C LYS D 514 12.88 41.05 12.41
N ARG D 515 13.59 40.72 11.34
CA ARG D 515 14.86 41.34 10.98
C ARG D 515 14.60 42.25 9.79
N PHE D 516 14.20 43.48 10.08
CA PHE D 516 13.87 44.44 9.04
C PHE D 516 15.12 44.80 8.24
N ILE D 517 14.93 45.01 6.94
CA ILE D 517 16.03 45.29 6.02
C ILE D 517 16.21 46.80 5.92
N LYS E 21 -3.42 -5.07 -51.14
CA LYS E 21 -3.98 -4.10 -50.15
C LYS E 21 -4.88 -4.81 -49.16
N ASN E 22 -4.68 -4.53 -47.87
CA ASN E 22 -5.50 -5.11 -46.83
C ASN E 22 -6.91 -4.53 -46.89
N GLU E 23 -7.92 -5.40 -46.97
CA GLU E 23 -9.30 -4.94 -46.96
C GLU E 23 -9.71 -4.42 -45.58
N GLU E 24 -9.00 -4.81 -44.53
CA GLU E 24 -9.28 -4.26 -43.20
C GLU E 24 -9.06 -2.76 -43.17
N LEU E 25 -8.02 -2.27 -43.85
CA LEU E 25 -7.78 -0.83 -43.91
C LEU E 25 -8.91 -0.11 -44.64
N ARG E 26 -9.37 -0.68 -45.76
CA ARG E 26 -10.47 -0.06 -46.48
C ARG E 26 -11.74 -0.04 -45.64
N LEU E 27 -12.02 -1.12 -44.93
CA LEU E 27 -13.19 -1.16 -44.05
C LEU E 27 -13.07 -0.14 -42.93
N TYR E 28 -11.88 -0.04 -42.32
CA TYR E 28 -11.65 0.95 -41.27
C TYR E 28 -11.87 2.37 -41.77
N HIS E 29 -11.32 2.71 -42.93
CA HIS E 29 -11.51 4.05 -43.45
C HIS E 29 -12.97 4.30 -43.84
N HIS E 30 -13.65 3.28 -44.35
CA HIS E 30 -15.07 3.43 -44.67
C HIS E 30 -15.90 3.71 -43.42
N LEU E 31 -15.63 3.01 -42.32
CA LEU E 31 -16.44 3.16 -41.12
C LEU E 31 -16.08 4.38 -40.29
N PHE E 32 -14.80 4.73 -40.17
CA PHE E 32 -14.35 5.69 -39.17
C PHE E 32 -13.85 7.01 -39.73
N ASN E 33 -13.89 7.21 -41.06
CA ASN E 33 -13.50 8.50 -41.61
C ASN E 33 -14.43 9.61 -41.14
N ASN E 34 -15.73 9.33 -41.06
CA ASN E 34 -16.75 10.27 -40.59
C ASN E 34 -17.53 9.56 -39.50
N TYR E 35 -17.04 9.65 -38.27
CA TYR E 35 -17.66 8.96 -37.14
C TYR E 35 -17.32 9.71 -35.87
N ASP E 36 -18.32 9.88 -34.99
CA ASP E 36 -18.17 10.62 -33.75
C ASP E 36 -18.36 9.67 -32.57
N PRO E 37 -17.31 9.24 -31.87
CA PRO E 37 -17.53 8.36 -30.71
C PRO E 37 -18.18 9.06 -29.53
N GLY E 38 -18.25 10.40 -29.53
CA GLY E 38 -18.89 11.11 -28.45
C GLY E 38 -20.41 11.11 -28.47
N SER E 39 -21.01 10.80 -29.62
CA SER E 39 -22.46 10.79 -29.78
C SER E 39 -23.00 9.37 -29.64
N ARG E 40 -24.16 9.26 -28.99
CA ARG E 40 -24.79 7.96 -28.86
C ARG E 40 -25.22 7.45 -30.24
N PRO E 41 -25.23 6.12 -30.47
CA PRO E 41 -25.69 5.62 -31.78
C PRO E 41 -27.21 5.52 -31.85
N VAL E 42 -27.85 6.67 -31.93
CA VAL E 42 -29.30 6.78 -32.04
C VAL E 42 -29.64 7.71 -33.20
N ARG E 43 -30.68 7.38 -33.94
CA ARG E 43 -31.10 8.22 -35.05
C ARG E 43 -31.78 9.49 -34.57
N GLU E 44 -32.45 9.44 -33.40
CA GLU E 44 -33.08 10.59 -32.79
C GLU E 44 -32.70 10.67 -31.31
N PRO E 45 -32.71 11.87 -30.70
CA PRO E 45 -32.27 11.97 -29.30
C PRO E 45 -33.11 11.16 -28.32
N GLU E 46 -34.41 11.00 -28.57
CA GLU E 46 -35.28 10.33 -27.61
C GLU E 46 -35.17 8.82 -27.67
N ASP E 47 -34.52 8.26 -28.69
CA ASP E 47 -34.32 6.83 -28.77
C ASP E 47 -33.34 6.38 -27.68
N THR E 48 -33.46 5.11 -27.30
CA THR E 48 -32.66 4.51 -26.24
C THR E 48 -31.74 3.44 -26.84
N VAL E 49 -30.51 3.39 -26.33
CA VAL E 49 -29.55 2.36 -26.72
C VAL E 49 -29.71 1.18 -25.76
N THR E 50 -29.96 0.01 -26.31
CA THR E 50 -30.05 -1.22 -25.52
C THR E 50 -28.67 -1.88 -25.44
N ILE E 51 -28.24 -2.18 -24.22
CA ILE E 51 -26.94 -2.79 -23.95
C ILE E 51 -27.18 -4.18 -23.38
N SER E 52 -26.65 -5.20 -24.05
CA SER E 52 -26.69 -6.56 -23.54
C SER E 52 -25.46 -6.79 -22.67
N LEU E 53 -25.70 -7.21 -21.43
CA LEU E 53 -24.66 -7.32 -20.41
C LEU E 53 -24.50 -8.76 -19.95
N LYS E 54 -23.25 -9.20 -19.88
CA LYS E 54 -22.86 -10.40 -19.18
C LYS E 54 -21.66 -10.05 -18.30
N VAL E 55 -21.54 -10.73 -17.16
CA VAL E 55 -20.39 -10.56 -16.27
C VAL E 55 -19.85 -11.94 -15.94
N THR E 56 -18.60 -12.19 -16.28
CA THR E 56 -17.96 -13.48 -16.06
C THR E 56 -16.91 -13.32 -14.97
N LEU E 57 -17.04 -14.09 -13.90
CA LEU E 57 -16.08 -14.07 -12.79
C LEU E 57 -15.04 -15.15 -13.02
N THR E 58 -13.76 -14.74 -13.06
CA THR E 58 -12.67 -15.69 -13.22
C THR E 58 -12.09 -16.13 -11.89
N ASN E 59 -11.87 -15.20 -10.97
CA ASN E 59 -11.32 -15.49 -9.65
C ASN E 59 -11.99 -14.61 -8.60
N LEU E 60 -12.27 -15.20 -7.44
CA LEU E 60 -12.59 -14.45 -6.24
C LEU E 60 -11.28 -14.32 -5.47
N ILE E 61 -10.65 -13.14 -5.54
CA ILE E 61 -9.33 -12.99 -4.94
C ILE E 61 -9.43 -13.02 -3.42
N SER E 62 -10.26 -12.16 -2.82
CA SER E 62 -10.32 -12.17 -1.36
C SER E 62 -11.53 -11.38 -0.88
N LEU E 63 -11.82 -11.53 0.40
CA LEU E 63 -12.75 -10.66 1.13
C LEU E 63 -12.04 -10.21 2.40
N ASN E 64 -11.59 -8.95 2.41
CA ASN E 64 -10.92 -8.35 3.54
C ASN E 64 -11.98 -7.86 4.52
N GLU E 65 -12.11 -8.56 5.66
CA GLU E 65 -13.12 -8.20 6.64
C GLU E 65 -12.74 -6.91 7.37
N LYS E 66 -11.45 -6.69 7.60
CA LYS E 66 -11.02 -5.47 8.27
C LYS E 66 -11.40 -4.23 7.46
N GLU E 67 -11.15 -4.27 6.15
CA GLU E 67 -11.51 -3.18 5.26
C GLU E 67 -12.90 -3.34 4.63
N GLU E 68 -13.56 -4.48 4.83
CA GLU E 68 -14.88 -4.75 4.26
C GLU E 68 -14.84 -4.58 2.74
N THR E 69 -13.87 -5.24 2.11
CA THR E 69 -13.60 -5.09 0.67
C THR E 69 -13.57 -6.46 0.01
N LEU E 70 -14.37 -6.63 -1.03
CA LEU E 70 -14.33 -7.84 -1.86
C LEU E 70 -13.49 -7.55 -3.08
N THR E 71 -12.42 -8.32 -3.28
CA THR E 71 -11.55 -8.22 -4.44
C THR E 71 -11.83 -9.39 -5.37
N THR E 72 -12.24 -9.07 -6.59
CA THR E 72 -12.60 -10.06 -7.60
C THR E 72 -11.94 -9.71 -8.93
N SER E 73 -11.72 -10.74 -9.75
CA SER E 73 -11.27 -10.60 -11.13
C SER E 73 -12.38 -11.09 -12.04
N VAL E 74 -12.80 -10.23 -12.97
CA VAL E 74 -13.91 -10.52 -13.87
C VAL E 74 -13.56 -10.03 -15.27
N TRP E 75 -14.42 -10.36 -16.21
CA TRP E 75 -14.46 -9.67 -17.49
C TRP E 75 -15.92 -9.52 -17.91
N ILE E 76 -16.25 -8.37 -18.44
CA ILE E 76 -17.63 -7.97 -18.69
C ILE E 76 -17.87 -8.01 -20.19
N GLY E 77 -18.87 -8.78 -20.61
CA GLY E 77 -19.27 -8.80 -22.01
C GLY E 77 -20.36 -7.79 -22.28
N ILE E 78 -20.10 -6.87 -23.20
CA ILE E 78 -21.00 -5.77 -23.51
C ILE E 78 -21.26 -5.79 -25.00
N ASP E 79 -22.52 -5.99 -25.39
CA ASP E 79 -22.91 -6.04 -26.80
C ASP E 79 -23.97 -4.98 -27.07
N TRP E 80 -23.89 -4.34 -28.24
CA TRP E 80 -24.91 -3.39 -28.64
C TRP E 80 -24.85 -3.18 -30.14
N GLN E 81 -25.71 -2.31 -30.65
CA GLN E 81 -25.80 -2.00 -32.07
C GLN E 81 -25.41 -0.55 -32.32
N ASP E 82 -24.52 -0.35 -33.29
CA ASP E 82 -24.15 0.98 -33.77
C ASP E 82 -24.45 1.00 -35.26
N TYR E 83 -25.55 1.64 -35.64
CA TYR E 83 -25.95 1.69 -37.04
C TYR E 83 -24.91 2.39 -37.90
N ARG E 84 -24.11 3.27 -37.29
CA ARG E 84 -23.05 4.03 -38.00
C ARG E 84 -21.89 3.12 -38.37
N LEU E 85 -21.76 1.96 -37.71
CA LEU E 85 -20.66 0.98 -37.96
C LEU E 85 -21.21 -0.23 -38.72
N ASN E 86 -22.27 -0.03 -39.51
CA ASN E 86 -22.93 -1.11 -40.28
C ASN E 86 -22.14 -1.40 -41.56
N TYR E 87 -21.85 -2.66 -41.87
CA TYR E 87 -21.15 -3.06 -43.12
C TYR E 87 -21.48 -4.51 -43.48
N SER E 88 -21.43 -4.86 -44.77
CA SER E 88 -21.68 -6.22 -45.26
C SER E 88 -20.36 -6.85 -45.68
N LYS E 89 -20.20 -8.14 -45.38
CA LYS E 89 -18.94 -8.82 -45.67
C LYS E 89 -18.68 -8.92 -47.15
N ASP E 90 -19.74 -8.94 -47.97
CA ASP E 90 -19.57 -9.10 -49.41
C ASP E 90 -18.88 -7.89 -50.03
N ASP E 91 -19.08 -6.70 -49.47
CA ASP E 91 -18.48 -5.49 -50.01
C ASP E 91 -17.05 -5.26 -49.53
N PHE E 92 -16.52 -6.11 -48.66
CA PHE E 92 -15.18 -5.94 -48.10
C PHE E 92 -14.45 -7.28 -48.05
N GLY E 93 -14.53 -8.04 -49.12
CA GLY E 93 -13.74 -9.26 -49.24
C GLY E 93 -14.07 -10.34 -48.24
N GLY E 94 -15.29 -10.38 -47.73
CA GLY E 94 -15.68 -11.41 -46.79
C GLY E 94 -15.30 -11.18 -45.35
N ILE E 95 -14.91 -9.97 -44.97
CA ILE E 95 -14.57 -9.70 -43.59
C ILE E 95 -15.84 -9.70 -42.75
N GLU E 96 -15.87 -10.56 -41.73
CA GLU E 96 -17.00 -10.65 -40.81
C GLU E 96 -16.73 -9.99 -39.47
N THR E 97 -15.50 -9.59 -39.18
CA THR E 97 -15.17 -8.97 -37.90
C THR E 97 -13.99 -8.02 -38.09
N LEU E 98 -14.01 -6.92 -37.36
CA LEU E 98 -12.89 -5.96 -37.34
C LEU E 98 -12.58 -5.61 -35.89
N ARG E 99 -11.32 -5.75 -35.50
CA ARG E 99 -10.86 -5.34 -34.19
C ARG E 99 -10.35 -3.90 -34.27
N VAL E 100 -10.86 -3.04 -33.39
CA VAL E 100 -10.36 -1.66 -33.32
C VAL E 100 -10.21 -1.26 -31.85
N PRO E 101 -9.34 -0.28 -31.57
CA PRO E 101 -9.24 0.22 -30.18
C PRO E 101 -10.56 0.79 -29.68
N SER E 102 -10.84 0.54 -28.40
CA SER E 102 -12.12 0.93 -27.82
C SER E 102 -12.29 2.44 -27.76
N GLU E 103 -11.20 3.20 -27.74
CA GLU E 103 -11.30 4.66 -27.70
C GLU E 103 -11.91 5.24 -28.96
N LEU E 104 -11.92 4.49 -30.07
CA LEU E 104 -12.41 5.00 -31.33
C LEU E 104 -13.93 4.92 -31.50
N VAL E 105 -14.61 4.09 -30.70
CA VAL E 105 -16.05 3.88 -30.82
C VAL E 105 -16.74 4.46 -29.60
N TRP E 106 -18.02 4.78 -29.75
CA TRP E 106 -18.83 5.14 -28.61
C TRP E 106 -18.95 3.96 -27.67
N LEU E 107 -18.91 4.23 -26.37
CA LEU E 107 -19.07 3.23 -25.33
C LEU E 107 -20.14 3.70 -24.35
N PRO E 108 -20.89 2.77 -23.73
CA PRO E 108 -21.88 3.20 -22.74
C PRO E 108 -21.28 3.62 -21.40
N GLU E 109 -19.97 3.47 -21.21
CA GLU E 109 -19.27 3.90 -20.00
C GLU E 109 -19.83 3.19 -18.76
N ILE E 110 -19.77 1.86 -18.79
CA ILE E 110 -20.20 1.05 -17.66
C ILE E 110 -19.12 1.10 -16.59
N VAL E 111 -19.55 1.30 -15.35
CA VAL E 111 -18.67 1.37 -14.19
C VAL E 111 -19.30 0.59 -13.05
N LEU E 112 -18.44 0.12 -12.15
CA LEU E 112 -18.88 -0.44 -10.88
C LEU E 112 -19.14 0.70 -9.92
N GLU E 113 -20.42 0.93 -9.61
CA GLU E 113 -20.78 2.06 -8.76
C GLU E 113 -20.32 1.89 -7.31
N ASN E 114 -20.36 0.66 -6.79
CA ASN E 114 -20.06 0.41 -5.38
C ASN E 114 -18.62 -0.02 -5.16
N ASN E 115 -17.69 0.51 -5.95
CA ASN E 115 -16.28 0.30 -5.68
C ASN E 115 -15.87 1.09 -4.44
N ILE E 116 -14.90 0.54 -3.71
CA ILE E 116 -14.43 1.15 -2.47
C ILE E 116 -13.10 1.90 -2.66
N ASP E 117 -12.28 1.51 -3.64
CA ASP E 117 -10.95 2.08 -3.82
C ASP E 117 -10.93 3.26 -4.77
N GLY E 118 -12.08 3.68 -5.30
CA GLY E 118 -12.14 4.76 -6.26
C GLY E 118 -11.90 4.35 -7.69
N GLN E 119 -11.66 3.07 -7.98
CA GLN E 119 -11.45 2.59 -9.33
C GLN E 119 -12.81 2.18 -9.91
N PHE E 120 -13.33 3.00 -10.80
CA PHE E 120 -14.65 2.79 -11.41
C PHE E 120 -14.58 1.94 -12.68
N GLY E 121 -13.52 2.09 -13.47
CA GLY E 121 -13.44 1.50 -14.79
C GLY E 121 -12.74 0.16 -14.81
N VAL E 122 -12.50 -0.33 -16.04
CA VAL E 122 -11.93 -1.64 -16.25
C VAL E 122 -10.41 -1.57 -16.20
N ALA E 123 -9.78 -2.75 -16.09
CA ALA E 123 -8.34 -2.82 -15.90
C ALA E 123 -7.57 -2.70 -17.21
N TYR E 124 -8.11 -3.25 -18.30
CA TYR E 124 -7.45 -3.25 -19.60
C TYR E 124 -8.46 -2.87 -20.66
N ASP E 125 -8.15 -1.81 -21.41
CA ASP E 125 -9.03 -1.34 -22.48
C ASP E 125 -8.75 -2.17 -23.73
N ALA E 126 -9.43 -3.31 -23.81
CA ALA E 126 -9.25 -4.21 -24.93
C ALA E 126 -9.92 -3.64 -26.18
N ASN E 127 -9.53 -4.20 -27.33
CA ASN E 127 -10.16 -3.85 -28.58
C ASN E 127 -11.63 -4.25 -28.56
N VAL E 128 -12.45 -3.43 -29.19
CA VAL E 128 -13.83 -3.78 -29.52
C VAL E 128 -13.83 -4.56 -30.82
N LEU E 129 -14.80 -5.47 -30.95
CA LEU E 129 -15.04 -6.23 -32.17
C LEU E 129 -16.29 -5.67 -32.85
N VAL E 130 -16.12 -5.20 -34.07
CA VAL E 130 -17.22 -4.69 -34.89
C VAL E 130 -17.55 -5.78 -35.90
N TYR E 131 -18.73 -6.37 -35.76
CA TYR E 131 -19.22 -7.38 -36.68
C TYR E 131 -20.06 -6.73 -37.77
N GLU E 132 -20.28 -7.48 -38.84
CA GLU E 132 -21.18 -7.03 -39.89
C GLU E 132 -22.59 -6.87 -39.32
N GLY E 133 -23.33 -5.92 -39.87
CA GLY E 133 -24.64 -5.57 -39.34
C GLY E 133 -24.63 -4.55 -38.23
N GLY E 134 -23.49 -3.95 -37.92
CA GLY E 134 -23.41 -2.92 -36.90
C GLY E 134 -23.37 -3.44 -35.48
N SER E 135 -23.09 -4.71 -35.26
CA SER E 135 -23.02 -5.26 -33.92
C SER E 135 -21.62 -5.02 -33.34
N VAL E 136 -21.58 -4.42 -32.16
CA VAL E 136 -20.33 -4.08 -31.48
C VAL E 136 -20.27 -4.87 -30.19
N THR E 137 -19.13 -5.55 -29.97
CA THR E 137 -18.87 -6.33 -28.78
C THR E 137 -17.59 -5.84 -28.12
N TRP E 138 -17.63 -5.67 -26.81
CA TRP E 138 -16.49 -5.26 -26.00
C TRP E 138 -16.40 -6.17 -24.80
N LEU E 139 -15.23 -6.79 -24.60
CA LEU E 139 -15.04 -7.80 -23.54
C LEU E 139 -13.80 -7.46 -22.70
N PRO E 140 -13.80 -6.31 -22.02
CA PRO E 140 -12.59 -5.90 -21.28
C PRO E 140 -12.51 -6.62 -19.95
N PRO E 141 -11.32 -7.01 -19.49
CA PRO E 141 -11.21 -7.56 -18.14
C PRO E 141 -11.07 -6.46 -17.09
N ALA E 142 -11.31 -6.84 -15.84
CA ALA E 142 -11.33 -5.88 -14.75
C ALA E 142 -10.98 -6.56 -13.45
N ILE E 143 -10.30 -5.80 -12.59
CA ILE E 143 -10.10 -6.15 -11.19
C ILE E 143 -10.92 -5.15 -10.39
N TYR E 144 -11.88 -5.65 -9.60
CA TYR E 144 -12.78 -4.81 -8.83
C TYR E 144 -12.53 -5.01 -7.35
N ARG E 145 -12.47 -3.90 -6.62
CA ARG E 145 -12.48 -3.87 -5.16
C ARG E 145 -13.76 -3.16 -4.73
N SER E 146 -14.72 -3.93 -4.25
CA SER E 146 -16.09 -3.46 -4.01
C SER E 146 -16.43 -3.50 -2.54
N VAL E 147 -17.42 -2.68 -2.16
CA VAL E 147 -17.89 -2.64 -0.78
C VAL E 147 -18.69 -3.89 -0.47
N CYS E 148 -18.39 -4.53 0.66
CA CYS E 148 -19.19 -5.64 1.17
C CYS E 148 -19.26 -5.51 2.68
N ALA E 149 -20.37 -4.98 3.18
CA ALA E 149 -20.59 -4.94 4.63
C ALA E 149 -20.65 -6.35 5.17
N VAL E 150 -19.78 -6.65 6.13
CA VAL E 150 -19.62 -8.00 6.64
C VAL E 150 -20.56 -8.19 7.83
N GLU E 151 -21.53 -9.08 7.68
CA GLU E 151 -22.39 -9.48 8.80
C GLU E 151 -21.57 -10.38 9.70
N VAL E 152 -21.23 -9.89 10.90
CA VAL E 152 -20.22 -10.54 11.72
C VAL E 152 -20.78 -11.58 12.68
N THR E 153 -22.10 -11.69 12.80
CA THR E 153 -22.71 -12.34 13.96
C THR E 153 -22.24 -13.78 14.16
N TYR E 154 -22.16 -14.54 13.07
CA TYR E 154 -21.80 -15.96 13.12
C TYR E 154 -20.39 -16.23 12.59
N PHE E 155 -19.55 -15.20 12.50
CA PHE E 155 -18.17 -15.38 12.08
C PHE E 155 -17.45 -16.30 13.08
N PRO E 156 -16.67 -17.30 12.61
CA PRO E 156 -16.26 -17.64 11.24
C PRO E 156 -17.22 -18.58 10.51
N PHE E 157 -18.36 -18.94 11.08
CA PHE E 157 -19.34 -19.77 10.38
C PHE E 157 -20.39 -18.89 9.67
N ASP E 158 -19.89 -17.93 8.90
CA ASP E 158 -20.70 -16.88 8.32
C ASP E 158 -20.78 -17.02 6.80
N TRP E 159 -21.88 -16.52 6.25
CA TRP E 159 -22.04 -16.33 4.81
C TRP E 159 -22.33 -14.87 4.56
N GLN E 160 -21.85 -14.35 3.43
CA GLN E 160 -21.96 -12.91 3.10
C GLN E 160 -22.83 -12.71 1.85
N ASN E 161 -23.25 -11.46 1.60
CA ASN E 161 -24.09 -11.11 0.43
C ASN E 161 -23.41 -9.90 -0.22
N CYS E 162 -22.32 -10.10 -0.96
CA CYS E 162 -21.53 -8.99 -1.56
C CYS E 162 -22.15 -8.56 -2.89
N SER E 163 -22.53 -7.29 -3.02
CA SER E 163 -23.16 -6.75 -4.22
C SER E 163 -22.10 -6.27 -5.20
N LEU E 164 -22.40 -6.46 -6.49
CA LEU E 164 -21.67 -5.84 -7.59
C LEU E 164 -22.69 -5.05 -8.39
N ILE E 165 -22.59 -3.72 -8.34
CA ILE E 165 -23.57 -2.82 -8.93
C ILE E 165 -22.91 -2.11 -10.11
N PHE E 166 -23.44 -2.37 -11.30
CA PHE E 166 -22.93 -1.80 -12.54
C PHE E 166 -23.94 -0.80 -13.10
N ARG E 167 -23.43 0.31 -13.63
CA ARG E 167 -24.30 1.31 -14.22
C ARG E 167 -23.52 2.15 -15.20
N SER E 168 -24.24 2.90 -16.03
CA SER E 168 -23.60 3.90 -16.86
C SER E 168 -23.25 5.12 -16.00
N GLN E 169 -21.99 5.55 -16.08
CA GLN E 169 -21.58 6.74 -15.34
C GLN E 169 -22.16 8.02 -15.92
N THR E 170 -22.53 8.01 -17.21
CA THR E 170 -22.93 9.20 -17.94
C THR E 170 -24.43 9.26 -18.22
N TYR E 171 -25.01 8.17 -18.70
CA TYR E 171 -26.32 8.20 -19.34
C TYR E 171 -27.42 7.72 -18.39
N ASN E 172 -28.58 8.36 -18.50
CA ASN E 172 -29.76 7.96 -17.73
C ASN E 172 -30.43 6.77 -18.42
N ALA E 173 -31.49 6.26 -17.79
CA ALA E 173 -32.13 5.04 -18.29
C ALA E 173 -32.78 5.26 -19.65
N GLU E 174 -33.29 6.46 -19.92
CA GLU E 174 -33.88 6.74 -21.23
C GLU E 174 -32.83 6.81 -22.32
N GLU E 175 -31.58 7.10 -21.99
CA GLU E 175 -30.51 7.17 -22.98
C GLU E 175 -29.86 5.81 -23.21
N VAL E 176 -29.63 5.05 -22.14
CA VAL E 176 -29.01 3.72 -22.21
C VAL E 176 -29.75 2.81 -21.25
N GLU E 177 -30.12 1.62 -21.73
CA GLU E 177 -30.81 0.61 -20.94
C GLU E 177 -30.05 -0.71 -21.03
N PHE E 178 -30.28 -1.57 -20.04
CA PHE E 178 -29.57 -2.84 -19.90
C PHE E 178 -30.50 -4.02 -20.10
N THR E 179 -29.97 -5.07 -20.74
CA THR E 179 -30.60 -6.38 -20.80
C THR E 179 -29.53 -7.42 -20.53
N PHE E 180 -29.95 -8.58 -20.06
CA PHE E 180 -29.02 -9.68 -19.83
C PHE E 180 -28.76 -10.43 -21.12
N ALA E 181 -27.52 -10.87 -21.29
CA ALA E 181 -27.16 -11.69 -22.43
C ALA E 181 -27.84 -13.06 -22.32
N VAL E 182 -27.96 -13.73 -23.46
CA VAL E 182 -28.60 -15.04 -23.56
C VAL E 182 -27.57 -16.06 -23.99
N ASP E 183 -27.73 -17.28 -23.50
CA ASP E 183 -26.81 -18.37 -23.82
C ASP E 183 -27.12 -18.90 -25.22
N ASN E 184 -26.49 -20.01 -25.60
CA ASN E 184 -26.67 -20.56 -26.94
C ASN E 184 -28.11 -20.97 -27.18
N ASP E 185 -28.78 -21.50 -26.16
CA ASP E 185 -30.17 -21.94 -26.30
C ASP E 185 -31.16 -20.80 -26.22
N GLY E 186 -30.71 -19.57 -25.95
CA GLY E 186 -31.58 -18.44 -25.77
C GLY E 186 -32.05 -18.19 -24.36
N LYS E 187 -31.63 -19.01 -23.40
CA LYS E 187 -32.00 -18.78 -22.01
C LYS E 187 -31.26 -17.56 -21.47
N THR E 188 -31.99 -16.69 -20.79
CA THR E 188 -31.41 -15.47 -20.26
C THR E 188 -30.40 -15.78 -19.16
N ILE E 189 -29.21 -15.21 -19.28
CA ILE E 189 -28.16 -15.39 -18.25
C ILE E 189 -28.32 -14.23 -17.28
N ASN E 190 -29.23 -14.42 -16.32
CA ASN E 190 -29.45 -13.45 -15.25
C ASN E 190 -28.63 -13.80 -14.01
N LYS E 191 -27.32 -13.97 -14.21
CA LYS E 191 -26.43 -14.38 -13.12
C LYS E 191 -24.99 -14.11 -13.55
N ILE E 192 -24.08 -14.15 -12.58
CA ILE E 192 -22.66 -14.15 -12.88
C ILE E 192 -22.31 -15.46 -13.57
N ASP E 193 -21.63 -15.35 -14.71
CA ASP E 193 -21.18 -16.54 -15.43
C ASP E 193 -19.82 -16.99 -14.88
N ILE E 194 -19.65 -18.30 -14.73
CA ILE E 194 -18.39 -18.87 -14.25
C ILE E 194 -18.05 -20.07 -15.13
N ASP E 195 -16.88 -20.04 -15.74
CA ASP E 195 -16.38 -21.17 -16.51
C ASP E 195 -15.88 -22.24 -15.53
N THR E 196 -16.59 -23.37 -15.49
CA THR E 196 -16.31 -24.39 -14.47
C THR E 196 -14.92 -24.99 -14.65
N GLU E 197 -14.51 -25.22 -15.89
CA GLU E 197 -13.23 -25.88 -16.15
C GLU E 197 -12.05 -25.04 -15.67
N ALA E 198 -12.09 -23.74 -15.91
CA ALA E 198 -11.00 -22.84 -15.57
C ALA E 198 -11.11 -22.25 -14.17
N TYR E 199 -12.20 -22.50 -13.45
CA TYR E 199 -12.45 -21.85 -12.17
C TYR E 199 -11.77 -22.61 -11.03
N THR E 200 -11.01 -21.88 -10.21
CA THR E 200 -10.43 -22.39 -8.98
C THR E 200 -11.12 -21.70 -7.82
N GLU E 201 -11.67 -22.48 -6.90
CA GLU E 201 -12.37 -21.91 -5.75
C GLU E 201 -11.40 -21.20 -4.83
N ASN E 202 -11.86 -20.10 -4.24
CA ASN E 202 -11.07 -19.40 -3.24
C ASN E 202 -10.79 -20.32 -2.06
N GLY E 203 -9.60 -20.16 -1.47
CA GLY E 203 -9.20 -21.03 -0.37
C GLY E 203 -10.11 -20.95 0.85
N GLU E 204 -10.80 -19.81 1.04
CA GLU E 204 -11.64 -19.58 2.20
C GLU E 204 -13.11 -19.33 1.87
N TRP E 205 -13.46 -19.12 0.60
CA TRP E 205 -14.81 -18.70 0.23
C TRP E 205 -15.34 -19.56 -0.91
N ALA E 206 -16.53 -20.12 -0.70
CA ALA E 206 -17.26 -20.84 -1.74
C ALA E 206 -18.40 -19.96 -2.23
N ILE E 207 -18.59 -19.91 -3.54
CA ILE E 207 -19.65 -19.10 -4.13
C ILE E 207 -20.88 -19.99 -4.28
N ASP E 208 -21.90 -19.74 -3.46
CA ASP E 208 -23.10 -20.56 -3.47
C ASP E 208 -24.12 -20.05 -4.48
N PHE E 209 -24.35 -18.73 -4.54
CA PHE E 209 -25.33 -18.18 -5.47
C PHE E 209 -24.81 -16.87 -6.04
N CYS E 210 -25.34 -16.51 -7.20
CA CYS E 210 -24.94 -15.25 -7.84
C CYS E 210 -26.02 -14.72 -8.79
N PRO E 211 -27.23 -14.46 -8.32
CA PRO E 211 -28.26 -13.92 -9.22
C PRO E 211 -27.98 -12.47 -9.59
N GLY E 212 -28.51 -12.09 -10.74
CA GLY E 212 -28.46 -10.70 -11.19
C GLY E 212 -29.86 -10.18 -11.42
N VAL E 213 -30.01 -8.86 -11.24
CA VAL E 213 -31.29 -8.17 -11.40
C VAL E 213 -31.04 -6.81 -12.02
N ILE E 214 -31.90 -6.43 -12.96
CA ILE E 214 -31.88 -5.10 -13.57
C ILE E 214 -32.93 -4.25 -12.86
N ARG E 215 -32.48 -3.24 -12.14
CA ARG E 215 -33.35 -2.35 -11.37
C ARG E 215 -33.53 -1.04 -12.11
N ARG E 216 -34.75 -0.50 -12.03
CA ARG E 216 -35.12 0.80 -12.57
C ARG E 216 -35.82 1.60 -11.48
N HIS E 217 -35.42 2.87 -11.34
CA HIS E 217 -35.95 3.69 -10.25
C HIS E 217 -35.80 5.16 -10.63
N HIS E 218 -36.29 6.03 -9.75
CA HIS E 218 -36.25 7.49 -9.93
C HIS E 218 -36.95 7.90 -11.24
N GLY E 219 -37.97 7.15 -11.63
CA GLY E 219 -38.78 7.47 -12.79
C GLY E 219 -39.96 8.36 -12.51
N GLY E 220 -40.09 8.89 -11.30
CA GLY E 220 -41.22 9.73 -10.95
C GLY E 220 -41.18 11.08 -11.63
N ALA E 221 -42.33 11.75 -11.61
CA ALA E 221 -42.45 13.05 -12.25
C ALA E 221 -41.53 14.07 -11.59
N THR E 222 -41.51 14.10 -10.25
CA THR E 222 -40.62 15.01 -9.54
C THR E 222 -39.15 14.67 -9.80
N ASP E 223 -38.82 13.37 -9.78
CA ASP E 223 -37.46 12.95 -10.04
C ASP E 223 -37.04 13.29 -11.46
N GLY E 224 -37.93 13.09 -12.43
CA GLY E 224 -37.65 13.39 -13.81
C GLY E 224 -37.07 12.21 -14.57
N PRO E 225 -35.78 12.23 -14.90
CA PRO E 225 -35.25 11.18 -15.76
C PRO E 225 -35.01 9.88 -14.99
N GLY E 226 -35.45 8.78 -15.58
CA GLY E 226 -35.29 7.49 -14.94
C GLY E 226 -33.85 7.05 -14.89
N GLU E 227 -33.54 6.23 -13.88
CA GLU E 227 -32.21 5.67 -13.68
C GLU E 227 -32.32 4.16 -13.63
N THR E 228 -31.26 3.48 -14.04
CA THR E 228 -31.23 2.02 -14.07
C THR E 228 -29.85 1.53 -13.71
N ASP E 229 -29.79 0.32 -13.17
CA ASP E 229 -28.51 -0.33 -12.92
C ASP E 229 -28.74 -1.84 -12.90
N VAL E 230 -27.63 -2.57 -12.80
CA VAL E 230 -27.65 -4.03 -12.73
C VAL E 230 -26.89 -4.43 -11.48
N ILE E 231 -27.56 -5.18 -10.60
CA ILE E 231 -26.98 -5.61 -9.33
C ILE E 231 -26.88 -7.12 -9.34
N TYR E 232 -25.66 -7.62 -9.14
CA TYR E 232 -25.39 -9.04 -8.91
C TYR E 232 -25.13 -9.26 -7.43
N SER E 233 -25.65 -10.35 -6.89
CA SER E 233 -25.57 -10.65 -5.46
C SER E 233 -24.78 -11.94 -5.26
N LEU E 234 -23.49 -11.82 -5.01
CA LEU E 234 -22.66 -12.98 -4.68
C LEU E 234 -22.97 -13.42 -3.26
N ILE E 235 -23.69 -14.53 -3.13
CA ILE E 235 -23.92 -15.20 -1.86
C ILE E 235 -22.79 -16.21 -1.70
N ILE E 236 -21.85 -15.91 -0.80
CA ILE E 236 -20.62 -16.65 -0.62
C ILE E 236 -20.59 -17.22 0.79
N ARG E 237 -19.95 -18.38 0.94
CA ARG E 237 -19.90 -19.13 2.19
C ARG E 237 -18.45 -19.27 2.62
N ARG E 238 -18.17 -18.91 3.88
CA ARG E 238 -16.82 -19.12 4.39
C ARG E 238 -16.60 -20.60 4.70
N LYS E 239 -15.40 -21.07 4.42
CA LYS E 239 -14.97 -22.40 4.83
C LYS E 239 -14.19 -22.26 6.13
N PRO E 240 -14.73 -22.64 7.28
CA PRO E 240 -14.13 -22.24 8.56
C PRO E 240 -13.01 -23.14 9.08
N LEU E 241 -12.41 -23.98 8.22
CA LEU E 241 -11.51 -25.02 8.70
C LEU E 241 -10.30 -24.44 9.43
N PHE E 242 -9.73 -23.34 8.92
CA PHE E 242 -8.57 -22.75 9.59
C PHE E 242 -8.92 -22.30 11.00
N TYR E 243 -10.05 -21.62 11.15
CA TYR E 243 -10.47 -21.16 12.47
C TYR E 243 -10.78 -22.34 13.39
N VAL E 244 -11.36 -23.40 12.85
CA VAL E 244 -11.68 -24.57 13.66
C VAL E 244 -10.39 -25.21 14.19
N ILE E 245 -9.43 -25.44 13.29
CA ILE E 245 -8.23 -26.18 13.66
C ILE E 245 -7.34 -25.34 14.56
N ASN E 246 -7.14 -24.06 14.22
CA ASN E 246 -6.10 -23.26 14.85
C ASN E 246 -6.56 -22.50 16.08
N ILE E 247 -7.84 -22.15 16.18
CA ILE E 247 -8.32 -21.25 17.23
C ILE E 247 -9.39 -21.93 18.07
N ILE E 248 -10.47 -22.37 17.43
CA ILE E 248 -11.67 -22.78 18.16
C ILE E 248 -11.40 -24.05 18.97
N VAL E 249 -10.83 -25.06 18.33
CA VAL E 249 -10.61 -26.35 19.01
C VAL E 249 -9.61 -26.20 20.14
N PRO E 250 -8.43 -25.59 19.92
CA PRO E 250 -7.53 -25.35 21.06
C PRO E 250 -8.16 -24.52 22.17
N CYS E 251 -8.91 -23.47 21.82
CA CYS E 251 -9.54 -22.65 22.83
C CYS E 251 -10.58 -23.44 23.62
N VAL E 252 -11.34 -24.29 22.93
CA VAL E 252 -12.36 -25.10 23.59
C VAL E 252 -11.71 -26.05 24.59
N LEU E 253 -10.64 -26.73 24.17
CA LEU E 253 -9.99 -27.69 25.07
C LEU E 253 -9.35 -26.98 26.26
N ILE E 254 -8.65 -25.86 25.99
CA ILE E 254 -7.97 -25.15 27.06
C ILE E 254 -8.97 -24.56 28.04
N SER E 255 -10.11 -24.08 27.53
CA SER E 255 -11.14 -23.57 28.42
C SER E 255 -11.83 -24.67 29.20
N GLY E 256 -11.98 -25.86 28.60
CA GLY E 256 -12.52 -26.99 29.34
C GLY E 256 -11.59 -27.50 30.41
N LEU E 257 -10.30 -27.19 30.32
CA LEU E 257 -9.37 -27.63 31.37
C LEU E 257 -9.74 -27.09 32.76
N VAL E 258 -10.46 -25.97 32.84
CA VAL E 258 -10.78 -25.38 34.15
C VAL E 258 -11.63 -26.34 34.97
N LEU E 259 -12.42 -27.19 34.31
CA LEU E 259 -13.25 -28.15 35.05
C LEU E 259 -12.42 -29.16 35.81
N LEU E 260 -11.15 -29.36 35.41
CA LEU E 260 -10.27 -30.26 36.14
C LEU E 260 -9.93 -29.75 37.53
N ALA E 261 -10.08 -28.45 37.77
CA ALA E 261 -9.74 -27.88 39.08
C ALA E 261 -10.57 -28.51 40.19
N TYR E 262 -11.82 -28.87 39.91
CA TYR E 262 -12.68 -29.47 40.92
C TYR E 262 -12.18 -30.81 41.42
N PHE E 263 -11.35 -31.51 40.64
CA PHE E 263 -10.85 -32.83 41.00
C PHE E 263 -9.49 -32.79 41.68
N LEU E 264 -8.86 -31.62 41.78
CA LEU E 264 -7.58 -31.52 42.48
C LEU E 264 -7.80 -31.31 43.97
N PRO E 265 -6.88 -31.76 44.82
CA PRO E 265 -7.09 -31.62 46.26
C PRO E 265 -7.04 -30.17 46.71
N ALA E 266 -7.83 -29.86 47.73
CA ALA E 266 -7.93 -28.49 48.26
C ALA E 266 -6.94 -28.26 49.40
N GLN E 267 -5.66 -28.50 49.12
CA GLN E 267 -4.57 -28.36 50.07
C GLN E 267 -3.50 -27.46 49.46
N ALA E 268 -2.36 -27.37 50.15
CA ALA E 268 -1.29 -26.47 49.71
C ALA E 268 -0.72 -26.89 48.36
N GLY E 269 -0.51 -28.18 48.15
CA GLY E 269 0.06 -28.70 46.92
C GLY E 269 -0.93 -29.08 45.85
N GLY E 270 -2.18 -28.63 45.95
CA GLY E 270 -3.19 -29.03 44.97
C GLY E 270 -3.06 -28.34 43.63
N GLN E 271 -2.60 -27.09 43.62
CA GLN E 271 -2.41 -26.32 42.39
C GLN E 271 -3.73 -26.11 41.65
N LYS E 272 -4.82 -26.08 42.41
CA LYS E 272 -6.18 -25.86 41.86
C LYS E 272 -6.20 -24.47 41.23
N CYS E 273 -5.79 -23.44 41.98
CA CYS E 273 -5.74 -22.04 41.48
C CYS E 273 -4.70 -21.92 40.37
N THR E 274 -3.65 -22.73 40.40
CA THR E 274 -2.65 -22.75 39.30
C THR E 274 -3.42 -23.06 38.02
N VAL E 275 -4.14 -24.18 37.96
CA VAL E 275 -4.86 -24.61 36.73
C VAL E 275 -5.86 -23.55 36.27
N SER E 276 -6.65 -22.93 37.14
CA SER E 276 -7.74 -22.05 36.72
C SER E 276 -7.21 -20.73 36.16
N ILE E 277 -6.35 -20.05 36.92
CA ILE E 277 -5.88 -18.73 36.50
C ILE E 277 -4.98 -18.83 35.28
N ASN E 278 -4.22 -19.92 35.13
CA ASN E 278 -3.39 -20.04 33.93
C ASN E 278 -4.23 -20.35 32.71
N VAL E 279 -5.36 -21.03 32.87
CA VAL E 279 -6.29 -21.15 31.75
C VAL E 279 -6.80 -19.77 31.35
N LEU E 280 -7.07 -18.91 32.34
CA LEU E 280 -7.46 -17.53 32.01
C LEU E 280 -6.35 -16.79 31.27
N LEU E 281 -5.10 -17.01 31.67
CA LEU E 281 -3.97 -16.39 30.98
C LEU E 281 -3.89 -16.86 29.52
N ALA E 282 -4.06 -18.17 29.31
CA ALA E 282 -4.08 -18.71 27.95
C ALA E 282 -5.24 -18.10 27.15
N GLN E 283 -6.38 -17.89 27.79
CA GLN E 283 -7.50 -17.25 27.12
C GLN E 283 -7.17 -15.81 26.74
N THR E 284 -6.41 -15.10 27.57
CA THR E 284 -5.96 -13.76 27.19
C THR E 284 -5.06 -13.82 25.96
N VAL E 285 -4.18 -14.81 25.91
CA VAL E 285 -3.35 -15.01 24.72
C VAL E 285 -4.23 -15.24 23.49
N PHE E 286 -5.28 -16.04 23.66
CA PHE E 286 -6.21 -16.28 22.55
C PHE E 286 -6.99 -15.02 22.18
N LEU E 287 -7.26 -14.15 23.15
CA LEU E 287 -7.88 -12.87 22.83
C LEU E 287 -6.96 -12.04 21.96
N PHE E 288 -5.67 -12.02 22.28
CA PHE E 288 -4.71 -11.33 21.42
C PHE E 288 -4.69 -11.96 20.03
N LEU E 289 -4.75 -13.29 19.96
CA LEU E 289 -4.77 -13.98 18.67
C LEU E 289 -6.01 -13.60 17.86
N ILE E 290 -7.18 -13.55 18.51
CA ILE E 290 -8.43 -13.36 17.79
C ILE E 290 -8.61 -11.91 17.41
N ALA E 291 -8.03 -10.97 18.16
CA ALA E 291 -8.12 -9.56 17.81
C ALA E 291 -7.49 -9.27 16.45
N GLN E 292 -6.54 -10.09 16.01
CA GLN E 292 -5.89 -9.90 14.71
C GLN E 292 -6.76 -10.33 13.54
N LYS E 293 -7.86 -11.04 13.77
CA LYS E 293 -8.65 -11.67 12.72
C LYS E 293 -10.08 -11.16 12.61
N ILE E 294 -10.71 -10.78 13.71
CA ILE E 294 -12.14 -10.47 13.69
C ILE E 294 -12.41 -9.16 12.97
N PRO E 295 -13.60 -8.94 12.41
CA PRO E 295 -13.94 -7.61 11.91
C PRO E 295 -14.04 -6.60 13.06
N GLU E 296 -13.85 -5.33 12.71
CA GLU E 296 -13.76 -4.25 13.68
C GLU E 296 -15.02 -3.40 13.75
N THR E 297 -16.16 -3.95 13.35
CA THR E 297 -17.43 -3.25 13.38
C THR E 297 -18.17 -3.54 14.68
N SER E 298 -19.25 -2.77 14.92
CA SER E 298 -19.97 -2.80 16.19
C SER E 298 -21.47 -2.95 16.01
N LEU E 299 -21.93 -3.43 14.85
CA LEU E 299 -23.36 -3.70 14.69
C LEU E 299 -23.78 -4.96 15.44
N SER E 300 -22.88 -5.92 15.59
CA SER E 300 -23.12 -7.11 16.39
C SER E 300 -21.77 -7.69 16.80
N VAL E 301 -21.81 -8.72 17.63
CA VAL E 301 -20.62 -9.35 18.19
C VAL E 301 -20.38 -10.65 17.43
N PRO E 302 -19.15 -10.96 16.99
CA PRO E 302 -18.92 -12.24 16.32
C PRO E 302 -19.02 -13.42 17.27
N LEU E 303 -19.38 -14.57 16.71
CA LEU E 303 -19.49 -15.81 17.47
C LEU E 303 -18.17 -16.15 18.16
N LEU E 304 -17.05 -15.91 17.49
CA LEU E 304 -15.75 -16.20 18.08
C LEU E 304 -15.52 -15.38 19.33
N GLY E 305 -15.75 -14.06 19.24
CA GLY E 305 -15.59 -13.21 20.42
C GLY E 305 -16.58 -13.53 21.51
N ARG E 306 -17.82 -13.82 21.15
CA ARG E 306 -18.82 -14.18 22.16
C ARG E 306 -18.42 -15.45 22.90
N PHE E 307 -17.94 -16.47 22.18
CA PHE E 307 -17.49 -17.69 22.83
C PHE E 307 -16.30 -17.43 23.72
N LEU E 308 -15.34 -16.63 23.26
CA LEU E 308 -14.16 -16.35 24.08
C LEU E 308 -14.55 -15.63 25.37
N ILE E 309 -15.42 -14.64 25.28
CA ILE E 309 -15.84 -13.91 26.47
C ILE E 309 -16.63 -14.82 27.39
N PHE E 310 -17.48 -15.68 26.83
CA PHE E 310 -18.24 -16.61 27.66
C PHE E 310 -17.31 -17.54 28.45
N VAL E 311 -16.33 -18.13 27.76
CA VAL E 311 -15.46 -19.07 28.47
C VAL E 311 -14.57 -18.32 29.46
N MET E 312 -14.19 -17.07 29.17
CA MET E 312 -13.45 -16.29 30.13
C MET E 312 -14.28 -16.00 31.39
N VAL E 313 -15.57 -15.69 31.21
CA VAL E 313 -16.44 -15.46 32.34
C VAL E 313 -16.59 -16.74 33.16
N VAL E 314 -16.74 -17.87 32.48
CA VAL E 314 -16.87 -19.15 33.18
C VAL E 314 -15.59 -19.45 33.96
N ALA E 315 -14.43 -19.19 33.36
CA ALA E 315 -13.17 -19.42 34.05
C ALA E 315 -13.03 -18.51 35.27
N THR E 316 -13.46 -17.25 35.15
CA THR E 316 -13.44 -16.34 36.30
C THR E 316 -14.33 -16.86 37.43
N LEU E 317 -15.54 -17.32 37.07
CA LEU E 317 -16.44 -17.86 38.08
C LEU E 317 -15.84 -19.09 38.76
N ILE E 318 -15.18 -19.94 37.98
CA ILE E 318 -14.57 -21.14 38.57
C ILE E 318 -13.36 -20.79 39.41
N VAL E 319 -12.63 -19.72 39.06
CA VAL E 319 -11.55 -19.24 39.92
C VAL E 319 -12.12 -18.80 41.27
N MET E 320 -13.23 -18.05 41.23
CA MET E 320 -13.89 -17.66 42.48
C MET E 320 -14.35 -18.88 43.26
N ASN E 321 -14.87 -19.89 42.56
CA ASN E 321 -15.36 -21.09 43.22
C ASN E 321 -14.21 -21.84 43.88
N CYS E 322 -13.07 -21.94 43.20
CA CYS E 322 -11.90 -22.59 43.76
C CYS E 322 -11.39 -21.84 44.98
N VAL E 323 -11.41 -20.50 44.92
CA VAL E 323 -10.99 -19.71 46.07
C VAL E 323 -11.90 -19.99 47.26
N ILE E 324 -13.22 -20.06 47.02
CA ILE E 324 -14.15 -20.31 48.12
C ILE E 324 -13.93 -21.71 48.69
N VAL E 325 -13.74 -22.71 47.82
CA VAL E 325 -13.56 -24.08 48.29
C VAL E 325 -12.27 -24.19 49.10
N LEU E 326 -11.22 -23.50 48.67
CA LEU E 326 -9.97 -23.49 49.43
C LEU E 326 -10.16 -22.79 50.77
N ASN E 327 -10.94 -21.70 50.79
CA ASN E 327 -11.19 -21.02 52.05
C ASN E 327 -11.91 -21.95 53.03
N VAL E 328 -12.89 -22.71 52.53
CA VAL E 328 -13.65 -23.60 53.40
C VAL E 328 -12.78 -24.78 53.85
N SER E 329 -11.94 -25.31 52.94
CA SER E 329 -11.29 -26.59 53.21
C SER E 329 -10.21 -26.50 54.27
N GLN E 330 -9.41 -25.43 54.27
CA GLN E 330 -8.26 -25.31 55.16
C GLN E 330 -8.57 -24.54 56.44
N ARG E 331 -9.84 -24.40 56.80
CA ARG E 331 -10.18 -23.82 58.10
C ARG E 331 -9.74 -24.75 59.21
N THR E 332 -9.22 -24.17 60.30
CA THR E 332 -8.69 -24.90 61.44
C THR E 332 -9.25 -24.29 62.73
N PRO E 333 -9.35 -25.07 63.82
CA PRO E 333 -10.01 -24.53 65.03
C PRO E 333 -9.30 -23.33 65.65
N THR E 334 -8.01 -23.14 65.38
CA THR E 334 -7.28 -22.04 65.99
C THR E 334 -7.68 -20.67 65.44
N THR E 335 -8.44 -20.62 64.34
CA THR E 335 -8.89 -19.37 63.74
C THR E 335 -10.38 -19.32 63.48
N HIS E 336 -11.02 -20.45 63.15
CA HIS E 336 -12.43 -20.50 62.79
C HIS E 336 -13.18 -21.45 63.71
N ALA E 337 -14.44 -21.08 63.98
CA ALA E 337 -15.37 -21.93 64.71
C ALA E 337 -16.13 -22.81 63.72
N MET E 338 -16.63 -23.94 64.21
CA MET E 338 -17.37 -24.88 63.37
C MET E 338 -18.78 -24.34 63.15
N SER E 339 -19.03 -23.79 61.96
CA SER E 339 -20.37 -23.34 61.61
C SER E 339 -21.28 -24.54 61.48
N PRO E 340 -22.19 -24.81 62.44
CA PRO E 340 -22.99 -26.04 62.32
C PRO E 340 -24.04 -25.97 61.23
N ARG E 341 -24.48 -24.77 60.85
CA ARG E 341 -25.50 -24.64 59.83
C ARG E 341 -24.99 -25.12 58.48
N LEU E 342 -23.82 -24.61 58.06
CA LEU E 342 -23.23 -25.05 56.79
C LEU E 342 -22.86 -26.52 56.85
N ARG E 343 -22.40 -26.98 58.02
CA ARG E 343 -22.08 -28.40 58.19
C ARG E 343 -23.30 -29.28 57.95
N HIS E 344 -24.44 -28.91 58.55
CA HIS E 344 -25.66 -29.68 58.33
C HIS E 344 -26.11 -29.59 56.88
N VAL E 345 -25.98 -28.40 56.27
CA VAL E 345 -26.43 -28.22 54.89
C VAL E 345 -25.63 -29.10 53.95
N LEU E 346 -24.31 -29.18 54.14
CA LEU E 346 -23.45 -29.87 53.19
C LEU E 346 -23.31 -31.36 53.46
N LEU E 347 -23.19 -31.76 54.73
CA LEU E 347 -22.88 -33.14 55.04
C LEU E 347 -24.12 -34.01 55.23
N GLU E 348 -25.25 -33.42 55.61
CA GLU E 348 -26.47 -34.17 55.94
C GLU E 348 -27.56 -34.01 54.88
N LEU E 349 -27.90 -32.77 54.52
CA LEU E 349 -29.00 -32.55 53.59
C LEU E 349 -28.57 -32.83 52.14
N LEU E 350 -27.33 -32.51 51.80
CA LEU E 350 -26.89 -32.66 50.42
C LEU E 350 -26.89 -34.11 49.93
N PRO E 351 -26.36 -35.09 50.67
CA PRO E 351 -26.49 -36.48 50.20
C PRO E 351 -27.94 -36.93 50.06
N ARG E 352 -28.82 -36.46 50.94
CA ARG E 352 -30.24 -36.79 50.80
C ARG E 352 -30.83 -36.21 49.53
N LEU E 353 -30.46 -34.97 49.20
CA LEU E 353 -30.95 -34.37 47.96
C LEU E 353 -30.45 -35.13 46.75
N LEU E 354 -29.20 -35.58 46.78
CA LEU E 354 -28.62 -36.31 45.66
C LEU E 354 -29.28 -37.68 45.51
N ALA E 417 6.73 -40.09 97.06
CA ALA E 417 7.79 -39.17 96.71
C ALA E 417 7.28 -38.15 95.68
N PRO E 418 7.87 -36.95 95.63
CA PRO E 418 7.43 -35.98 94.61
C PRO E 418 7.68 -36.45 93.18
N GLU E 419 8.64 -37.36 93.00
CA GLU E 419 8.95 -37.91 91.68
C GLU E 419 7.71 -38.50 91.03
N VAL E 420 6.94 -39.26 91.81
CA VAL E 420 5.72 -39.89 91.34
C VAL E 420 4.76 -38.81 90.86
N ARG E 421 4.60 -37.76 91.68
CA ARG E 421 3.69 -36.68 91.35
C ARG E 421 4.05 -36.02 90.02
N CYS E 422 5.31 -35.59 89.87
CA CYS E 422 5.64 -34.82 88.68
C CYS E 422 5.70 -35.70 87.43
N CYS E 423 6.19 -36.94 87.57
CA CYS E 423 6.20 -37.83 86.40
C CYS E 423 4.78 -38.15 85.95
N VAL E 424 3.87 -38.41 86.89
CA VAL E 424 2.48 -38.67 86.52
C VAL E 424 1.87 -37.45 85.86
N ASP E 425 2.15 -36.25 86.39
CA ASP E 425 1.63 -35.03 85.78
C ASP E 425 2.16 -34.84 84.37
N ALA E 426 3.44 -35.13 84.15
CA ALA E 426 4.02 -34.97 82.81
C ALA E 426 3.37 -35.95 81.83
N VAL E 427 3.21 -37.21 82.24
CA VAL E 427 2.60 -38.21 81.37
C VAL E 427 1.16 -37.82 81.04
N ASN E 428 0.41 -37.36 82.04
CA ASN E 428 -0.96 -36.93 81.81
C ASN E 428 -1.01 -35.74 80.86
N PHE E 429 -0.07 -34.80 81.01
CA PHE E 429 -0.01 -33.64 80.12
C PHE E 429 0.22 -34.07 78.69
N VAL E 430 1.13 -35.04 78.46
CA VAL E 430 1.36 -35.55 77.12
C VAL E 430 0.09 -36.19 76.57
N ALA E 431 -0.62 -36.96 77.41
CA ALA E 431 -1.85 -37.62 76.95
C ALA E 431 -2.90 -36.59 76.54
N GLU E 432 -3.09 -35.54 77.35
CA GLU E 432 -4.09 -34.54 76.99
C GLU E 432 -3.69 -33.74 75.77
N SER E 433 -2.38 -33.49 75.58
CA SER E 433 -1.95 -32.83 74.36
C SER E 433 -2.26 -33.69 73.14
N THR E 434 -2.04 -35.00 73.24
CA THR E 434 -2.41 -35.89 72.14
C THR E 434 -3.90 -35.86 71.88
N ARG E 435 -4.71 -35.85 72.93
CA ARG E 435 -6.17 -35.81 72.77
C ARG E 435 -6.61 -34.51 72.08
N ASP E 436 -6.02 -33.38 72.47
CA ASP E 436 -6.35 -32.11 71.83
C ASP E 436 -5.96 -32.12 70.36
N GLN E 437 -4.80 -32.70 70.03
CA GLN E 437 -4.40 -32.80 68.64
C GLN E 437 -5.39 -33.65 67.84
N GLU E 438 -5.87 -34.74 68.44
CA GLU E 438 -6.85 -35.58 67.76
C GLU E 438 -8.16 -34.83 67.51
N ALA E 439 -8.63 -34.05 68.48
CA ALA E 439 -9.90 -33.27 68.35
C ALA E 439 -9.71 -32.20 67.28
N THR E 440 -8.58 -31.51 67.28
CA THR E 440 -8.26 -30.47 66.26
C THR E 440 -8.22 -31.16 64.91
N GLY E 441 -7.59 -32.34 64.81
CA GLY E 441 -7.48 -33.09 63.55
C GLY E 441 -8.84 -33.56 63.08
N GLU E 442 -9.76 -33.86 64.00
CA GLU E 442 -11.14 -34.29 63.68
C GLU E 442 -11.93 -33.08 63.15
N GLU E 443 -11.70 -31.88 63.68
CA GLU E 443 -12.39 -30.65 63.18
C GLU E 443 -11.90 -30.34 61.76
N VAL E 444 -10.61 -30.52 61.46
CA VAL E 444 -10.02 -30.26 60.14
C VAL E 444 -10.59 -31.24 59.12
N SER E 445 -10.79 -32.50 59.51
CA SER E 445 -11.36 -33.47 58.59
C SER E 445 -12.79 -33.09 58.21
N ASP E 446 -13.57 -32.60 59.18
CA ASP E 446 -14.93 -32.16 58.86
C ASP E 446 -14.91 -31.02 57.85
N TRP E 447 -14.01 -30.05 58.05
CA TRP E 447 -13.89 -28.95 57.09
C TRP E 447 -13.49 -29.47 55.71
N VAL E 448 -12.57 -30.42 55.65
CA VAL E 448 -12.11 -30.96 54.37
C VAL E 448 -13.25 -31.65 53.64
N ARG E 449 -14.07 -32.42 54.37
CA ARG E 449 -15.18 -33.11 53.73
C ARG E 449 -16.26 -32.13 53.25
N MET E 450 -16.50 -31.05 54.00
CA MET E 450 -17.42 -30.03 53.50
C MET E 450 -16.89 -29.42 52.21
N GLY E 451 -15.59 -29.11 52.16
CA GLY E 451 -15.01 -28.59 50.93
C GLY E 451 -15.14 -29.57 49.77
N ASN E 452 -14.96 -30.86 50.04
CA ASN E 452 -15.09 -31.86 48.99
C ASN E 452 -16.52 -31.92 48.46
N ALA E 453 -17.51 -31.86 49.36
CA ALA E 453 -18.90 -31.86 48.91
C ALA E 453 -19.20 -30.62 48.06
N LEU E 454 -18.70 -29.46 48.49
CA LEU E 454 -18.86 -28.25 47.69
C LEU E 454 -18.26 -28.42 46.30
N ASP E 455 -17.05 -28.98 46.22
CA ASP E 455 -16.43 -29.22 44.92
C ASP E 455 -17.27 -30.15 44.08
N ASN E 456 -17.87 -31.17 44.69
CA ASN E 456 -18.64 -32.14 43.92
C ASN E 456 -19.87 -31.50 43.29
N ILE E 457 -20.63 -30.72 44.05
CA ILE E 457 -21.83 -30.12 43.45
C ILE E 457 -21.42 -29.07 42.42
N CYS E 458 -20.40 -28.26 42.75
CA CYS E 458 -20.00 -27.19 41.87
C CYS E 458 -19.42 -27.70 40.56
N PHE E 459 -18.80 -28.88 40.55
CA PHE E 459 -18.31 -29.43 39.29
C PHE E 459 -19.44 -29.65 38.31
N TRP E 460 -20.54 -30.26 38.78
CA TRP E 460 -21.68 -30.50 37.90
C TRP E 460 -22.29 -29.18 37.45
N ALA E 461 -22.39 -28.21 38.36
CA ALA E 461 -22.91 -26.90 37.96
C ALA E 461 -22.06 -26.27 36.87
N ALA E 462 -20.73 -26.28 37.04
CA ALA E 462 -19.84 -25.67 36.06
C ALA E 462 -19.87 -26.42 34.74
N LEU E 463 -19.93 -27.75 34.78
CA LEU E 463 -19.99 -28.53 33.56
C LEU E 463 -21.27 -28.22 32.78
N VAL E 464 -22.40 -28.12 33.49
CA VAL E 464 -23.66 -27.79 32.83
C VAL E 464 -23.58 -26.41 32.19
N LEU E 465 -23.04 -25.42 32.92
CA LEU E 465 -22.92 -24.08 32.38
C LEU E 465 -22.06 -24.05 31.13
N PHE E 466 -20.86 -24.65 31.21
CA PHE E 466 -19.94 -24.67 30.08
C PHE E 466 -20.56 -25.33 28.87
N SER E 467 -21.09 -26.55 29.06
CA SER E 467 -21.64 -27.30 27.94
C SER E 467 -22.82 -26.59 27.31
N VAL E 468 -23.76 -26.10 28.13
CA VAL E 468 -24.97 -25.50 27.59
C VAL E 468 -24.63 -24.20 26.86
N GLY E 469 -23.79 -23.35 27.45
CA GLY E 469 -23.47 -22.11 26.78
C GLY E 469 -22.70 -22.32 25.49
N SER E 470 -21.70 -23.20 25.49
CA SER E 470 -20.96 -23.47 24.27
C SER E 470 -21.87 -24.06 23.20
N SER E 471 -22.75 -24.99 23.59
CA SER E 471 -23.65 -25.63 22.65
C SER E 471 -24.61 -24.62 22.04
N LEU E 472 -25.15 -23.71 22.85
CA LEU E 472 -26.04 -22.68 22.31
C LEU E 472 -25.30 -21.78 21.34
N ILE E 473 -24.08 -21.35 21.72
CA ILE E 473 -23.33 -20.42 20.89
C ILE E 473 -23.01 -21.04 19.54
N PHE E 474 -22.65 -22.33 19.52
CA PHE E 474 -22.29 -22.97 18.25
C PHE E 474 -23.53 -23.45 17.48
N LEU E 475 -24.61 -23.79 18.16
CA LEU E 475 -25.85 -24.11 17.48
C LEU E 475 -26.43 -22.89 16.79
N GLY E 476 -26.11 -21.69 17.28
CA GLY E 476 -26.45 -20.49 16.54
C GLY E 476 -25.85 -20.50 15.14
N ALA E 477 -24.63 -20.99 15.02
CA ALA E 477 -24.01 -21.16 13.70
C ALA E 477 -24.60 -22.34 12.95
N TYR E 478 -24.94 -23.42 13.66
CA TYR E 478 -25.47 -24.61 12.99
C TYR E 478 -26.77 -24.31 12.26
N PHE E 479 -27.59 -23.41 12.79
CA PHE E 479 -28.84 -23.00 12.15
C PHE E 479 -28.64 -21.80 11.23
N ASN E 480 -27.40 -21.42 10.93
CA ASN E 480 -27.09 -20.26 10.09
C ASN E 480 -26.61 -20.68 8.71
N ARG E 481 -27.20 -21.72 8.13
CA ARG E 481 -26.81 -22.11 6.79
C ARG E 481 -27.28 -21.06 5.79
N VAL E 482 -26.70 -21.11 4.59
CA VAL E 482 -27.17 -20.24 3.51
C VAL E 482 -28.62 -20.59 3.21
N PRO E 483 -29.54 -19.62 3.10
CA PRO E 483 -30.94 -19.99 2.83
C PRO E 483 -31.11 -20.67 1.48
N ASP E 484 -32.11 -21.55 1.41
CA ASP E 484 -32.42 -22.25 0.17
C ASP E 484 -33.12 -21.29 -0.79
N LEU E 485 -32.34 -20.53 -1.55
CA LEU E 485 -32.90 -19.50 -2.40
C LEU E 485 -33.49 -20.11 -3.67
N PRO E 486 -34.42 -19.39 -4.34
CA PRO E 486 -34.99 -19.90 -5.60
C PRO E 486 -34.14 -19.53 -6.82
N TYR E 487 -32.87 -19.94 -6.80
CA TYR E 487 -31.97 -19.75 -7.93
C TYR E 487 -31.15 -21.01 -8.13
N ALA E 488 -30.67 -21.19 -9.35
CA ALA E 488 -29.74 -22.27 -9.63
C ALA E 488 -28.41 -21.98 -8.94
N PRO E 489 -27.61 -23.01 -8.64
CA PRO E 489 -26.29 -22.76 -8.05
C PRO E 489 -25.41 -21.96 -9.00
N CYS E 490 -24.53 -21.15 -8.42
CA CYS E 490 -23.67 -20.29 -9.23
C CYS E 490 -22.75 -21.11 -10.13
N ILE E 491 -22.22 -22.22 -9.61
CA ILE E 491 -21.35 -23.13 -10.35
C ILE E 491 -22.15 -24.39 -10.62
N GLN E 492 -22.36 -24.70 -11.90
CA GLN E 492 -23.05 -25.92 -12.27
C GLN E 492 -22.19 -27.12 -11.84
N PRO E 493 -22.76 -28.14 -11.16
CA PRO E 493 -21.89 -29.21 -10.68
C PRO E 493 -21.54 -30.22 -11.76
N GLU F 32 -9.93 11.07 -40.71
CA GLU F 32 -10.03 11.96 -41.90
C GLU F 32 -9.36 13.30 -41.64
N VAL F 33 -8.14 13.46 -42.15
CA VAL F 33 -7.37 14.68 -41.92
C VAL F 33 -8.10 15.84 -42.57
N GLN F 34 -8.18 16.97 -41.85
CA GLN F 34 -8.93 18.12 -42.31
C GLN F 34 -8.36 19.37 -41.66
N LEU F 35 -8.13 20.41 -42.48
CA LEU F 35 -7.56 21.68 -42.05
C LEU F 35 -8.43 22.80 -42.59
N LEU F 36 -9.21 23.45 -41.71
CA LEU F 36 -10.12 24.53 -42.08
C LEU F 36 -9.51 25.86 -41.66
N GLU F 37 -9.14 26.67 -42.63
CA GLU F 37 -8.61 28.00 -42.39
C GLU F 37 -9.73 29.03 -42.35
N SER F 38 -9.54 30.05 -41.52
CA SER F 38 -10.53 31.10 -41.34
C SER F 38 -9.82 32.35 -40.81
N GLY F 39 -10.55 33.45 -40.79
CA GLY F 39 -10.03 34.72 -40.31
C GLY F 39 -9.44 35.61 -41.38
N GLY F 40 -9.33 35.14 -42.62
CA GLY F 40 -8.84 35.98 -43.69
C GLY F 40 -9.90 36.98 -44.13
N GLY F 41 -9.44 38.05 -44.78
CA GLY F 41 -10.35 39.07 -45.25
C GLY F 41 -9.60 40.33 -45.63
N LEU F 42 -10.34 41.44 -45.63
CA LEU F 42 -9.80 42.73 -46.04
C LEU F 42 -9.27 43.48 -44.83
N VAL F 43 -8.10 44.11 -45.00
CA VAL F 43 -7.48 44.93 -43.97
C VAL F 43 -6.70 46.05 -44.65
N GLN F 44 -6.63 47.19 -43.98
CA GLN F 44 -5.88 48.31 -44.51
C GLN F 44 -4.38 48.06 -44.32
N PRO F 45 -3.52 48.75 -45.08
CA PRO F 45 -2.08 48.63 -44.83
C PRO F 45 -1.71 49.10 -43.43
N GLY F 46 -0.78 48.40 -42.81
CA GLY F 46 -0.39 48.68 -41.45
C GLY F 46 -1.31 48.11 -40.40
N GLY F 47 -2.39 47.43 -40.78
CA GLY F 47 -3.32 46.83 -39.85
C GLY F 47 -2.85 45.44 -39.44
N SER F 48 -3.69 44.79 -38.65
CA SER F 48 -3.41 43.48 -38.09
C SER F 48 -4.53 42.50 -38.43
N LEU F 49 -4.24 41.21 -38.30
CA LEU F 49 -5.19 40.17 -38.67
C LEU F 49 -4.72 38.85 -38.09
N ARG F 50 -5.65 38.07 -37.54
CA ARG F 50 -5.37 36.77 -36.96
C ARG F 50 -5.99 35.69 -37.83
N LEU F 51 -5.14 34.94 -38.54
CA LEU F 51 -5.60 33.74 -39.23
C LEU F 51 -5.64 32.57 -38.25
N SER F 52 -6.62 31.70 -38.44
CA SER F 52 -6.77 30.48 -37.65
C SER F 52 -6.91 29.29 -38.57
N CYS F 53 -6.46 28.13 -38.10
CA CYS F 53 -6.55 26.87 -38.82
C CYS F 53 -6.98 25.79 -37.84
N ALA F 54 -8.22 25.34 -37.96
CA ALA F 54 -8.73 24.25 -37.14
C ALA F 54 -8.35 22.92 -37.78
N ALA F 55 -7.69 22.07 -37.01
CA ALA F 55 -7.18 20.79 -37.48
C ALA F 55 -7.97 19.65 -36.86
N SER F 56 -8.22 18.60 -37.64
CA SER F 56 -8.88 17.42 -37.13
C SER F 56 -8.43 16.21 -37.95
N GLY F 57 -8.67 15.02 -37.40
CA GLY F 57 -8.34 13.78 -38.07
C GLY F 57 -6.94 13.25 -37.80
N PHE F 58 -6.13 13.96 -37.02
CA PHE F 58 -4.80 13.49 -36.68
C PHE F 58 -4.39 14.07 -35.34
N THR F 59 -3.40 13.45 -34.73
CA THR F 59 -2.82 13.96 -33.49
C THR F 59 -2.13 15.28 -33.78
N PHE F 60 -2.69 16.37 -33.27
CA PHE F 60 -2.18 17.70 -33.61
C PHE F 60 -0.75 17.91 -33.14
N SER F 61 -0.35 17.26 -32.04
CA SER F 61 0.96 17.46 -31.45
C SER F 61 2.04 16.57 -32.05
N ASP F 62 1.69 15.65 -32.95
CA ASP F 62 2.66 14.73 -33.54
C ASP F 62 3.23 15.21 -34.87
N TYR F 63 2.82 16.39 -35.34
CA TYR F 63 3.24 16.88 -36.65
C TYR F 63 3.48 18.39 -36.57
N ALA F 64 4.60 18.82 -37.14
CA ALA F 64 4.86 20.24 -37.26
C ALA F 64 3.83 20.88 -38.19
N MET F 65 3.36 22.07 -37.81
CA MET F 65 2.34 22.79 -38.56
C MET F 65 2.99 23.98 -39.25
N ASN F 66 2.43 24.40 -40.39
CA ASN F 66 3.07 25.40 -41.22
C ASN F 66 2.04 26.31 -41.85
N TRP F 67 2.47 27.54 -42.14
CA TRP F 67 1.74 28.49 -42.96
C TRP F 67 2.56 28.74 -44.22
N VAL F 68 1.95 28.50 -45.37
CA VAL F 68 2.57 28.71 -46.68
C VAL F 68 1.62 29.60 -47.48
N ARG F 69 2.14 30.70 -48.01
CA ARG F 69 1.32 31.67 -48.72
C ARG F 69 1.59 31.61 -50.22
N GLN F 70 0.60 32.04 -51.00
CA GLN F 70 0.69 32.11 -52.45
C GLN F 70 0.04 33.42 -52.89
N ALA F 71 0.85 34.36 -53.35
CA ALA F 71 0.29 35.60 -53.85
C ALA F 71 -0.46 35.33 -55.15
N PRO F 72 -1.47 36.16 -55.52
CA PRO F 72 -2.26 35.85 -56.72
C PRO F 72 -1.43 35.83 -57.98
N GLY F 73 -1.42 34.69 -58.68
CA GLY F 73 -0.65 34.51 -59.89
C GLY F 73 0.81 34.17 -59.68
N ARG F 74 1.24 34.00 -58.42
CA ARG F 74 2.64 33.76 -58.08
C ARG F 74 2.80 32.36 -57.50
N GLY F 75 4.05 31.97 -57.23
CA GLY F 75 4.35 30.65 -56.72
C GLY F 75 4.16 30.53 -55.21
N LEU F 76 4.45 29.33 -54.71
CA LEU F 76 4.33 29.05 -53.29
C LEU F 76 5.51 29.62 -52.52
N GLU F 77 5.24 30.11 -51.32
CA GLU F 77 6.26 30.73 -50.48
C GLU F 77 6.00 30.33 -49.03
N TRP F 78 6.95 29.64 -48.43
CA TRP F 78 6.84 29.26 -47.02
C TRP F 78 6.91 30.48 -46.13
N VAL F 79 5.96 30.60 -45.21
CA VAL F 79 5.87 31.72 -44.30
C VAL F 79 6.38 31.36 -42.91
N SER F 80 5.80 30.34 -42.29
CA SER F 80 6.12 30.05 -40.90
C SER F 80 5.92 28.58 -40.60
N SER F 81 6.56 28.13 -39.52
CA SER F 81 6.43 26.76 -39.03
C SER F 81 6.47 26.74 -37.52
N PHE F 82 5.65 25.87 -36.94
CA PHE F 82 5.56 25.64 -35.50
C PHE F 82 5.84 24.17 -35.24
N SER F 83 6.81 23.89 -34.38
CA SER F 83 7.22 22.53 -34.03
C SER F 83 7.08 22.33 -32.53
N ASN F 84 6.38 21.26 -32.15
CA ASN F 84 6.29 20.88 -30.74
C ASN F 84 7.61 20.32 -30.21
N SER F 85 8.52 19.90 -31.09
CA SER F 85 9.85 19.46 -30.68
C SER F 85 10.61 20.68 -30.18
N GLY F 86 10.71 20.83 -28.86
CA GLY F 86 11.37 21.97 -28.27
C GLY F 86 10.54 23.23 -28.21
N GLY F 87 9.30 23.20 -28.68
CA GLY F 87 8.47 24.40 -28.71
C GLY F 87 9.06 25.49 -29.57
N THR F 88 9.54 25.15 -30.77
CA THR F 88 10.27 26.07 -31.61
C THR F 88 9.37 26.64 -32.71
N THR F 89 9.64 27.90 -33.07
CA THR F 89 8.95 28.58 -34.15
C THR F 89 9.98 29.10 -35.15
N TYR F 90 9.60 29.07 -36.42
CA TYR F 90 10.48 29.45 -37.51
C TYR F 90 9.71 30.36 -38.47
N TYR F 91 10.38 31.40 -38.95
CA TYR F 91 9.78 32.38 -39.84
C TYR F 91 10.73 32.70 -40.99
N THR F 92 10.16 32.94 -42.16
CA THR F 92 10.94 33.50 -43.25
C THR F 92 11.33 34.94 -42.93
N ASP F 93 12.35 35.44 -43.62
CA ASP F 93 12.96 36.71 -43.24
C ASP F 93 11.99 37.87 -43.42
N SER F 94 11.19 37.85 -44.48
CA SER F 94 10.34 39.00 -44.80
C SER F 94 9.27 39.26 -43.74
N VAL F 95 8.93 38.26 -42.92
CA VAL F 95 7.89 38.39 -41.90
C VAL F 95 8.45 38.32 -40.49
N LYS F 96 9.77 38.25 -40.32
CA LYS F 96 10.33 38.15 -38.98
C LYS F 96 10.10 39.43 -38.20
N GLY F 97 9.60 39.30 -36.98
CA GLY F 97 9.27 40.42 -36.15
C GLY F 97 7.87 40.98 -36.35
N ARG F 98 7.21 40.61 -37.45
CA ARG F 98 5.84 41.03 -37.75
C ARG F 98 4.81 39.96 -37.52
N PHE F 99 5.11 38.72 -37.89
CA PHE F 99 4.18 37.60 -37.76
C PHE F 99 4.54 36.77 -36.53
N THR F 100 3.51 36.16 -35.95
CA THR F 100 3.68 35.27 -34.79
C THR F 100 2.82 34.05 -35.00
N ILE F 101 3.45 32.87 -35.03
CA ILE F 101 2.74 31.60 -35.12
C ILE F 101 2.58 31.04 -33.73
N SER F 102 1.45 30.48 -33.42
CA SER F 102 1.20 29.98 -32.05
C SER F 102 0.17 28.88 -32.20
N ARG F 103 -0.13 28.19 -31.13
CA ARG F 103 -1.20 27.18 -31.15
C ARG F 103 -2.13 27.47 -29.98
N ASP F 104 -3.40 27.14 -30.11
CA ASP F 104 -4.35 27.24 -29.00
C ASP F 104 -3.94 26.30 -27.89
N TYR F 105 -4.04 26.75 -26.63
CA TYR F 105 -3.62 25.96 -25.45
C TYR F 105 -4.44 24.67 -25.34
N SER F 106 -5.75 24.73 -25.58
CA SER F 106 -6.65 23.57 -25.40
C SER F 106 -7.05 22.94 -26.73
N ARG F 107 -7.59 23.69 -27.67
CA ARG F 107 -8.11 23.15 -28.94
C ARG F 107 -7.01 22.92 -29.98
N ASN F 108 -7.27 22.09 -30.98
CA ASN F 108 -6.32 21.78 -32.07
C ASN F 108 -6.44 22.91 -33.10
N THR F 109 -5.98 24.09 -32.77
CA THR F 109 -6.09 25.27 -33.61
C THR F 109 -4.74 25.96 -33.70
N LEU F 110 -4.32 26.27 -34.91
CA LEU F 110 -3.09 27.00 -35.17
C LEU F 110 -3.41 28.45 -35.54
N TYR F 111 -2.67 29.38 -34.95
CA TYR F 111 -2.89 30.81 -35.15
C TYR F 111 -1.69 31.44 -35.84
N LEU F 112 -1.97 32.41 -36.70
CA LEU F 112 -0.96 33.30 -37.28
C LEU F 112 -1.44 34.74 -37.06
N GLN F 113 -0.81 35.43 -36.11
CA GLN F 113 -1.08 36.84 -35.89
C GLN F 113 -0.15 37.64 -36.78
N MET F 114 -0.73 38.45 -37.66
CA MET F 114 0.01 39.27 -38.62
C MET F 114 -0.19 40.73 -38.25
N ASN F 115 0.91 41.48 -38.24
CA ASN F 115 0.90 42.89 -37.87
C ASN F 115 1.72 43.68 -38.87
N ASN F 116 1.38 44.97 -39.00
CA ASN F 116 2.07 45.88 -39.91
C ASN F 116 2.03 45.35 -41.33
N LEU F 117 0.83 44.95 -41.76
CA LEU F 117 0.66 44.28 -43.04
C LEU F 117 0.91 45.25 -44.19
N ARG F 118 1.67 44.80 -45.18
CA ARG F 118 1.95 45.55 -46.40
C ARG F 118 1.16 44.97 -47.56
N ALA F 119 1.20 45.67 -48.69
CA ALA F 119 0.59 45.15 -49.91
C ALA F 119 1.28 43.90 -50.43
N GLU F 120 2.52 43.64 -50.00
CA GLU F 120 3.24 42.44 -50.41
C GLU F 120 2.75 41.19 -49.69
N ASP F 121 1.99 41.33 -48.60
CA ASP F 121 1.45 40.21 -47.86
C ASP F 121 0.11 39.71 -48.39
N THR F 122 -0.46 40.37 -49.39
CA THR F 122 -1.71 39.91 -49.98
C THR F 122 -1.50 38.56 -50.64
N ALA F 123 -2.25 37.55 -50.22
CA ALA F 123 -2.03 36.20 -50.71
C ALA F 123 -3.09 35.27 -50.13
N VAL F 124 -3.16 34.07 -50.71
CA VAL F 124 -3.91 32.97 -50.11
C VAL F 124 -2.97 32.24 -49.16
N TYR F 125 -3.34 32.19 -47.89
CA TYR F 125 -2.54 31.55 -46.85
C TYR F 125 -3.09 30.16 -46.58
N TYR F 126 -2.28 29.14 -46.85
CA TYR F 126 -2.62 27.75 -46.60
C TYR F 126 -1.99 27.29 -45.28
N CYS F 127 -2.76 26.53 -44.52
CA CYS F 127 -2.27 25.85 -43.32
C CYS F 127 -1.97 24.41 -43.71
N ALA F 128 -0.73 23.99 -43.49
CA ALA F 128 -0.22 22.72 -44.01
C ALA F 128 0.40 21.90 -42.89
N LYS F 129 0.11 20.60 -42.90
CA LYS F 129 0.68 19.66 -41.95
C LYS F 129 1.93 19.03 -42.57
N ALA F 130 2.96 18.87 -41.75
CA ALA F 130 4.20 18.24 -42.17
C ALA F 130 4.15 16.73 -41.90
N LEU F 131 5.09 16.02 -42.52
CA LEU F 131 5.22 14.59 -42.28
C LEU F 131 5.85 14.27 -40.92
N THR F 132 6.66 15.18 -40.37
CA THR F 132 7.44 14.94 -39.16
C THR F 132 6.92 15.80 -38.01
N ARG F 133 7.16 15.32 -36.79
N ARG F 133 7.19 15.34 -36.79
CA ARG F 133 6.80 16.21 -35.62
CA ARG F 133 6.80 16.18 -35.62
C ARG F 133 7.78 17.39 -35.50
C ARG F 133 7.76 17.37 -35.54
N PHE F 134 9.00 17.22 -36.03
CA PHE F 134 9.99 18.28 -35.94
C PHE F 134 10.02 19.10 -37.23
N TYR F 135 10.42 20.36 -37.09
CA TYR F 135 10.67 21.20 -38.25
C TYR F 135 12.03 20.85 -38.85
N GLY F 136 12.11 20.91 -40.17
CA GLY F 136 13.40 20.85 -40.84
C GLY F 136 13.90 19.44 -41.06
N GLY F 137 15.14 19.38 -41.53
CA GLY F 137 15.69 18.15 -42.06
C GLY F 137 15.36 17.98 -43.53
N ASN F 138 16.17 17.18 -44.22
CA ASN F 138 15.99 17.02 -45.66
C ASN F 138 14.63 16.40 -45.99
N ILE F 139 14.13 15.52 -45.13
CA ILE F 139 12.85 14.84 -45.37
C ILE F 139 11.64 15.76 -45.18
N TYR F 140 11.86 17.01 -44.72
CA TYR F 140 10.72 17.85 -44.36
C TYR F 140 9.88 18.22 -45.57
N ASN F 141 8.60 17.87 -45.51
CA ASN F 141 7.66 18.16 -46.58
C ASN F 141 6.25 18.27 -45.98
N PHE F 142 5.35 18.86 -46.76
CA PHE F 142 3.97 19.11 -46.32
C PHE F 142 3.06 18.04 -46.92
N ASP F 143 2.65 17.07 -46.09
CA ASP F 143 1.90 15.94 -46.62
C ASP F 143 0.42 16.24 -46.81
N PHE F 144 -0.11 17.28 -46.17
CA PHE F 144 -1.51 17.66 -46.34
C PHE F 144 -1.64 19.17 -46.25
N TRP F 145 -2.55 19.73 -47.06
CA TRP F 145 -2.77 21.16 -47.15
C TRP F 145 -4.25 21.46 -46.96
N GLY F 146 -4.53 22.62 -46.35
CA GLY F 146 -5.87 23.17 -46.33
C GLY F 146 -6.16 23.95 -47.61
N GLN F 147 -7.44 24.33 -47.77
CA GLN F 147 -7.83 25.08 -48.95
C GLN F 147 -7.41 26.55 -48.87
N GLY F 148 -7.10 27.05 -47.68
CA GLY F 148 -6.49 28.35 -47.52
C GLY F 148 -7.53 29.45 -47.27
N THR F 149 -7.02 30.64 -46.97
CA THR F 149 -7.84 31.82 -46.77
C THR F 149 -7.19 33.00 -47.47
N LEU F 150 -8.00 33.78 -48.18
CA LEU F 150 -7.47 34.94 -48.90
C LEU F 150 -7.33 36.12 -47.94
N VAL F 151 -6.16 36.75 -47.98
CA VAL F 151 -5.87 37.95 -47.21
C VAL F 151 -5.54 39.04 -48.22
N THR F 152 -6.30 40.13 -48.19
CA THR F 152 -6.14 41.26 -49.10
C THR F 152 -5.77 42.49 -48.28
N VAL F 153 -4.65 43.11 -48.62
CA VAL F 153 -4.15 44.31 -47.95
C VAL F 153 -4.32 45.46 -48.95
N SER F 154 -5.26 46.36 -48.66
CA SER F 154 -5.52 47.48 -49.55
C SER F 154 -6.31 48.54 -48.80
N SER F 155 -6.09 49.80 -49.19
CA SER F 155 -6.84 50.92 -48.63
C SER F 155 -8.26 51.02 -49.21
N ALA F 156 -8.52 50.38 -50.34
CA ALA F 156 -9.84 50.47 -50.96
C ALA F 156 -10.90 49.83 -50.07
N SER F 157 -12.12 50.36 -50.16
CA SER F 157 -13.22 49.92 -49.34
C SER F 157 -13.97 48.77 -50.01
N THR F 158 -14.84 48.14 -49.24
CA THR F 158 -15.67 47.04 -49.74
C THR F 158 -16.85 47.58 -50.53
N LYS F 159 -17.24 46.85 -51.57
CA LYS F 159 -18.42 47.17 -52.36
C LYS F 159 -18.97 45.90 -52.97
N GLY F 160 -20.29 45.78 -53.00
CA GLY F 160 -20.96 44.62 -53.53
C GLY F 160 -21.16 44.70 -55.04
N PRO F 161 -21.42 43.56 -55.68
CA PRO F 161 -21.50 43.55 -57.15
C PRO F 161 -22.81 44.15 -57.66
N SER F 162 -22.77 44.53 -58.94
CA SER F 162 -23.93 44.96 -59.70
C SER F 162 -24.11 43.99 -60.86
N VAL F 163 -25.17 43.19 -60.81
CA VAL F 163 -25.40 42.13 -61.79
C VAL F 163 -26.06 42.73 -63.03
N PHE F 164 -25.61 42.28 -64.21
CA PHE F 164 -26.17 42.67 -65.49
C PHE F 164 -26.31 41.41 -66.33
N PRO F 165 -27.52 40.93 -66.64
CA PRO F 165 -27.63 39.70 -67.43
C PRO F 165 -27.17 39.91 -68.86
N LEU F 166 -26.47 38.91 -69.40
CA LEU F 166 -26.11 38.90 -70.82
C LEU F 166 -27.23 38.23 -71.61
N ALA F 167 -28.14 39.03 -72.14
CA ALA F 167 -29.29 38.46 -72.84
C ALA F 167 -28.89 37.90 -74.20
N PRO F 168 -29.28 36.67 -74.58
CA PRO F 168 -29.00 36.22 -75.94
C PRO F 168 -29.82 37.00 -76.95
N SER F 169 -29.24 37.21 -78.14
CA SER F 169 -29.90 37.97 -79.20
C SER F 169 -30.61 37.03 -80.17
N GLY F 176 -26.65 25.02 -84.11
CA GLY F 176 -27.69 25.84 -83.53
C GLY F 176 -27.72 25.78 -82.02
N THR F 177 -26.67 26.31 -81.39
CA THR F 177 -26.54 26.35 -79.94
C THR F 177 -26.47 27.81 -79.48
N ALA F 178 -27.23 28.13 -78.45
CA ALA F 178 -27.26 29.46 -77.86
C ALA F 178 -26.36 29.51 -76.64
N ALA F 179 -25.94 30.73 -76.29
CA ALA F 179 -25.12 31.00 -75.13
C ALA F 179 -25.77 32.09 -74.30
N LEU F 180 -25.72 31.94 -72.97
CA LEU F 180 -26.26 32.93 -72.06
C LEU F 180 -25.28 33.11 -70.93
N GLY F 181 -25.48 34.16 -70.13
CA GLY F 181 -24.58 34.40 -69.03
C GLY F 181 -24.97 35.63 -68.23
N CYS F 182 -24.18 35.88 -67.19
CA CYS F 182 -24.35 37.01 -66.30
C CYS F 182 -23.01 37.72 -66.13
N LEU F 183 -23.10 39.05 -65.97
CA LEU F 183 -21.95 39.95 -65.91
C LEU F 183 -21.89 40.55 -64.51
N VAL F 184 -21.02 39.98 -63.67
CA VAL F 184 -20.79 40.52 -62.33
C VAL F 184 -19.77 41.65 -62.44
N LYS F 185 -20.12 42.83 -61.94
CA LYS F 185 -19.32 44.03 -62.13
C LYS F 185 -19.36 44.89 -60.87
N ASP F 186 -18.28 45.65 -60.67
CA ASP F 186 -18.17 46.62 -59.58
C ASP F 186 -18.30 45.94 -58.22
N TYR F 187 -17.33 45.08 -57.94
CA TYR F 187 -17.20 44.45 -56.62
C TYR F 187 -15.74 44.49 -56.18
N PHE F 188 -15.56 44.49 -54.87
CA PHE F 188 -14.23 44.47 -54.26
C PHE F 188 -14.39 44.08 -52.80
N PRO F 189 -13.51 43.25 -52.22
CA PRO F 189 -12.38 42.51 -52.81
C PRO F 189 -12.86 41.19 -53.43
N GLU F 190 -11.94 40.37 -53.93
CA GLU F 190 -12.30 39.05 -54.42
C GLU F 190 -12.68 38.15 -53.24
N PRO F 191 -13.41 37.05 -53.49
CA PRO F 191 -14.00 36.55 -54.74
C PRO F 191 -15.53 36.68 -54.79
N VAL F 192 -16.11 36.44 -55.96
CA VAL F 192 -17.55 36.28 -56.13
C VAL F 192 -17.79 34.89 -56.69
N THR F 193 -18.71 34.16 -56.07
CA THR F 193 -19.04 32.80 -56.48
C THR F 193 -20.36 32.80 -57.24
N VAL F 194 -20.33 32.23 -58.44
CA VAL F 194 -21.47 32.22 -59.35
C VAL F 194 -21.93 30.78 -59.54
N SER F 195 -23.21 30.54 -59.32
CA SER F 195 -23.85 29.24 -59.58
C SER F 195 -25.02 29.46 -60.51
N TRP F 196 -25.55 28.35 -61.04
CA TRP F 196 -26.65 28.38 -62.00
C TRP F 196 -27.77 27.46 -61.52
N ASN F 197 -28.98 28.02 -61.44
CA ASN F 197 -30.19 27.26 -61.09
C ASN F 197 -30.02 26.54 -59.76
N SER F 198 -29.45 27.26 -58.78
CA SER F 198 -29.21 26.73 -57.44
C SER F 198 -28.33 25.47 -57.46
N GLY F 199 -27.35 25.46 -58.36
CA GLY F 199 -26.39 24.37 -58.44
C GLY F 199 -26.80 23.20 -59.32
N ALA F 200 -28.01 23.23 -59.89
CA ALA F 200 -28.45 22.14 -60.75
C ALA F 200 -27.71 22.09 -62.09
N LEU F 201 -27.21 23.23 -62.57
CA LEU F 201 -26.56 23.34 -63.87
C LEU F 201 -25.05 23.44 -63.63
N THR F 202 -24.33 22.38 -64.02
CA THR F 202 -22.88 22.32 -63.87
C THR F 202 -22.20 22.05 -65.20
N SER F 203 -22.87 21.33 -66.10
CA SER F 203 -22.31 21.03 -67.41
C SER F 203 -22.29 22.28 -68.28
N GLY F 204 -21.14 22.53 -68.91
CA GLY F 204 -21.01 23.62 -69.84
C GLY F 204 -20.85 24.99 -69.24
N VAL F 205 -20.65 25.10 -67.92
CA VAL F 205 -20.48 26.37 -67.26
C VAL F 205 -19.04 26.82 -67.38
N HIS F 206 -18.83 28.12 -67.63
CA HIS F 206 -17.52 28.73 -67.63
C HIS F 206 -17.61 30.07 -66.89
N THR F 207 -16.97 30.13 -65.72
CA THR F 207 -16.86 31.35 -64.94
C THR F 207 -15.45 31.89 -65.10
N PHE F 208 -15.34 33.11 -65.61
CA PHE F 208 -14.02 33.57 -66.03
C PHE F 208 -13.22 34.15 -64.86
N PRO F 209 -11.90 34.25 -65.00
CA PRO F 209 -11.10 34.94 -63.97
C PRO F 209 -11.50 36.41 -63.87
N ALA F 210 -11.44 36.93 -62.64
CA ALA F 210 -11.73 38.35 -62.43
C ALA F 210 -10.66 39.21 -63.07
N VAL F 211 -11.06 40.41 -63.47
CA VAL F 211 -10.18 41.37 -64.14
C VAL F 211 -10.24 42.70 -63.40
N LEU F 212 -9.07 43.27 -63.13
CA LEU F 212 -8.98 44.53 -62.41
C LEU F 212 -9.10 45.68 -63.40
N GLN F 213 -10.09 46.55 -63.16
CA GLN F 213 -10.29 47.73 -64.00
C GLN F 213 -9.35 48.86 -63.60
N SER F 214 -9.29 49.89 -64.43
CA SER F 214 -8.59 51.11 -64.06
C SER F 214 -9.25 51.78 -62.87
N SER F 215 -10.55 51.57 -62.68
CA SER F 215 -11.24 52.06 -61.50
C SER F 215 -10.83 51.30 -60.22
N GLY F 216 -10.09 50.20 -60.34
CA GLY F 216 -9.69 49.43 -59.19
C GLY F 216 -10.68 48.39 -58.74
N LEU F 217 -11.68 48.07 -59.55
CA LEU F 217 -12.75 47.15 -59.20
C LEU F 217 -12.73 45.92 -60.08
N TYR F 218 -13.14 44.79 -59.50
CA TYR F 218 -13.10 43.50 -60.17
C TYR F 218 -14.42 43.20 -60.86
N SER F 219 -14.34 42.42 -61.94
CA SER F 219 -15.51 42.01 -62.70
C SER F 219 -15.21 40.68 -63.38
N LEU F 220 -16.27 39.89 -63.57
CA LEU F 220 -16.15 38.63 -64.28
C LEU F 220 -17.48 38.32 -64.95
N SER F 221 -17.43 37.42 -65.93
CA SER F 221 -18.61 36.93 -66.63
C SER F 221 -18.71 35.43 -66.45
N SER F 222 -19.92 34.97 -66.13
CA SER F 222 -20.19 33.54 -65.99
C SER F 222 -21.22 33.15 -67.04
N VAL F 223 -20.86 32.21 -67.91
CA VAL F 223 -21.65 31.87 -69.08
C VAL F 223 -21.89 30.37 -69.13
N VAL F 224 -22.90 29.99 -69.91
CA VAL F 224 -23.22 28.60 -70.19
C VAL F 224 -23.82 28.52 -71.58
N THR F 225 -23.46 27.47 -72.31
CA THR F 225 -23.98 27.19 -73.65
C THR F 225 -24.99 26.05 -73.58
N VAL F 226 -26.16 26.27 -74.17
CA VAL F 226 -27.24 25.30 -74.18
C VAL F 226 -27.81 25.23 -75.60
N PRO F 227 -28.63 24.20 -75.88
CA PRO F 227 -29.34 24.21 -77.17
C PRO F 227 -30.25 25.42 -77.28
N SER F 228 -30.34 25.97 -78.49
CA SER F 228 -31.17 27.15 -78.71
C SER F 228 -32.65 26.84 -78.51
N SER F 229 -33.06 25.59 -78.73
CA SER F 229 -34.46 25.21 -78.55
C SER F 229 -34.91 25.33 -77.09
N SER F 230 -33.98 25.24 -76.14
CA SER F 230 -34.32 25.26 -74.72
C SER F 230 -34.43 26.67 -74.14
N LEU F 231 -34.20 27.72 -74.94
CA LEU F 231 -34.27 29.07 -74.41
C LEU F 231 -35.67 29.43 -73.91
N GLY F 232 -36.70 29.08 -74.69
CA GLY F 232 -38.05 29.48 -74.31
C GLY F 232 -38.71 28.58 -73.29
N THR F 233 -38.24 27.34 -73.17
CA THR F 233 -38.88 26.33 -72.32
C THR F 233 -38.23 26.19 -70.95
N GLN F 234 -36.91 26.35 -70.85
CA GLN F 234 -36.17 26.13 -69.61
C GLN F 234 -35.75 27.47 -69.03
N THR F 235 -35.82 27.59 -67.71
CA THR F 235 -35.42 28.78 -66.99
C THR F 235 -33.95 28.68 -66.59
N TYR F 236 -33.22 29.78 -66.77
CA TYR F 236 -31.80 29.86 -66.44
C TYR F 236 -31.59 31.07 -65.55
N ILE F 237 -31.13 30.83 -64.32
CA ILE F 237 -30.97 31.85 -63.30
C ILE F 237 -29.54 31.78 -62.78
N CYS F 238 -28.89 32.94 -62.68
CA CYS F 238 -27.54 33.05 -62.13
C CYS F 238 -27.61 33.57 -60.70
N ASN F 239 -26.97 32.84 -59.79
CA ASN F 239 -26.90 33.20 -58.38
C ASN F 239 -25.47 33.66 -58.09
N VAL F 240 -25.31 34.95 -57.81
CA VAL F 240 -24.02 35.55 -57.49
C VAL F 240 -23.98 35.78 -55.98
N ASN F 241 -22.89 35.36 -55.34
CA ASN F 241 -22.71 35.48 -53.91
C ASN F 241 -21.36 36.15 -53.67
N HIS F 242 -21.39 37.24 -52.91
CA HIS F 242 -20.20 38.03 -52.55
C HIS F 242 -20.09 38.04 -51.03
N LYS F 243 -19.34 37.06 -50.51
CA LYS F 243 -19.17 36.95 -49.06
C LYS F 243 -18.54 38.17 -48.40
N PRO F 244 -17.53 38.86 -48.97
CA PRO F 244 -16.95 40.03 -48.28
C PRO F 244 -17.97 41.10 -47.92
N SER F 245 -18.99 41.29 -48.75
CA SER F 245 -20.05 42.26 -48.51
C SER F 245 -21.37 41.62 -48.10
N ASN F 246 -21.45 40.29 -48.10
CA ASN F 246 -22.68 39.56 -47.75
C ASN F 246 -23.82 39.95 -48.68
N THR F 247 -23.59 39.71 -49.97
CA THR F 247 -24.55 39.99 -51.03
C THR F 247 -24.90 38.68 -51.72
N LYS F 248 -26.19 38.49 -52.02
CA LYS F 248 -26.70 37.24 -52.58
C LYS F 248 -27.67 37.53 -53.72
N VAL F 249 -27.27 38.41 -54.63
CA VAL F 249 -28.13 38.82 -55.73
C VAL F 249 -28.27 37.64 -56.70
N ASP F 250 -29.52 37.24 -56.96
CA ASP F 250 -29.85 36.21 -57.95
C ASP F 250 -30.67 36.87 -59.05
N LYS F 251 -30.27 36.67 -60.30
CA LYS F 251 -30.90 37.28 -61.46
C LYS F 251 -31.30 36.22 -62.47
N LYS F 252 -32.54 36.30 -62.94
CA LYS F 252 -33.04 35.42 -64.00
C LYS F 252 -32.63 35.97 -65.35
N VAL F 253 -32.27 35.06 -66.26
CA VAL F 253 -31.79 35.40 -67.61
C VAL F 253 -32.79 34.86 -68.60
N GLU F 254 -33.32 35.75 -69.45
CA GLU F 254 -34.21 35.37 -70.53
C GLU F 254 -34.03 36.37 -71.67
N PRO F 255 -34.29 35.96 -72.92
CA PRO F 255 -34.17 36.94 -74.00
C PRO F 255 -35.24 38.02 -73.94
N SER G 20 19.26 31.52 -49.79
CA SER G 20 19.12 31.72 -51.27
C SER G 20 19.64 30.52 -52.04
N TYR G 21 19.06 29.34 -51.79
CA TYR G 21 19.47 28.15 -52.52
C TYR G 21 18.96 28.19 -53.96
N GLU G 22 17.81 28.82 -54.16
CA GLU G 22 17.30 29.15 -55.49
C GLU G 22 17.09 27.94 -56.40
N LEU G 23 16.13 27.09 -56.04
CA LEU G 23 15.65 26.04 -56.94
C LEU G 23 15.13 26.69 -58.22
N THR G 24 15.53 26.15 -59.37
CA THR G 24 15.16 26.68 -60.67
C THR G 24 14.30 25.66 -61.41
N GLN G 25 13.15 26.11 -61.90
CA GLN G 25 12.18 25.28 -62.60
C GLN G 25 11.82 25.95 -63.93
N PRO G 26 11.41 25.19 -64.95
CA PRO G 26 10.93 25.83 -66.17
C PRO G 26 9.50 26.32 -66.00
N PRO G 27 9.16 27.52 -66.51
CA PRO G 27 7.79 28.01 -66.27
C PRO G 27 6.70 27.16 -66.90
N SER G 28 6.98 26.51 -68.04
CA SER G 28 5.95 25.80 -68.78
C SER G 28 6.54 24.54 -69.41
N VAL G 29 5.74 23.47 -69.41
CA VAL G 29 6.06 22.22 -70.09
C VAL G 29 4.81 21.80 -70.86
N SER G 30 4.96 21.54 -72.15
CA SER G 30 3.85 21.18 -73.03
C SER G 30 4.09 19.81 -73.64
N VAL G 31 3.05 18.98 -73.65
CA VAL G 31 3.14 17.62 -74.16
C VAL G 31 1.77 17.20 -74.70
N ALA G 32 1.78 16.32 -75.69
CA ALA G 32 0.54 15.81 -76.26
C ALA G 32 -0.05 14.71 -75.37
N PRO G 33 -1.34 14.42 -75.51
CA PRO G 33 -1.91 13.31 -74.74
C PRO G 33 -1.23 11.99 -75.07
N GLY G 34 -1.03 11.17 -74.03
CA GLY G 34 -0.40 9.88 -74.18
C GLY G 34 1.12 9.92 -74.14
N GLN G 35 1.73 11.08 -74.28
CA GLN G 35 3.19 11.21 -74.23
C GLN G 35 3.60 11.43 -72.76
N THR G 36 4.89 11.65 -72.53
CA THR G 36 5.46 11.74 -71.20
C THR G 36 6.02 13.15 -70.99
N ALA G 37 5.64 13.77 -69.88
CA ALA G 37 6.11 15.09 -69.50
C ALA G 37 7.21 14.96 -68.46
N ARG G 38 8.26 15.77 -68.61
CA ARG G 38 9.41 15.78 -67.72
C ARG G 38 9.58 17.19 -67.17
N ILE G 39 9.28 17.36 -65.88
CA ILE G 39 9.36 18.65 -65.21
C ILE G 39 10.65 18.64 -64.38
N THR G 40 11.57 19.54 -64.70
CA THR G 40 12.88 19.57 -64.08
C THR G 40 12.96 20.64 -63.00
N CYS G 41 13.80 20.38 -62.00
CA CYS G 41 14.09 21.32 -60.92
C CYS G 41 15.60 21.32 -60.73
N GLY G 42 16.24 22.44 -61.04
CA GLY G 42 17.68 22.53 -60.98
C GLY G 42 18.18 23.17 -59.69
N GLY G 43 19.35 22.72 -59.26
CA GLY G 43 19.95 23.27 -58.07
C GLY G 43 21.37 22.74 -57.92
N ASN G 44 22.15 23.45 -57.11
CA ASN G 44 23.54 23.08 -56.91
C ASN G 44 23.63 21.87 -55.98
N ASN G 45 24.08 20.74 -56.54
CA ASN G 45 24.21 19.50 -55.78
C ASN G 45 22.87 19.09 -55.18
N ILE G 46 21.81 19.27 -55.98
CA ILE G 46 20.47 18.87 -55.53
C ILE G 46 20.35 17.36 -55.41
N GLY G 47 21.23 16.60 -56.06
CA GLY G 47 21.24 15.15 -55.90
C GLY G 47 21.53 14.71 -54.48
N SER G 48 22.17 15.55 -53.68
CA SER G 48 22.43 15.27 -52.28
C SER G 48 21.28 15.69 -51.37
N LYS G 49 20.20 16.24 -51.93
CA LYS G 49 19.04 16.71 -51.17
C LYS G 49 17.83 15.86 -51.50
N SER G 50 16.85 15.90 -50.60
CA SER G 50 15.57 15.23 -50.80
C SER G 50 14.60 16.22 -51.43
N VAL G 51 14.13 15.90 -52.64
CA VAL G 51 13.27 16.79 -53.41
C VAL G 51 11.84 16.27 -53.35
N HIS G 52 10.90 17.16 -53.03
CA HIS G 52 9.48 16.85 -52.94
C HIS G 52 8.73 17.60 -54.03
N TRP G 53 7.65 17.01 -54.51
CA TRP G 53 6.88 17.54 -55.62
C TRP G 53 5.41 17.63 -55.24
N TYR G 54 4.86 18.83 -55.44
CA TYR G 54 3.47 19.16 -55.16
C TYR G 54 2.77 19.52 -56.47
N GLN G 55 1.51 19.07 -56.57
CA GLN G 55 0.63 19.40 -57.71
C GLN G 55 -0.47 20.30 -57.21
N GLN G 56 -0.73 21.39 -57.93
CA GLN G 56 -1.79 22.34 -57.60
C GLN G 56 -2.67 22.50 -58.84
N LYS G 57 -3.91 22.02 -58.72
CA LYS G 57 -4.88 22.23 -59.78
C LYS G 57 -5.34 23.70 -59.77
N PRO G 58 -5.95 24.18 -60.85
CA PRO G 58 -6.50 25.54 -60.84
C PRO G 58 -7.55 25.71 -59.76
N GLY G 59 -7.36 26.72 -58.91
CA GLY G 59 -8.29 26.99 -57.83
C GLY G 59 -8.42 25.85 -56.84
N GLN G 60 -7.30 25.28 -56.42
CA GLN G 60 -7.30 24.14 -55.52
C GLN G 60 -6.04 24.18 -54.67
N ALA G 61 -6.07 23.45 -53.56
CA ALA G 61 -4.92 23.38 -52.67
C ALA G 61 -3.83 22.51 -53.30
N PRO G 62 -2.55 22.79 -53.03
CA PRO G 62 -1.51 21.86 -53.50
C PRO G 62 -1.64 20.49 -52.86
N VAL G 63 -1.23 19.46 -53.59
CA VAL G 63 -1.25 18.08 -53.15
C VAL G 63 0.13 17.49 -53.34
N LEU G 64 0.66 16.87 -52.28
CA LEU G 64 1.94 16.18 -52.37
C LEU G 64 1.80 14.98 -53.30
N VAL G 65 2.57 14.96 -54.38
CA VAL G 65 2.56 13.85 -55.32
C VAL G 65 3.83 13.01 -55.24
N VAL G 66 4.97 13.59 -54.85
CA VAL G 66 6.18 12.79 -54.63
C VAL G 66 6.93 13.37 -53.45
N TYR G 67 7.57 12.51 -52.66
CA TYR G 67 8.45 12.93 -51.59
C TYR G 67 9.70 12.07 -51.60
N ASP G 68 10.82 12.69 -51.17
CA ASP G 68 12.12 12.04 -51.09
C ASP G 68 12.55 11.47 -52.45
N ASN G 69 12.28 12.26 -53.49
CA ASN G 69 12.77 12.08 -54.85
C ASN G 69 12.15 10.92 -55.63
N SER G 70 11.52 9.95 -54.97
CA SER G 70 10.90 8.83 -55.68
C SER G 70 9.64 8.27 -55.05
N ASP G 71 9.35 8.54 -53.78
CA ASP G 71 8.25 7.87 -53.12
C ASP G 71 6.93 8.53 -53.46
N ARG G 72 5.88 7.72 -53.54
CA ARG G 72 4.57 8.13 -53.98
C ARG G 72 3.57 8.00 -52.83
N PRO G 73 2.87 9.07 -52.44
CA PRO G 73 1.83 8.91 -51.41
C PRO G 73 0.70 8.02 -51.92
N SER G 74 0.04 7.35 -50.99
CA SER G 74 -1.09 6.49 -51.35
C SER G 74 -2.22 7.32 -51.94
N GLY G 75 -2.85 6.78 -52.98
CA GLY G 75 -3.88 7.47 -53.71
C GLY G 75 -3.39 8.28 -54.90
N ILE G 76 -2.08 8.39 -55.09
CA ILE G 76 -1.49 9.08 -56.23
C ILE G 76 -1.27 8.06 -57.33
N PRO G 77 -1.60 8.36 -58.59
CA PRO G 77 -1.40 7.35 -59.65
C PRO G 77 0.06 6.96 -59.82
N GLU G 78 0.28 5.70 -60.17
CA GLU G 78 1.63 5.19 -60.39
C GLU G 78 2.30 5.80 -61.62
N ARG G 79 1.53 6.45 -62.50
CA ARG G 79 2.13 7.06 -63.69
C ARG G 79 2.92 8.32 -63.38
N LEU G 80 2.85 8.84 -62.15
CA LEU G 80 3.72 9.92 -61.71
C LEU G 80 4.90 9.34 -60.93
N SER G 81 6.11 9.69 -61.34
CA SER G 81 7.32 9.20 -60.71
C SER G 81 8.33 10.34 -60.60
N GLY G 82 9.41 10.07 -59.87
CA GLY G 82 10.44 11.07 -59.64
C GLY G 82 11.82 10.46 -59.71
N SER G 83 12.80 11.34 -59.95
CA SER G 83 14.21 10.97 -59.94
C SER G 83 15.03 12.17 -59.52
N ASN G 84 16.27 11.94 -59.10
CA ASN G 84 17.15 13.00 -58.63
C ASN G 84 18.59 12.59 -58.87
N SER G 85 19.37 13.47 -59.50
CA SER G 85 20.77 13.16 -59.76
C SER G 85 21.53 14.44 -60.09
N GLY G 86 22.77 14.50 -59.63
CA GLY G 86 23.66 15.60 -59.99
C GLY G 86 23.12 16.93 -59.56
N ASN G 87 22.79 17.77 -60.54
CA ASN G 87 22.22 19.09 -60.31
C ASN G 87 20.82 19.22 -60.90
N THR G 88 20.07 18.11 -60.95
CA THR G 88 18.72 18.15 -61.50
C THR G 88 17.87 17.06 -60.86
N ALA G 89 16.67 17.43 -60.43
CA ALA G 89 15.62 16.50 -60.07
C ALA G 89 14.53 16.57 -61.15
N THR G 90 13.82 15.46 -61.32
CA THR G 90 12.86 15.32 -62.41
C THR G 90 11.59 14.68 -61.88
N LEU G 91 10.45 15.20 -62.33
CA LEU G 91 9.16 14.58 -62.16
C LEU G 91 8.67 14.12 -63.53
N THR G 92 8.34 12.84 -63.64
CA THR G 92 7.93 12.23 -64.90
C THR G 92 6.46 11.87 -64.79
N ILE G 93 5.66 12.39 -65.72
CA ILE G 93 4.23 12.13 -65.80
C ILE G 93 3.99 11.44 -67.14
N SER G 94 3.73 10.14 -67.09
CA SER G 94 3.51 9.32 -68.28
C SER G 94 2.02 9.11 -68.50
N GLY G 95 1.66 8.88 -69.76
CA GLY G 95 0.27 8.68 -70.13
C GLY G 95 -0.58 9.89 -69.81
N VAL G 96 -0.20 11.03 -70.36
CA VAL G 96 -0.83 12.32 -70.04
C VAL G 96 -2.31 12.28 -70.36
N GLU G 97 -3.15 12.42 -69.33
CA GLU G 97 -4.58 12.46 -69.48
C GLU G 97 -5.05 13.90 -69.67
N ALA G 98 -6.37 14.08 -69.74
CA ALA G 98 -6.96 15.40 -69.89
C ALA G 98 -7.17 16.12 -68.56
N GLY G 99 -6.77 15.50 -67.44
CA GLY G 99 -6.94 16.10 -66.12
C GLY G 99 -5.64 16.26 -65.35
N ASP G 100 -4.52 16.28 -66.06
CA ASP G 100 -3.20 16.51 -65.46
C ASP G 100 -2.75 17.96 -65.55
N GLU G 101 -3.58 18.86 -66.07
CA GLU G 101 -3.22 20.26 -66.14
C GLU G 101 -3.14 20.84 -64.73
N ALA G 102 -1.95 21.28 -64.36
CA ALA G 102 -1.71 21.76 -63.00
C ALA G 102 -0.37 22.45 -62.96
N ASP G 103 -0.13 23.16 -61.86
CA ASP G 103 1.18 23.73 -61.57
C ASP G 103 1.94 22.77 -60.66
N TYR G 104 3.15 22.42 -61.07
CA TYR G 104 3.98 21.46 -60.33
C TYR G 104 5.14 22.22 -59.70
N TYR G 105 5.27 22.12 -58.37
CA TYR G 105 6.29 22.81 -57.60
C TYR G 105 7.24 21.79 -56.99
N CYS G 106 8.54 22.03 -57.14
CA CYS G 106 9.55 21.30 -56.40
C CYS G 106 9.85 22.03 -55.10
N GLN G 107 10.27 21.28 -54.09
CA GLN G 107 10.52 21.83 -52.77
C GLN G 107 11.65 21.06 -52.11
N VAL G 108 12.50 21.79 -51.38
CA VAL G 108 13.57 21.21 -50.57
C VAL G 108 13.65 21.99 -49.27
N TRP G 109 14.48 21.48 -48.36
CA TRP G 109 14.83 22.17 -47.14
C TRP G 109 16.35 22.31 -47.07
N ASP G 110 16.80 23.49 -46.64
CA ASP G 110 18.22 23.78 -46.49
C ASP G 110 18.44 24.36 -45.10
N SER G 111 19.61 24.07 -44.51
CA SER G 111 19.87 24.53 -43.15
C SER G 111 19.94 26.05 -43.08
N ASN G 112 20.41 26.70 -44.14
CA ASN G 112 20.55 28.16 -44.17
C ASN G 112 19.38 28.87 -44.84
N SER G 113 18.69 28.21 -45.78
CA SER G 113 17.60 28.83 -46.54
C SER G 113 16.22 28.37 -46.09
N ASP G 114 16.11 27.49 -45.09
CA ASP G 114 14.84 26.98 -44.62
C ASP G 114 14.11 26.26 -45.76
N VAL G 115 12.79 26.40 -45.86
CA VAL G 115 12.02 25.71 -46.90
C VAL G 115 12.11 26.52 -48.19
N VAL G 116 12.54 25.88 -49.27
CA VAL G 116 12.70 26.53 -50.57
C VAL G 116 11.79 25.83 -51.56
N PHE G 117 10.89 26.61 -52.16
CA PHE G 117 10.05 26.16 -53.26
C PHE G 117 10.68 26.61 -54.58
N GLY G 118 10.35 25.88 -55.65
CA GLY G 118 10.71 26.31 -56.98
C GLY G 118 9.63 27.16 -57.62
N GLY G 119 10.03 27.97 -58.60
CA GLY G 119 9.05 28.68 -59.40
C GLY G 119 8.28 27.69 -60.24
N GLY G 120 7.01 27.48 -59.90
CA GLY G 120 6.21 26.38 -60.43
C GLY G 120 6.20 26.22 -61.93
N THR G 121 5.97 24.99 -62.38
CA THR G 121 5.90 24.64 -63.79
C THR G 121 4.46 24.29 -64.14
N LYS G 122 3.89 25.00 -65.11
CA LYS G 122 2.54 24.70 -65.59
C LYS G 122 2.63 23.60 -66.64
N LEU G 123 1.75 22.61 -66.52
CA LEU G 123 1.64 21.53 -67.49
C LEU G 123 0.48 21.82 -68.42
N THR G 124 0.76 21.83 -69.73
CA THR G 124 -0.23 22.08 -70.76
C THR G 124 -0.35 20.87 -71.66
N VAL G 125 -1.58 20.45 -71.94
CA VAL G 125 -1.82 19.32 -72.82
C VAL G 125 -1.89 19.81 -74.26
N LEU G 126 -1.10 19.19 -75.14
CA LEU G 126 -1.05 19.59 -76.55
C LEU G 126 -2.01 18.71 -77.34
N ARG G 127 -3.27 19.12 -77.35
CA ARG G 127 -4.33 18.40 -78.06
C ARG G 127 -4.48 18.98 -79.48
N THR G 128 -5.50 18.51 -80.19
CA THR G 128 -5.72 18.95 -81.56
C THR G 128 -6.43 20.31 -81.60
N VAL G 129 -6.41 20.93 -82.77
CA VAL G 129 -6.99 22.26 -82.94
C VAL G 129 -8.51 22.16 -83.01
N ALA G 130 -9.19 23.01 -82.25
CA ALA G 130 -10.64 23.16 -82.31
C ALA G 130 -10.97 24.64 -82.37
N ALA G 131 -11.90 24.99 -83.27
CA ALA G 131 -12.22 26.40 -83.50
C ALA G 131 -13.20 26.93 -82.45
N PRO G 132 -13.20 28.23 -82.19
CA PRO G 132 -14.12 28.77 -81.18
C PRO G 132 -15.56 28.82 -81.65
N SER G 133 -16.46 28.75 -80.67
CA SER G 133 -17.86 29.11 -80.87
C SER G 133 -18.04 30.56 -80.41
N VAL G 134 -18.43 31.44 -81.33
CA VAL G 134 -18.44 32.87 -81.10
C VAL G 134 -19.86 33.32 -80.77
N PHE G 135 -19.99 34.09 -79.69
CA PHE G 135 -21.26 34.71 -79.33
C PHE G 135 -20.99 36.17 -78.96
N ILE G 136 -22.04 37.00 -79.06
CA ILE G 136 -21.94 38.42 -78.74
C ILE G 136 -23.19 38.83 -77.96
N PHE G 137 -22.97 39.70 -76.96
CA PHE G 137 -23.97 40.06 -75.97
C PHE G 137 -23.94 41.57 -75.81
N PRO G 138 -24.97 42.31 -76.24
CA PRO G 138 -25.03 43.74 -75.92
C PRO G 138 -25.48 43.97 -74.48
N PRO G 139 -25.31 45.19 -73.96
CA PRO G 139 -25.74 45.45 -72.59
C PRO G 139 -27.26 45.40 -72.47
N SER G 140 -27.73 45.03 -71.27
CA SER G 140 -29.16 45.05 -70.99
C SER G 140 -29.59 46.47 -70.58
N ASP G 141 -30.91 46.66 -70.52
CA ASP G 141 -31.44 47.92 -70.02
C ASP G 141 -31.07 48.13 -68.55
N GLU G 142 -30.88 47.03 -67.81
CA GLU G 142 -30.53 47.14 -66.40
C GLU G 142 -29.19 47.84 -66.21
N GLN G 143 -28.22 47.54 -67.07
CA GLN G 143 -26.94 48.23 -67.01
C GLN G 143 -27.06 49.65 -67.56
N LEU G 144 -27.88 49.84 -68.59
CA LEU G 144 -28.01 51.17 -69.18
C LEU G 144 -28.67 52.15 -68.24
N LYS G 145 -29.48 51.66 -67.29
CA LYS G 145 -30.01 52.56 -66.27
C LYS G 145 -28.91 53.13 -65.37
N SER G 146 -27.76 52.44 -65.27
CA SER G 146 -26.67 52.87 -64.41
C SER G 146 -25.67 53.80 -65.10
N GLY G 147 -25.79 54.01 -66.41
CA GLY G 147 -24.96 54.97 -67.11
C GLY G 147 -23.73 54.41 -67.79
N THR G 148 -23.69 53.11 -68.06
CA THR G 148 -22.56 52.49 -68.74
C THR G 148 -23.05 51.41 -69.70
N ALA G 149 -22.19 51.03 -70.64
CA ALA G 149 -22.51 50.02 -71.64
C ALA G 149 -21.34 49.06 -71.77
N SER G 150 -21.59 47.77 -71.50
CA SER G 150 -20.60 46.72 -71.62
C SER G 150 -21.04 45.74 -72.69
N VAL G 151 -20.25 45.61 -73.76
CA VAL G 151 -20.50 44.66 -74.83
C VAL G 151 -19.53 43.50 -74.65
N VAL G 152 -20.07 42.31 -74.46
CA VAL G 152 -19.26 41.12 -74.15
C VAL G 152 -19.36 40.16 -75.32
N CYS G 153 -18.22 39.73 -75.85
CA CYS G 153 -18.21 38.68 -76.88
C CYS G 153 -17.26 37.55 -76.48
N LEU G 154 -17.76 36.32 -76.66
CA LEU G 154 -17.27 35.11 -76.03
C LEU G 154 -16.82 34.12 -77.09
N LEU G 155 -15.61 33.59 -76.90
CA LEU G 155 -15.02 32.54 -77.74
C LEU G 155 -14.98 31.27 -76.89
N ASN G 156 -15.85 30.32 -77.19
CA ASN G 156 -16.09 29.15 -76.34
C ASN G 156 -15.40 27.93 -76.93
N ASN G 157 -14.62 27.25 -76.10
CA ASN G 157 -14.09 25.91 -76.39
C ASN G 157 -13.25 25.88 -77.66
N PHE G 158 -12.10 26.55 -77.59
CA PHE G 158 -11.14 26.59 -78.69
C PHE G 158 -9.76 26.14 -78.21
N TYR G 159 -8.94 25.75 -79.18
CA TYR G 159 -7.52 25.49 -78.96
C TYR G 159 -6.83 25.83 -80.28
N PRO G 160 -5.62 26.43 -80.28
CA PRO G 160 -4.76 26.85 -79.14
C PRO G 160 -5.15 28.19 -78.53
N ARG G 161 -4.45 28.54 -77.45
CA ARG G 161 -4.75 29.76 -76.71
C ARG G 161 -4.56 31.02 -77.53
N GLU G 162 -3.70 30.98 -78.55
CA GLU G 162 -3.40 32.18 -79.33
C GLU G 162 -4.61 32.55 -80.19
N ALA G 163 -5.34 33.58 -79.76
CA ALA G 163 -6.46 34.11 -80.51
C ALA G 163 -6.54 35.60 -80.21
N LYS G 164 -7.06 36.36 -81.18
CA LYS G 164 -7.16 37.81 -81.05
C LYS G 164 -8.59 38.24 -81.35
N VAL G 165 -9.12 39.12 -80.51
CA VAL G 165 -10.46 39.68 -80.64
C VAL G 165 -10.34 41.18 -80.83
N GLN G 166 -10.98 41.70 -81.88
CA GLN G 166 -10.92 43.12 -82.23
C GLN G 166 -12.32 43.71 -82.26
N TRP G 167 -12.53 44.79 -81.51
CA TRP G 167 -13.83 45.44 -81.42
C TRP G 167 -13.94 46.52 -82.49
N LYS G 168 -15.02 46.46 -83.27
CA LYS G 168 -15.29 47.37 -84.37
C LYS G 168 -16.59 48.12 -84.11
N VAL G 169 -16.54 49.44 -84.25
CA VAL G 169 -17.70 50.31 -84.09
C VAL G 169 -17.74 51.21 -85.32
N ASP G 170 -18.66 50.91 -86.24
CA ASP G 170 -18.79 51.66 -87.50
C ASP G 170 -17.46 51.67 -88.26
N ASN G 171 -16.86 50.49 -88.38
CA ASN G 171 -15.62 50.30 -89.12
C ASN G 171 -14.44 51.02 -88.48
N ALA G 172 -14.48 51.23 -87.16
CA ALA G 172 -13.39 51.85 -86.42
C ALA G 172 -12.94 50.89 -85.31
N LEU G 173 -11.64 50.59 -85.29
CA LEU G 173 -11.11 49.69 -84.29
C LEU G 173 -11.03 50.38 -82.94
N GLN G 174 -11.35 49.64 -81.88
CA GLN G 174 -11.26 50.16 -80.52
C GLN G 174 -9.87 49.94 -79.96
N SER G 175 -9.50 50.75 -78.98
CA SER G 175 -8.17 50.68 -78.38
C SER G 175 -8.19 51.33 -77.01
N GLY G 176 -7.61 50.65 -76.03
CA GLY G 176 -7.48 51.18 -74.68
C GLY G 176 -8.75 51.15 -73.86
N ASN G 177 -9.81 50.51 -74.35
CA ASN G 177 -11.10 50.47 -73.66
C ASN G 177 -11.71 49.08 -73.66
N SER G 178 -10.88 48.03 -73.76
CA SER G 178 -11.34 46.66 -73.79
C SER G 178 -10.46 45.81 -72.85
N GLN G 179 -11.08 44.75 -72.32
CA GLN G 179 -10.39 43.83 -71.42
C GLN G 179 -10.65 42.40 -71.85
N GLU G 180 -9.59 41.58 -71.82
CA GLU G 180 -9.64 40.18 -72.19
C GLU G 180 -9.44 39.31 -70.96
N SER G 181 -10.17 38.20 -70.92
CA SER G 181 -10.06 37.22 -69.85
C SER G 181 -10.02 35.82 -70.44
N VAL G 182 -9.05 35.02 -70.02
CA VAL G 182 -8.79 33.70 -70.57
C VAL G 182 -8.86 32.67 -69.45
N THR G 183 -9.58 31.58 -69.69
CA THR G 183 -9.67 30.49 -68.73
C THR G 183 -8.46 29.56 -68.89
N GLU G 184 -8.36 28.61 -67.96
CA GLU G 184 -7.35 27.56 -68.06
C GLU G 184 -7.91 26.38 -68.86
N GLN G 185 -7.04 25.43 -69.16
CA GLN G 185 -7.46 24.26 -69.92
C GLN G 185 -8.47 23.45 -69.13
N ASP G 186 -9.54 23.05 -69.81
CA ASP G 186 -10.61 22.30 -69.16
C ASP G 186 -10.15 20.88 -68.83
N SER G 187 -10.60 20.37 -67.69
CA SER G 187 -10.16 19.07 -67.19
C SER G 187 -10.72 17.89 -67.97
N LYS G 188 -11.72 18.10 -68.82
CA LYS G 188 -12.34 17.02 -69.60
C LYS G 188 -11.92 17.00 -71.06
N ASP G 189 -11.70 18.17 -71.67
CA ASP G 189 -11.36 18.27 -73.08
C ASP G 189 -10.15 19.15 -73.37
N SER G 190 -9.56 19.78 -72.35
CA SER G 190 -8.33 20.56 -72.49
C SER G 190 -8.48 21.69 -73.52
N THR G 191 -9.66 22.30 -73.54
CA THR G 191 -9.95 23.43 -74.42
C THR G 191 -9.92 24.73 -73.64
N TYR G 192 -9.96 25.85 -74.37
CA TYR G 192 -9.84 27.18 -73.80
C TYR G 192 -11.13 27.95 -74.06
N SER G 193 -11.41 28.93 -73.21
CA SER G 193 -12.49 29.88 -73.41
C SER G 193 -11.97 31.28 -73.13
N LEU G 194 -12.42 32.25 -73.92
CA LEU G 194 -11.96 33.62 -73.83
C LEU G 194 -13.17 34.55 -73.88
N SER G 195 -13.06 35.68 -73.20
CA SER G 195 -14.11 36.70 -73.17
C SER G 195 -13.48 38.06 -73.34
N SER G 196 -14.03 38.87 -74.25
CA SER G 196 -13.60 40.24 -74.47
C SER G 196 -14.75 41.17 -74.15
N THR G 197 -14.51 42.12 -73.24
CA THR G 197 -15.51 43.07 -72.77
C THR G 197 -15.06 44.46 -73.17
N LEU G 198 -15.91 45.17 -73.91
CA LEU G 198 -15.69 46.56 -74.27
C LEU G 198 -16.65 47.41 -73.43
N THR G 199 -16.09 48.28 -72.59
CA THR G 199 -16.85 49.12 -71.68
C THR G 199 -16.76 50.57 -72.14
N LEU G 200 -17.90 51.22 -72.29
CA LEU G 200 -17.99 52.60 -72.75
C LEU G 200 -19.04 53.35 -71.96
N SER G 201 -18.89 54.66 -71.90
CA SER G 201 -19.94 55.50 -71.34
C SER G 201 -21.15 55.51 -72.28
N LYS G 202 -22.33 55.74 -71.70
CA LYS G 202 -23.56 55.63 -72.47
C LYS G 202 -23.61 56.66 -73.59
N ALA G 203 -23.03 57.83 -73.39
CA ALA G 203 -22.97 58.82 -74.46
C ALA G 203 -22.20 58.28 -75.66
N ASP G 204 -21.06 57.64 -75.39
CA ASP G 204 -20.30 57.02 -76.48
C ASP G 204 -21.08 55.89 -77.14
N TYR G 205 -21.79 55.09 -76.34
CA TYR G 205 -22.54 53.98 -76.90
C TYR G 205 -23.66 54.46 -77.82
N GLU G 206 -24.38 55.50 -77.40
CA GLU G 206 -25.39 56.12 -78.26
C GLU G 206 -24.78 56.87 -79.44
N LYS G 207 -23.52 57.29 -79.35
CA LYS G 207 -22.89 58.05 -80.41
C LYS G 207 -22.61 57.23 -81.67
N HIS G 208 -22.68 55.90 -81.59
CA HIS G 208 -22.47 55.03 -82.74
C HIS G 208 -23.47 53.90 -82.70
N LYS G 209 -23.69 53.28 -83.86
CA LYS G 209 -24.82 52.38 -84.07
C LYS G 209 -24.42 50.91 -84.13
N VAL G 210 -23.52 50.53 -85.03
CA VAL G 210 -23.19 49.13 -85.27
C VAL G 210 -22.00 48.76 -84.39
N TYR G 211 -22.09 47.63 -83.72
CA TYR G 211 -21.05 47.16 -82.81
C TYR G 211 -20.78 45.69 -83.08
N ALA G 212 -19.51 45.33 -83.24
CA ALA G 212 -19.12 43.97 -83.56
C ALA G 212 -17.78 43.63 -82.93
N CYS G 213 -17.48 42.33 -82.85
CA CYS G 213 -16.13 41.87 -82.62
C CYS G 213 -15.75 40.83 -83.66
N GLU G 214 -14.49 40.93 -84.10
CA GLU G 214 -13.87 40.04 -85.08
C GLU G 214 -12.92 39.10 -84.34
N VAL G 215 -13.05 37.81 -84.60
CA VAL G 215 -12.26 36.77 -83.96
C VAL G 215 -11.29 36.21 -84.99
N THR G 216 -10.00 36.23 -84.65
CA THR G 216 -8.95 35.63 -85.46
C THR G 216 -8.29 34.50 -84.65
N HIS G 217 -8.22 33.33 -85.27
CA HIS G 217 -7.76 32.11 -84.62
C HIS G 217 -7.34 31.14 -85.72
N GLN G 218 -6.22 30.45 -85.48
CA GLN G 218 -5.62 29.63 -86.53
C GLN G 218 -6.52 28.49 -86.98
N GLY G 219 -7.44 28.04 -86.13
CA GLY G 219 -8.39 27.03 -86.50
C GLY G 219 -9.51 27.50 -87.39
N LEU G 220 -9.64 28.81 -87.61
CA LEU G 220 -10.62 29.38 -88.52
C LEU G 220 -9.92 29.69 -89.85
N SER G 221 -10.57 29.31 -90.96
CA SER G 221 -9.99 29.59 -92.27
C SER G 221 -9.84 31.08 -92.51
N SER G 222 -10.79 31.88 -92.02
CA SER G 222 -10.73 33.33 -92.10
C SER G 222 -11.32 33.90 -90.82
N PRO G 223 -11.04 35.17 -90.50
CA PRO G 223 -11.63 35.77 -89.30
C PRO G 223 -13.16 35.76 -89.35
N VAL G 224 -13.77 35.57 -88.19
CA VAL G 224 -15.22 35.46 -88.06
C VAL G 224 -15.73 36.64 -87.24
N THR G 225 -16.69 37.38 -87.80
CA THR G 225 -17.22 38.58 -87.18
C THR G 225 -18.62 38.30 -86.64
N LYS G 226 -18.88 38.72 -85.41
CA LYS G 226 -20.24 38.80 -84.89
C LYS G 226 -20.58 40.25 -84.61
N SER G 227 -21.68 40.71 -85.20
CA SER G 227 -22.06 42.12 -85.21
C SER G 227 -23.53 42.25 -84.86
N PHE G 228 -23.89 43.42 -84.35
CA PHE G 228 -25.28 43.75 -84.06
C PHE G 228 -25.47 45.25 -84.21
N ASN G 229 -26.74 45.65 -84.32
CA ASN G 229 -27.15 47.05 -84.30
C ASN G 229 -27.88 47.32 -82.99
N ARG G 230 -27.49 48.38 -82.30
CA ARG G 230 -28.08 48.73 -81.01
C ARG G 230 -29.59 48.91 -81.11
#